data_5OCD
#
_entry.id   5OCD
#
_cell.length_a   185.031
_cell.length_b   97.800
_cell.length_c   211.282
_cell.angle_alpha   90.00
_cell.angle_beta   115.58
_cell.angle_gamma   90.00
#
_symmetry.space_group_name_H-M   'C 1 2 1'
#
loop_
_entity.id
_entity.type
_entity.pdbx_description
1 polymer 'Cyclodipeptide synthase'
2 water water
#
_entity_poly.entity_id   1
_entity_poly.type   'polypeptide(L)'
_entity_poly.pdbx_seq_one_letter_code
;MASMIDNRIVKASFRENPVEERKLFPQSSCLMPISVGQAIHEDEKFAAVIKLINASFKQCTILVDDSVQRHTIGIMNHAT
TEELYQLAVKEGDEWLKRNQRFYKQLTIPFEIMRWDDWYNSPNYINSHLRVQKEYDTNKAFQNAIHANIDDFLTRYLSRF
SPADVDHERAFRLCLDYLIEECSVMCLWTEQKYDFEVYPSGRNKAMAATYEFLIKPHHPNYLRPVALRFKKYPAKITGDN
LNLIQEQVHENGSMVGGFSRHHHHHH
;
_entity_poly.pdbx_strand_id   A,B,C,D,E,F,G,H,I,J
#
# COMPACT_ATOMS: atom_id res chain seq x y z
N ASN A 7 27.64 -9.15 2.69
CA ASN A 7 26.59 -8.49 1.92
C ASN A 7 25.19 -8.94 2.42
N ARG A 8 24.47 -9.78 1.60
CA ARG A 8 23.12 -10.35 1.82
C ARG A 8 23.17 -11.90 1.72
N ILE A 9 22.31 -12.60 2.49
CA ILE A 9 22.21 -14.07 2.51
C ILE A 9 20.75 -14.55 2.80
N VAL A 10 20.35 -15.75 2.28
CA VAL A 10 19.02 -16.31 2.58
C VAL A 10 19.07 -17.35 3.66
N LYS A 11 18.21 -17.16 4.65
CA LYS A 11 18.12 -18.08 5.77
C LYS A 11 16.73 -18.68 5.84
N ALA A 12 16.75 -20.00 5.99
CA ALA A 12 15.56 -20.83 6.03
C ALA A 12 15.20 -21.21 7.44
N SER A 13 14.25 -20.50 8.04
CA SER A 13 13.76 -20.86 9.37
C SER A 13 12.53 -21.83 9.27
N PHE A 14 12.22 -22.56 10.35
CA PHE A 14 11.03 -23.39 10.44
C PHE A 14 9.80 -22.48 10.63
N ARG A 15 8.63 -22.94 10.20
CA ARG A 15 7.39 -22.17 10.30
C ARG A 15 6.45 -22.98 11.16
N GLU A 16 5.77 -22.35 12.13
CA GLU A 16 4.71 -23.01 12.94
C GLU A 16 5.08 -24.24 13.83
N ASN A 17 6.30 -24.86 13.66
CA ASN A 17 6.70 -26.02 14.46
C ASN A 17 7.02 -25.63 15.91
N PRO A 18 6.16 -26.09 16.87
CA PRO A 18 6.37 -25.72 18.28
C PRO A 18 7.70 -26.20 18.85
N VAL A 19 8.18 -25.52 19.90
CA VAL A 19 9.44 -25.85 20.59
C VAL A 19 9.47 -27.33 21.00
N GLU A 20 8.32 -27.85 21.48
CA GLU A 20 8.20 -29.23 21.92
C GLU A 20 8.37 -30.23 20.79
N GLU A 21 8.06 -29.82 19.54
CA GLU A 21 8.22 -30.63 18.33
C GLU A 21 9.66 -30.48 17.87
N ARG A 22 10.17 -29.22 17.79
CA ARG A 22 11.53 -28.88 17.34
C ARG A 22 12.63 -29.48 18.19
N LYS A 23 12.34 -29.80 19.48
CA LYS A 23 13.28 -30.44 20.41
C LYS A 23 13.65 -31.82 19.92
N LEU A 24 12.70 -32.52 19.22
CA LEU A 24 12.82 -33.86 18.65
C LEU A 24 13.71 -33.91 17.40
N PHE A 25 13.63 -32.87 16.56
CA PHE A 25 14.39 -32.77 15.31
C PHE A 25 15.86 -33.28 15.37
N PRO A 26 16.72 -32.95 16.39
CA PRO A 26 18.12 -33.44 16.35
C PRO A 26 18.28 -34.95 16.48
N GLN A 27 17.25 -35.62 17.00
CA GLN A 27 17.28 -37.07 17.13
C GLN A 27 16.28 -37.78 16.17
N SER A 28 15.71 -36.99 15.23
CA SER A 28 14.71 -37.44 14.26
C SER A 28 15.24 -37.51 12.81
N SER A 29 14.53 -38.31 11.98
CA SER A 29 14.79 -38.46 10.55
C SER A 29 13.82 -37.56 9.78
N CYS A 30 14.20 -37.19 8.55
CA CYS A 30 13.33 -36.39 7.70
C CYS A 30 13.40 -36.77 6.21
N LEU A 31 12.27 -36.55 5.52
CA LEU A 31 12.16 -36.77 4.09
C LEU A 31 11.98 -35.43 3.42
N MET A 32 12.70 -35.24 2.32
CA MET A 32 12.64 -33.99 1.57
C MET A 32 12.16 -34.24 0.15
N PRO A 33 10.83 -34.37 -0.05
CA PRO A 33 10.32 -34.57 -1.41
C PRO A 33 10.61 -33.33 -2.26
N ILE A 34 11.22 -33.55 -3.41
CA ILE A 34 11.62 -32.43 -4.27
C ILE A 34 10.72 -32.35 -5.47
N SER A 35 9.91 -31.25 -5.53
CA SER A 35 9.04 -30.97 -6.66
C SER A 35 9.88 -30.33 -7.75
N VAL A 36 10.57 -31.21 -8.51
CA VAL A 36 11.48 -30.87 -9.60
C VAL A 36 10.86 -29.84 -10.50
N GLY A 37 11.52 -28.71 -10.59
CA GLY A 37 11.01 -27.59 -11.39
C GLY A 37 10.87 -26.30 -10.62
N GLN A 38 10.44 -26.42 -9.34
CA GLN A 38 10.19 -25.32 -8.40
C GLN A 38 11.45 -24.63 -7.97
N ALA A 39 11.33 -23.32 -7.76
CA ALA A 39 12.38 -22.44 -7.32
C ALA A 39 12.85 -22.70 -5.89
N ILE A 40 11.96 -23.24 -5.02
CA ILE A 40 12.27 -23.47 -3.60
C ILE A 40 13.28 -24.58 -3.43
N HIS A 41 13.46 -25.32 -4.51
CA HIS A 41 14.37 -26.45 -4.56
C HIS A 41 15.65 -26.09 -5.34
N GLU A 42 15.86 -24.79 -5.64
CA GLU A 42 17.03 -24.36 -6.40
C GLU A 42 17.80 -23.26 -5.68
N ASP A 43 19.12 -23.19 -6.03
CA ASP A 43 20.11 -22.16 -5.64
C ASP A 43 20.04 -21.73 -4.17
N GLU A 44 20.01 -20.38 -3.95
CA GLU A 44 19.98 -19.70 -2.67
C GLU A 44 18.97 -20.33 -1.70
N LYS A 45 17.70 -20.49 -2.15
CA LYS A 45 16.65 -21.13 -1.33
C LYS A 45 16.97 -22.59 -1.03
N PHE A 46 17.51 -23.36 -2.01
CA PHE A 46 17.85 -24.75 -1.71
C PHE A 46 19.00 -24.91 -0.74
N ALA A 47 20.08 -24.10 -0.91
CA ALA A 47 21.27 -24.12 -0.04
C ALA A 47 20.83 -23.80 1.42
N ALA A 48 19.97 -22.78 1.56
CA ALA A 48 19.43 -22.35 2.84
C ALA A 48 18.82 -23.52 3.61
N VAL A 49 18.12 -24.43 2.90
CA VAL A 49 17.43 -25.61 3.43
C VAL A 49 18.45 -26.62 3.91
N ILE A 50 19.41 -27.01 3.03
CA ILE A 50 20.53 -27.91 3.34
C ILE A 50 21.20 -27.42 4.65
N LYS A 51 21.46 -26.11 4.75
CA LYS A 51 22.05 -25.54 5.94
C LYS A 51 21.21 -25.77 7.20
N LEU A 52 19.90 -25.52 7.14
CA LEU A 52 19.00 -25.71 8.28
C LEU A 52 18.79 -27.21 8.60
N ILE A 53 18.66 -28.05 7.57
CA ILE A 53 18.49 -29.48 7.79
C ILE A 53 19.71 -30.04 8.50
N ASN A 54 20.90 -29.70 7.99
CA ASN A 54 22.18 -30.14 8.56
C ASN A 54 22.29 -29.78 10.04
N ALA A 55 21.95 -28.53 10.35
CA ALA A 55 21.97 -27.97 11.68
C ALA A 55 20.94 -28.54 12.64
N SER A 56 19.79 -29.04 12.14
CA SER A 56 18.75 -29.45 13.07
C SER A 56 18.26 -30.92 13.02
N PHE A 57 18.65 -31.76 12.03
CA PHE A 57 18.15 -33.15 11.99
C PHE A 57 19.22 -34.22 12.20
N LYS A 58 18.80 -35.45 12.63
CA LYS A 58 19.69 -36.61 12.85
C LYS A 58 20.21 -37.14 11.52
N GLN A 59 19.28 -37.52 10.63
CA GLN A 59 19.56 -38.04 9.29
C GLN A 59 18.46 -37.53 8.29
N CYS A 60 18.85 -37.40 7.02
CA CYS A 60 17.94 -36.88 6.01
C CYS A 60 17.95 -37.72 4.75
N THR A 61 16.81 -37.80 4.05
CA THR A 61 16.72 -38.48 2.76
C THR A 61 15.89 -37.58 1.83
N ILE A 62 16.48 -37.26 0.67
CA ILE A 62 15.92 -36.38 -0.37
C ILE A 62 15.34 -37.25 -1.46
N LEU A 63 14.01 -37.07 -1.76
CA LEU A 63 13.33 -37.74 -2.88
C LEU A 63 13.23 -36.78 -4.04
N VAL A 64 13.55 -37.24 -5.20
CA VAL A 64 13.42 -36.44 -6.42
C VAL A 64 12.07 -36.89 -7.05
N ASP A 65 11.00 -36.06 -6.88
CA ASP A 65 9.64 -36.31 -7.42
C ASP A 65 9.71 -36.01 -8.92
N ASP A 66 10.38 -36.91 -9.69
CA ASP A 66 10.66 -36.70 -11.10
C ASP A 66 9.72 -37.42 -12.07
N SER A 67 9.72 -38.78 -12.11
CA SER A 67 8.88 -39.55 -13.05
C SER A 67 7.41 -39.21 -12.93
N VAL A 68 6.93 -38.77 -11.75
CA VAL A 68 5.51 -38.34 -11.59
C VAL A 68 5.14 -37.28 -12.62
N GLN A 69 6.06 -36.31 -12.88
CA GLN A 69 5.74 -35.19 -13.75
C GLN A 69 5.44 -35.66 -15.15
N ARG A 70 5.76 -36.93 -15.49
CA ARG A 70 5.38 -37.44 -16.82
C ARG A 70 3.87 -37.16 -17.09
N HIS A 71 2.97 -37.28 -16.06
CA HIS A 71 1.55 -36.98 -16.14
C HIS A 71 1.30 -35.50 -16.48
N THR A 72 1.92 -34.56 -15.70
CA THR A 72 1.74 -33.11 -15.85
C THR A 72 2.40 -32.56 -17.15
N ILE A 73 3.63 -33.03 -17.48
CA ILE A 73 4.37 -32.65 -18.69
C ILE A 73 3.46 -32.94 -19.89
N GLY A 74 2.80 -34.07 -19.82
CA GLY A 74 1.90 -34.56 -20.85
C GLY A 74 0.59 -33.82 -21.02
N ILE A 75 0.33 -32.77 -20.21
CA ILE A 75 -0.92 -32.02 -20.35
C ILE A 75 -0.88 -31.25 -21.68
N MET A 76 0.20 -30.47 -21.87
CA MET A 76 0.38 -29.67 -23.09
C MET A 76 1.30 -30.36 -24.10
N ASN A 77 2.18 -31.28 -23.66
CA ASN A 77 3.04 -31.99 -24.59
C ASN A 77 2.36 -33.32 -24.88
N HIS A 78 1.80 -33.47 -26.09
CA HIS A 78 1.06 -34.65 -26.49
C HIS A 78 1.97 -35.78 -26.99
N ALA A 79 3.16 -35.93 -26.37
CA ALA A 79 4.17 -36.94 -26.76
C ALA A 79 3.75 -38.32 -26.32
N THR A 80 4.49 -39.33 -26.79
CA THR A 80 4.25 -40.73 -26.44
C THR A 80 4.45 -40.98 -24.93
N THR A 81 3.74 -41.98 -24.36
CA THR A 81 3.88 -42.22 -22.93
C THR A 81 5.32 -42.53 -22.52
N GLU A 82 6.12 -43.15 -23.43
CA GLU A 82 7.53 -43.41 -23.13
C GLU A 82 8.33 -42.12 -23.16
N GLU A 83 8.05 -41.24 -24.16
CA GLU A 83 8.73 -39.97 -24.33
C GLU A 83 8.65 -39.07 -23.13
N LEU A 84 7.43 -38.93 -22.56
CA LEU A 84 7.12 -38.14 -21.36
C LEU A 84 7.82 -38.71 -20.17
N TYR A 85 7.88 -40.05 -20.09
CA TYR A 85 8.56 -40.72 -18.98
C TYR A 85 10.04 -40.28 -18.99
N GLN A 86 10.63 -40.31 -20.19
CA GLN A 86 11.97 -39.90 -20.48
C GLN A 86 12.20 -38.41 -20.14
N LEU A 87 11.30 -37.54 -20.58
CA LEU A 87 11.41 -36.13 -20.23
C LEU A 87 11.31 -35.90 -18.73
N ALA A 88 10.43 -36.66 -18.04
CA ALA A 88 10.23 -36.51 -16.60
C ALA A 88 11.51 -36.96 -15.91
N VAL A 89 12.12 -38.06 -16.39
CA VAL A 89 13.40 -38.53 -15.80
C VAL A 89 14.56 -37.54 -16.04
N LYS A 90 14.73 -37.05 -17.31
CA LYS A 90 15.73 -36.08 -17.76
C LYS A 90 15.69 -34.84 -16.85
N GLU A 91 14.49 -34.42 -16.40
CA GLU A 91 14.33 -33.28 -15.51
C GLU A 91 14.90 -33.56 -14.13
N GLY A 92 14.77 -34.81 -13.67
CA GLY A 92 15.34 -35.26 -12.41
C GLY A 92 16.85 -35.37 -12.51
N ASP A 93 17.35 -35.84 -13.67
CA ASP A 93 18.78 -35.99 -13.96
C ASP A 93 19.45 -34.62 -13.83
N GLU A 94 18.87 -33.61 -14.51
CA GLU A 94 19.35 -32.24 -14.53
C GLU A 94 19.27 -31.56 -13.14
N TRP A 95 18.24 -31.87 -12.33
CA TRP A 95 18.10 -31.28 -10.99
C TRP A 95 19.28 -31.75 -10.14
N LEU A 96 19.59 -33.05 -10.25
CA LEU A 96 20.68 -33.65 -9.50
C LEU A 96 22.05 -33.02 -9.89
N LYS A 97 22.26 -32.72 -11.19
CA LYS A 97 23.46 -32.03 -11.72
C LYS A 97 23.56 -30.63 -11.08
N ARG A 98 22.52 -29.83 -11.24
CA ARG A 98 22.33 -28.48 -10.75
C ARG A 98 22.56 -28.34 -9.25
N ASN A 99 22.03 -29.28 -8.43
CA ASN A 99 22.02 -29.12 -6.97
C ASN A 99 22.89 -30.10 -6.24
N GLN A 100 23.76 -30.83 -6.98
CA GLN A 100 24.78 -31.74 -6.38
C GLN A 100 25.68 -30.89 -5.44
N ARG A 101 26.09 -29.69 -5.90
CA ARG A 101 26.91 -28.67 -5.23
C ARG A 101 26.44 -28.40 -3.83
N PHE A 102 25.10 -28.38 -3.61
CA PHE A 102 24.50 -28.04 -2.33
C PHE A 102 24.28 -29.19 -1.40
N TYR A 103 23.65 -30.29 -1.85
CA TYR A 103 23.38 -31.41 -0.94
C TYR A 103 24.63 -32.14 -0.52
N LYS A 104 25.71 -32.09 -1.34
CA LYS A 104 26.99 -32.73 -0.98
C LYS A 104 27.53 -32.17 0.34
N GLN A 105 27.19 -30.89 0.64
CA GLN A 105 27.56 -30.17 1.86
C GLN A 105 26.85 -30.70 3.12
N LEU A 106 25.98 -31.72 3.00
CA LEU A 106 25.35 -32.33 4.17
C LEU A 106 26.37 -33.17 4.92
N THR A 107 26.52 -32.89 6.22
CA THR A 107 27.44 -33.54 7.15
C THR A 107 26.72 -34.67 7.86
N ILE A 108 25.38 -34.57 8.00
CA ILE A 108 24.56 -35.62 8.62
C ILE A 108 24.40 -36.81 7.62
N PRO A 109 24.07 -38.03 8.09
CA PRO A 109 23.88 -39.14 7.12
C PRO A 109 22.68 -38.87 6.20
N PHE A 110 22.93 -38.92 4.88
CA PHE A 110 21.88 -38.66 3.91
C PHE A 110 21.84 -39.69 2.76
N GLU A 111 20.68 -39.75 2.09
CA GLU A 111 20.33 -40.69 1.01
C GLU A 111 19.59 -39.91 -0.06
N ILE A 112 19.91 -40.19 -1.33
CA ILE A 112 19.23 -39.53 -2.45
C ILE A 112 18.40 -40.58 -3.16
N MET A 113 17.07 -40.44 -3.11
CA MET A 113 16.18 -41.37 -3.79
C MET A 113 15.47 -40.66 -4.95
N ARG A 114 14.84 -41.46 -5.84
CA ARG A 114 14.13 -40.94 -6.99
C ARG A 114 12.75 -41.54 -7.03
N TRP A 115 11.79 -40.84 -7.63
CA TRP A 115 10.38 -41.27 -7.70
C TRP A 115 10.17 -42.74 -8.05
N ASP A 116 10.84 -43.26 -9.10
CA ASP A 116 10.72 -44.67 -9.55
C ASP A 116 11.03 -45.69 -8.45
N ASP A 117 11.92 -45.35 -7.49
CA ASP A 117 12.28 -46.21 -6.36
C ASP A 117 11.03 -46.57 -5.55
N TRP A 118 10.03 -45.67 -5.54
CA TRP A 118 8.78 -45.83 -4.80
C TRP A 118 7.68 -46.38 -5.68
N TYR A 119 7.54 -45.88 -6.90
CA TYR A 119 6.51 -46.32 -7.84
C TYR A 119 6.63 -47.82 -8.20
N ASN A 120 7.88 -48.30 -8.27
CA ASN A 120 8.19 -49.68 -8.60
C ASN A 120 8.16 -50.60 -7.39
N SER A 121 7.87 -50.06 -6.17
CA SER A 121 7.74 -50.85 -4.96
C SER A 121 6.67 -51.96 -5.15
N PRO A 122 6.91 -53.16 -4.56
CA PRO A 122 5.92 -54.25 -4.68
C PRO A 122 4.55 -53.83 -4.12
N ASN A 123 4.60 -52.96 -3.08
CA ASN A 123 3.42 -52.47 -2.39
C ASN A 123 2.70 -51.32 -3.08
N TYR A 124 3.26 -50.80 -4.20
CA TYR A 124 2.62 -49.67 -4.86
C TYR A 124 1.17 -49.94 -5.29
N ILE A 125 0.95 -51.04 -6.04
CA ILE A 125 -0.36 -51.35 -6.62
C ILE A 125 -1.44 -51.38 -5.54
N ASN A 126 -1.22 -52.11 -4.44
CA ASN A 126 -2.20 -52.19 -3.34
C ASN A 126 -2.52 -50.81 -2.76
N SER A 127 -1.46 -49.98 -2.54
CA SER A 127 -1.57 -48.59 -2.06
C SER A 127 -2.38 -47.74 -3.02
N HIS A 128 -2.13 -47.95 -4.31
CA HIS A 128 -2.83 -47.25 -5.38
C HIS A 128 -4.32 -47.55 -5.34
N LEU A 129 -4.68 -48.82 -5.05
CA LEU A 129 -6.06 -49.29 -4.94
C LEU A 129 -6.71 -48.66 -3.73
N ARG A 130 -5.96 -48.59 -2.60
CA ARG A 130 -6.40 -47.99 -1.32
C ARG A 130 -6.78 -46.51 -1.53
N VAL A 131 -5.91 -45.77 -2.25
CA VAL A 131 -6.12 -44.34 -2.55
C VAL A 131 -7.33 -44.22 -3.48
N GLN A 132 -7.39 -45.03 -4.57
CA GLN A 132 -8.54 -45.00 -5.49
C GLN A 132 -9.88 -45.34 -4.77
N LYS A 133 -9.86 -46.30 -3.79
CA LYS A 133 -11.01 -46.66 -2.97
C LYS A 133 -11.47 -45.46 -2.15
N GLU A 134 -10.54 -44.81 -1.41
CA GLU A 134 -10.85 -43.61 -0.62
C GLU A 134 -11.41 -42.47 -1.47
N TYR A 135 -10.94 -42.32 -2.73
CA TYR A 135 -11.40 -41.30 -3.64
C TYR A 135 -12.88 -41.55 -3.96
N ASP A 136 -13.21 -42.82 -4.19
CA ASP A 136 -14.57 -43.27 -4.52
C ASP A 136 -15.53 -43.23 -3.33
N THR A 137 -15.16 -43.88 -2.21
CA THR A 137 -15.95 -43.92 -0.98
C THR A 137 -16.05 -42.53 -0.26
N ASN A 138 -14.92 -42.02 0.34
CA ASN A 138 -14.82 -40.76 1.08
C ASN A 138 -14.90 -39.49 0.18
N LYS A 139 -16.00 -38.73 0.30
CA LYS A 139 -16.23 -37.53 -0.51
C LYS A 139 -15.38 -36.32 -0.05
N ALA A 140 -15.02 -36.28 1.24
CA ALA A 140 -14.16 -35.20 1.76
C ALA A 140 -12.81 -35.26 1.05
N PHE A 141 -12.28 -36.50 0.93
CA PHE A 141 -11.02 -36.81 0.28
C PHE A 141 -11.11 -36.47 -1.22
N GLN A 142 -12.24 -36.83 -1.83
CA GLN A 142 -12.52 -36.58 -3.25
C GLN A 142 -12.50 -35.07 -3.54
N ASN A 143 -13.15 -34.27 -2.64
CA ASN A 143 -13.24 -32.82 -2.75
C ASN A 143 -11.88 -32.15 -2.64
N ALA A 144 -11.03 -32.65 -1.69
CA ALA A 144 -9.65 -32.17 -1.46
C ALA A 144 -8.82 -32.35 -2.73
N ILE A 145 -8.88 -33.55 -3.35
CA ILE A 145 -8.18 -33.86 -4.59
C ILE A 145 -8.63 -32.92 -5.68
N HIS A 146 -9.97 -32.75 -5.86
CA HIS A 146 -10.55 -31.86 -6.86
C HIS A 146 -10.11 -30.42 -6.68
N ALA A 147 -10.07 -29.96 -5.42
CA ALA A 147 -9.59 -28.60 -5.03
C ALA A 147 -8.14 -28.45 -5.44
N ASN A 148 -7.31 -29.46 -5.14
CA ASN A 148 -5.91 -29.52 -5.50
C ASN A 148 -5.73 -29.40 -7.03
N ILE A 149 -6.58 -30.08 -7.82
CA ILE A 149 -6.50 -30.00 -9.28
C ILE A 149 -6.73 -28.55 -9.73
N ASP A 150 -7.77 -27.89 -9.18
CA ASP A 150 -8.07 -26.50 -9.53
C ASP A 150 -6.92 -25.59 -9.23
N ASP A 151 -6.38 -25.69 -7.97
CA ASP A 151 -5.25 -24.93 -7.47
C ASP A 151 -4.03 -25.09 -8.38
N PHE A 152 -3.69 -26.36 -8.72
CA PHE A 152 -2.54 -26.66 -9.54
C PHE A 152 -2.67 -26.17 -10.95
N LEU A 153 -3.79 -26.49 -11.62
CA LEU A 153 -3.96 -26.14 -13.02
C LEU A 153 -4.06 -24.63 -13.26
N THR A 154 -4.67 -23.87 -12.32
CA THR A 154 -4.78 -22.41 -12.46
C THR A 154 -3.36 -21.80 -12.49
N ARG A 155 -2.39 -22.39 -11.76
CA ARG A 155 -1.00 -21.90 -11.84
C ARG A 155 -0.26 -22.51 -13.05
N TYR A 156 -0.25 -23.87 -13.18
CA TYR A 156 0.44 -24.58 -14.26
C TYR A 156 0.08 -24.07 -15.67
N LEU A 157 -1.22 -23.85 -15.90
CA LEU A 157 -1.76 -23.40 -17.19
C LEU A 157 -2.08 -21.91 -17.25
N SER A 158 -1.40 -21.10 -16.40
CA SER A 158 -1.62 -19.64 -16.34
C SER A 158 -1.17 -18.93 -17.63
N ARG A 159 -0.06 -19.39 -18.21
CA ARG A 159 0.52 -18.81 -19.43
C ARG A 159 -0.11 -19.33 -20.73
N PHE A 160 -1.29 -19.95 -20.64
CA PHE A 160 -1.99 -20.46 -21.82
C PHE A 160 -3.40 -19.95 -21.85
N SER A 161 -3.87 -19.64 -23.05
CA SER A 161 -5.25 -19.18 -23.25
C SER A 161 -6.15 -20.43 -23.12
N PRO A 162 -7.30 -20.35 -22.43
CA PRO A 162 -8.15 -21.55 -22.29
C PRO A 162 -8.50 -22.23 -23.61
N ALA A 163 -8.39 -21.47 -24.70
CA ALA A 163 -8.66 -21.90 -26.07
C ALA A 163 -7.69 -22.98 -26.56
N ASP A 164 -6.42 -22.94 -26.08
CA ASP A 164 -5.37 -23.88 -26.50
C ASP A 164 -5.20 -25.11 -25.55
N VAL A 165 -6.01 -25.17 -24.47
CA VAL A 165 -5.97 -26.20 -23.44
C VAL A 165 -7.12 -27.21 -23.53
N ASP A 166 -6.79 -28.52 -23.55
CA ASP A 166 -7.81 -29.57 -23.51
C ASP A 166 -8.07 -29.74 -22.03
N HIS A 167 -9.15 -29.12 -21.54
CA HIS A 167 -9.50 -29.14 -20.12
C HIS A 167 -9.87 -30.51 -19.58
N GLU A 168 -10.36 -31.38 -20.46
CA GLU A 168 -10.73 -32.76 -20.13
C GLU A 168 -9.45 -33.53 -19.81
N ARG A 169 -8.41 -33.33 -20.64
CA ARG A 169 -7.08 -33.96 -20.55
C ARG A 169 -6.37 -33.49 -19.30
N ALA A 170 -6.33 -32.15 -19.11
CA ALA A 170 -5.71 -31.47 -17.99
C ALA A 170 -6.17 -32.15 -16.74
N PHE A 171 -7.47 -32.17 -16.50
CA PHE A 171 -8.07 -32.79 -15.33
C PHE A 171 -7.66 -34.26 -15.16
N ARG A 172 -7.79 -35.05 -16.22
CA ARG A 172 -7.50 -36.49 -16.20
C ARG A 172 -6.07 -36.78 -15.76
N LEU A 173 -5.09 -36.14 -16.43
CA LEU A 173 -3.67 -36.31 -16.18
C LEU A 173 -3.26 -35.78 -14.82
N CYS A 174 -3.85 -34.63 -14.38
CA CYS A 174 -3.55 -34.03 -13.09
C CYS A 174 -4.09 -34.93 -11.97
N LEU A 175 -5.20 -35.66 -12.23
CA LEU A 175 -5.78 -36.61 -11.29
C LEU A 175 -4.82 -37.80 -11.18
N ASP A 176 -4.27 -38.28 -12.32
CA ASP A 176 -3.35 -39.42 -12.38
C ASP A 176 -2.13 -39.10 -11.55
N TYR A 177 -1.64 -37.85 -11.69
CA TYR A 177 -0.50 -37.29 -10.98
C TYR A 177 -0.77 -37.33 -9.47
N LEU A 178 -1.93 -36.79 -9.04
CA LEU A 178 -2.26 -36.72 -7.61
C LEU A 178 -2.54 -38.08 -6.98
N ILE A 179 -3.13 -39.02 -7.74
CA ILE A 179 -3.39 -40.38 -7.24
C ILE A 179 -2.05 -41.10 -7.01
N GLU A 180 -1.11 -40.96 -7.95
CA GLU A 180 0.22 -41.55 -7.84
C GLU A 180 0.97 -40.93 -6.62
N GLU A 181 0.97 -39.55 -6.50
CA GLU A 181 1.63 -38.83 -5.44
C GLU A 181 1.14 -39.31 -4.10
N CYS A 182 -0.19 -39.51 -3.94
CA CYS A 182 -0.77 -39.95 -2.67
C CYS A 182 -0.50 -41.43 -2.36
N SER A 183 -0.45 -42.29 -3.41
CA SER A 183 -0.20 -43.72 -3.31
C SER A 183 1.23 -43.97 -2.86
N VAL A 184 2.17 -43.18 -3.41
CA VAL A 184 3.59 -43.22 -3.05
C VAL A 184 3.77 -42.65 -1.63
N MET A 185 3.05 -41.56 -1.30
CA MET A 185 3.04 -40.93 0.02
C MET A 185 2.87 -42.02 1.05
N CYS A 186 1.80 -42.86 0.92
CA CYS A 186 1.41 -43.91 1.86
C CYS A 186 2.52 -44.91 2.13
N LEU A 187 3.31 -45.19 1.08
CA LEU A 187 4.43 -46.12 1.11
C LEU A 187 5.56 -45.60 1.99
N TRP A 188 5.69 -44.26 2.20
CA TRP A 188 6.80 -43.65 2.93
C TRP A 188 6.95 -44.11 4.37
N THR A 189 5.82 -44.56 5.00
CA THR A 189 5.78 -45.06 6.39
C THR A 189 6.70 -46.27 6.53
N GLU A 190 6.93 -47.01 5.43
CA GLU A 190 7.86 -48.16 5.33
C GLU A 190 9.26 -47.80 5.82
N GLN A 191 9.73 -46.58 5.50
CA GLN A 191 11.07 -46.13 5.89
C GLN A 191 11.08 -45.29 7.18
N LYS A 192 9.94 -45.26 7.87
CA LYS A 192 9.79 -44.68 9.21
C LYS A 192 10.35 -43.23 9.38
N TYR A 193 10.09 -42.36 8.38
CA TYR A 193 10.52 -40.95 8.38
C TYR A 193 9.67 -40.24 9.42
N ASP A 194 10.31 -39.60 10.41
CA ASP A 194 9.61 -38.90 11.50
C ASP A 194 8.91 -37.64 10.99
N PHE A 195 9.64 -36.86 10.17
CA PHE A 195 9.16 -35.60 9.61
C PHE A 195 9.29 -35.51 8.11
N GLU A 196 8.33 -34.81 7.47
CA GLU A 196 8.32 -34.53 6.05
C GLU A 196 8.45 -33.05 5.90
N VAL A 197 9.58 -32.62 5.30
CA VAL A 197 9.90 -31.22 5.08
C VAL A 197 9.69 -30.81 3.59
N TYR A 198 8.67 -29.98 3.41
CA TYR A 198 8.31 -29.32 2.17
C TYR A 198 8.23 -27.80 2.54
N PRO A 199 9.02 -26.88 1.90
CA PRO A 199 9.07 -25.47 2.32
C PRO A 199 7.76 -24.71 2.35
N SER A 200 6.94 -24.90 1.31
CA SER A 200 5.58 -24.36 1.18
C SER A 200 4.71 -25.26 2.04
N GLY A 201 3.43 -25.25 1.84
CA GLY A 201 2.70 -26.25 2.62
C GLY A 201 2.72 -27.63 1.96
N ARG A 202 1.91 -28.51 2.50
CA ARG A 202 1.63 -29.79 1.89
C ARG A 202 0.41 -29.44 1.01
N ASN A 203 0.38 -29.96 -0.23
CA ASN A 203 -0.80 -29.70 -1.06
C ASN A 203 -2.07 -30.34 -0.49
N LYS A 204 -3.27 -29.86 -0.89
CA LYS A 204 -4.57 -30.35 -0.36
C LYS A 204 -4.74 -31.90 -0.37
N ALA A 205 -4.41 -32.56 -1.50
CA ALA A 205 -4.47 -34.01 -1.66
C ALA A 205 -3.59 -34.75 -0.64
N MET A 206 -2.29 -34.34 -0.49
CA MET A 206 -1.37 -34.96 0.43
C MET A 206 -1.74 -34.74 1.89
N ALA A 207 -2.27 -33.54 2.20
CA ALA A 207 -2.76 -33.20 3.53
C ALA A 207 -3.96 -34.11 3.86
N ALA A 208 -4.88 -34.34 2.88
CA ALA A 208 -6.03 -35.21 3.02
C ALA A 208 -5.60 -36.65 3.24
N THR A 209 -4.61 -37.13 2.45
CA THR A 209 -4.06 -38.49 2.53
C THR A 209 -3.45 -38.74 3.90
N TYR A 210 -2.69 -37.74 4.46
CA TYR A 210 -2.11 -37.84 5.80
C TYR A 210 -3.25 -37.96 6.79
N GLU A 211 -4.26 -37.07 6.68
CA GLU A 211 -5.44 -37.05 7.55
C GLU A 211 -6.20 -38.39 7.62
N PHE A 212 -6.61 -38.95 6.45
CA PHE A 212 -7.42 -40.16 6.35
C PHE A 212 -6.69 -41.48 6.29
N LEU A 213 -5.52 -41.53 5.66
CA LEU A 213 -4.83 -42.81 5.44
C LEU A 213 -3.52 -43.01 6.19
N ILE A 214 -2.83 -41.95 6.58
CA ILE A 214 -1.53 -42.13 7.23
C ILE A 214 -1.57 -41.84 8.77
N LYS A 215 -1.88 -40.60 9.23
CA LYS A 215 -1.90 -40.20 10.66
C LYS A 215 -2.63 -41.18 11.58
N PRO A 216 -3.86 -41.67 11.22
CA PRO A 216 -4.51 -42.64 12.12
C PRO A 216 -3.69 -43.91 12.45
N HIS A 217 -2.86 -44.39 11.53
CA HIS A 217 -2.07 -45.62 11.74
C HIS A 217 -0.65 -45.38 12.24
N HIS A 218 -0.03 -44.25 11.89
CA HIS A 218 1.33 -43.89 12.32
C HIS A 218 1.38 -42.37 12.52
N PRO A 219 1.06 -41.87 13.71
CA PRO A 219 1.06 -40.42 13.89
C PRO A 219 2.45 -39.83 14.13
N ASN A 220 3.44 -40.71 14.41
CA ASN A 220 4.81 -40.30 14.69
C ASN A 220 5.72 -40.44 13.46
N TYR A 221 5.08 -40.53 12.29
CA TYR A 221 5.73 -40.56 10.98
C TYR A 221 5.15 -39.44 10.12
N LEU A 222 5.95 -38.97 9.17
CA LEU A 222 5.59 -37.95 8.19
C LEU A 222 4.93 -36.71 8.82
N ARG A 223 5.41 -36.28 10.02
CA ARG A 223 4.86 -35.08 10.69
C ARG A 223 5.32 -33.88 9.86
N PRO A 224 4.36 -33.10 9.29
CA PRO A 224 4.75 -32.00 8.39
C PRO A 224 5.55 -30.84 9.01
N VAL A 225 6.46 -30.31 8.19
CA VAL A 225 7.35 -29.19 8.49
C VAL A 225 7.42 -28.28 7.23
N ALA A 226 7.10 -27.00 7.40
CA ALA A 226 7.09 -25.94 6.39
C ALA A 226 8.12 -24.86 6.78
N LEU A 227 8.70 -24.22 5.78
CA LEU A 227 9.72 -23.27 6.07
C LEU A 227 9.39 -21.87 5.64
N ARG A 228 10.07 -20.92 6.34
CA ARG A 228 10.06 -19.50 6.03
C ARG A 228 11.44 -19.17 5.47
N PHE A 229 11.52 -18.25 4.51
CA PHE A 229 12.76 -17.75 3.91
C PHE A 229 12.88 -16.24 4.14
N LYS A 230 14.08 -15.76 4.53
CA LYS A 230 14.29 -14.34 4.77
C LYS A 230 15.73 -13.99 4.42
N LYS A 231 15.94 -12.78 3.85
CA LYS A 231 17.27 -12.24 3.58
C LYS A 231 17.77 -11.54 4.87
N TYR A 232 19.01 -11.92 5.30
CA TYR A 232 19.71 -11.44 6.49
C TYR A 232 21.01 -10.74 6.12
N ASN B 7 38.11 -53.10 -40.35
CA ASN B 7 36.91 -53.93 -40.40
C ASN B 7 35.96 -53.55 -41.58
N ARG B 8 34.93 -52.69 -41.31
CA ARG B 8 33.91 -52.17 -42.25
C ARG B 8 33.60 -50.66 -41.98
N ILE B 9 33.76 -49.78 -43.02
CA ILE B 9 33.50 -48.33 -42.93
C ILE B 9 32.52 -47.82 -43.99
N VAL B 10 31.73 -46.75 -43.67
CA VAL B 10 30.76 -46.15 -44.62
C VAL B 10 31.42 -45.18 -45.61
N LYS B 11 30.96 -45.20 -46.87
CA LYS B 11 31.42 -44.30 -47.92
C LYS B 11 30.21 -43.72 -48.68
N ALA B 12 30.21 -42.38 -48.82
CA ALA B 12 29.20 -41.62 -49.56
C ALA B 12 29.70 -41.46 -50.97
N SER B 13 28.80 -41.47 -51.93
CA SER B 13 29.08 -41.28 -53.33
C SER B 13 27.95 -40.44 -53.96
N PHE B 14 28.23 -39.73 -55.05
CA PHE B 14 27.22 -38.96 -55.76
C PHE B 14 26.21 -39.90 -56.46
N ARG B 15 24.95 -39.47 -56.54
CA ARG B 15 23.84 -40.19 -57.18
C ARG B 15 23.33 -39.25 -58.26
N GLU B 16 23.21 -39.71 -59.54
CA GLU B 16 22.66 -38.91 -60.67
C GLU B 16 23.37 -37.56 -61.03
N ASN B 17 24.71 -37.48 -60.87
CA ASN B 17 25.44 -36.26 -61.25
C ASN B 17 26.36 -36.59 -62.41
N PRO B 18 25.94 -36.14 -63.61
CA PRO B 18 26.68 -36.47 -64.85
C PRO B 18 28.13 -35.99 -64.80
N VAL B 19 29.06 -36.76 -65.40
CA VAL B 19 30.48 -36.38 -65.45
C VAL B 19 30.68 -34.89 -65.69
N GLU B 20 29.98 -34.35 -66.69
CA GLU B 20 30.10 -32.95 -67.07
C GLU B 20 29.73 -31.99 -65.96
N GLU B 21 28.88 -32.42 -65.01
CA GLU B 21 28.48 -31.65 -63.82
C GLU B 21 29.56 -31.84 -62.77
N ARG B 22 29.93 -33.12 -62.49
CA ARG B 22 30.95 -33.51 -61.48
C ARG B 22 32.33 -32.94 -61.72
N LYS B 23 32.67 -32.59 -63.00
CA LYS B 23 33.96 -32.00 -63.34
C LYS B 23 34.07 -30.60 -62.75
N LEU B 24 32.91 -29.91 -62.55
CA LEU B 24 32.81 -28.57 -61.99
C LEU B 24 33.02 -28.54 -60.48
N PHE B 25 32.61 -29.63 -59.77
CA PHE B 25 32.71 -29.66 -58.31
C PHE B 25 34.05 -29.14 -57.73
N PRO B 26 35.25 -29.51 -58.24
CA PRO B 26 36.49 -29.05 -57.61
C PRO B 26 36.70 -27.54 -57.60
N GLN B 27 36.04 -26.84 -58.51
CA GLN B 27 36.14 -25.38 -58.59
C GLN B 27 34.82 -24.68 -58.18
N SER B 28 33.87 -25.47 -57.62
CA SER B 28 32.56 -25.02 -57.19
C SER B 28 32.37 -24.96 -55.67
N SER B 29 31.37 -24.15 -55.25
CA SER B 29 30.94 -23.97 -53.86
C SER B 29 29.67 -24.80 -53.60
N CYS B 30 29.48 -25.28 -52.37
CA CYS B 30 28.30 -26.04 -52.05
C CYS B 30 27.69 -25.66 -50.70
N LEU B 31 26.37 -25.87 -50.61
CA LEU B 31 25.61 -25.61 -49.40
C LEU B 31 25.12 -26.94 -48.88
N MET B 32 25.31 -27.19 -47.59
CA MET B 32 24.86 -28.44 -47.00
C MET B 32 23.78 -28.13 -45.97
N PRO B 33 22.47 -28.05 -46.40
CA PRO B 33 21.43 -27.79 -45.41
C PRO B 33 21.23 -29.02 -44.54
N ILE B 34 21.17 -28.80 -43.20
CA ILE B 34 21.04 -29.85 -42.18
C ILE B 34 19.70 -29.80 -41.48
N SER B 35 18.85 -30.84 -41.65
CA SER B 35 17.55 -30.88 -40.97
C SER B 35 17.84 -31.78 -39.80
N VAL B 36 18.22 -31.10 -38.70
CA VAL B 36 18.84 -31.62 -37.50
C VAL B 36 18.34 -33.00 -37.03
N GLY B 37 17.04 -33.23 -36.99
CA GLY B 37 16.54 -34.54 -36.54
C GLY B 37 17.02 -35.82 -37.22
N GLN B 38 17.33 -35.75 -38.52
CA GLN B 38 17.71 -36.89 -39.35
C GLN B 38 19.06 -37.54 -39.03
N ALA B 39 19.09 -38.84 -39.29
CA ALA B 39 20.20 -39.78 -39.11
C ALA B 39 21.30 -39.58 -40.17
N ILE B 40 20.92 -39.12 -41.38
CA ILE B 40 21.86 -38.91 -42.48
C ILE B 40 22.87 -37.81 -42.15
N HIS B 41 22.53 -37.03 -41.11
CA HIS B 41 23.33 -35.92 -40.64
C HIS B 41 24.12 -36.26 -39.42
N GLU B 42 24.15 -37.57 -39.03
CA GLU B 42 24.87 -38.05 -37.83
C GLU B 42 25.86 -39.15 -38.11
N ASP B 43 26.88 -39.22 -37.21
CA ASP B 43 27.95 -40.22 -37.10
C ASP B 43 28.61 -40.63 -38.44
N GLU B 44 28.76 -41.96 -38.64
CA GLU B 44 29.31 -42.67 -39.79
C GLU B 44 28.84 -42.06 -41.11
N LYS B 45 27.51 -41.79 -41.25
CA LYS B 45 26.91 -41.16 -42.42
C LYS B 45 27.37 -39.69 -42.62
N PHE B 46 27.46 -38.87 -41.56
CA PHE B 46 27.90 -37.47 -41.74
C PHE B 46 29.42 -37.34 -41.97
N ALA B 47 30.22 -38.21 -41.29
CA ALA B 47 31.67 -38.24 -41.38
C ALA B 47 32.02 -38.70 -42.78
N ALA B 48 31.11 -39.49 -43.40
CA ALA B 48 31.22 -39.98 -44.79
C ALA B 48 31.10 -38.79 -45.74
N VAL B 49 30.08 -37.95 -45.50
CA VAL B 49 29.77 -36.78 -46.30
C VAL B 49 30.90 -35.79 -46.25
N ILE B 50 31.42 -35.50 -45.04
CA ILE B 50 32.57 -34.62 -44.86
C ILE B 50 33.76 -35.10 -45.69
N LYS B 51 34.07 -36.41 -45.65
CA LYS B 51 35.16 -36.99 -46.46
C LYS B 51 34.98 -36.74 -47.99
N LEU B 52 33.75 -36.94 -48.55
CA LEU B 52 33.47 -36.76 -49.97
C LEU B 52 33.44 -35.27 -50.35
N ILE B 53 32.86 -34.44 -49.50
CA ILE B 53 32.83 -33.02 -49.79
C ILE B 53 34.25 -32.46 -49.86
N ASN B 54 35.07 -32.83 -48.87
CA ASN B 54 36.46 -32.40 -48.78
C ASN B 54 37.24 -32.77 -50.03
N ALA B 55 37.04 -34.02 -50.48
CA ALA B 55 37.67 -34.60 -51.66
C ALA B 55 37.21 -33.98 -52.99
N SER B 56 35.95 -33.49 -53.10
CA SER B 56 35.45 -33.05 -54.40
C SER B 56 35.02 -31.58 -54.57
N PHE B 57 34.95 -30.75 -53.52
CA PHE B 57 34.50 -29.36 -53.71
C PHE B 57 35.54 -28.31 -53.38
N LYS B 58 35.38 -27.09 -53.94
CA LYS B 58 36.29 -25.95 -53.69
C LYS B 58 36.13 -25.43 -52.28
N GLN B 59 34.89 -25.04 -51.91
CA GLN B 59 34.52 -24.52 -50.58
C GLN B 59 33.13 -25.00 -50.19
N CYS B 60 32.89 -25.12 -48.89
CA CYS B 60 31.62 -25.62 -48.40
C CYS B 60 31.05 -24.81 -47.27
N THR B 61 29.72 -24.69 -47.20
CA THR B 61 29.07 -23.97 -46.10
C THR B 61 27.89 -24.85 -45.65
N ILE B 62 27.87 -25.16 -44.34
CA ILE B 62 26.89 -26.00 -43.64
C ILE B 62 25.86 -25.11 -42.95
N LEU B 63 24.55 -25.29 -43.27
CA LEU B 63 23.43 -24.54 -42.70
C LEU B 63 22.68 -25.44 -41.73
N VAL B 64 22.59 -25.03 -40.48
CA VAL B 64 21.88 -25.81 -39.47
C VAL B 64 20.40 -25.35 -39.49
N ASP B 65 19.52 -26.16 -40.13
CA ASP B 65 18.06 -25.92 -40.21
C ASP B 65 17.51 -26.28 -38.85
N ASP B 66 17.55 -25.31 -37.90
CA ASP B 66 17.16 -25.54 -36.52
C ASP B 66 15.91 -24.79 -36.08
N SER B 67 15.91 -23.41 -36.14
CA SER B 67 14.79 -22.61 -35.69
C SER B 67 13.55 -22.83 -36.52
N VAL B 68 13.65 -23.39 -37.76
CA VAL B 68 12.47 -23.75 -38.58
C VAL B 68 11.66 -24.82 -37.86
N GLN B 69 12.37 -25.75 -37.21
CA GLN B 69 11.79 -26.90 -36.53
C GLN B 69 10.82 -26.49 -35.47
N ARG B 70 10.85 -25.20 -35.03
CA ARG B 70 9.89 -24.68 -34.05
C ARG B 70 8.43 -24.93 -34.50
N HIS B 71 8.12 -24.82 -35.81
CA HIS B 71 6.81 -25.08 -36.40
C HIS B 71 6.41 -26.54 -36.23
N THR B 72 7.29 -27.49 -36.63
CA THR B 72 7.04 -28.93 -36.57
C THR B 72 7.01 -29.48 -35.11
N ILE B 73 7.94 -29.01 -34.24
CA ILE B 73 8.03 -29.41 -32.83
C ILE B 73 6.69 -29.10 -32.18
N GLY B 74 6.17 -27.94 -32.54
CA GLY B 74 4.89 -27.45 -32.04
C GLY B 74 3.65 -28.18 -32.50
N ILE B 75 3.77 -29.23 -33.34
CA ILE B 75 2.59 -29.96 -33.81
C ILE B 75 1.99 -30.72 -32.60
N MET B 76 2.82 -31.50 -31.89
CA MET B 76 2.38 -32.26 -30.72
C MET B 76 2.73 -31.56 -29.42
N ASN B 77 3.72 -30.68 -29.40
CA ASN B 77 4.07 -29.99 -28.17
C ASN B 77 3.38 -28.65 -28.23
N HIS B 78 2.30 -28.48 -27.43
CA HIS B 78 1.47 -27.26 -27.43
C HIS B 78 2.07 -26.15 -26.57
N ALA B 79 3.40 -26.02 -26.56
CA ALA B 79 4.10 -25.03 -25.74
C ALA B 79 3.99 -23.63 -26.30
N THR B 80 4.59 -22.64 -25.60
CA THR B 80 4.66 -21.23 -26.01
C THR B 80 5.52 -21.11 -27.26
N THR B 81 5.19 -20.16 -28.15
CA THR B 81 5.94 -19.88 -29.38
C THR B 81 7.43 -19.64 -29.07
N GLU B 82 7.70 -18.98 -27.92
CA GLU B 82 9.06 -18.76 -27.44
C GLU B 82 9.70 -20.09 -26.95
N GLU B 83 8.94 -20.92 -26.20
CA GLU B 83 9.41 -22.20 -25.69
C GLU B 83 9.81 -23.09 -26.85
N LEU B 84 8.95 -23.14 -27.90
CA LEU B 84 9.14 -23.91 -29.13
C LEU B 84 10.36 -23.41 -29.89
N TYR B 85 10.56 -22.08 -29.94
CA TYR B 85 11.74 -21.50 -30.59
C TYR B 85 13.00 -21.96 -29.89
N GLN B 86 13.01 -21.86 -28.54
CA GLN B 86 14.14 -22.21 -27.69
C GLN B 86 14.51 -23.69 -27.76
N LEU B 87 13.51 -24.57 -27.92
CA LEU B 87 13.73 -26.01 -28.09
C LEU B 87 14.44 -26.29 -29.42
N ALA B 88 13.92 -25.66 -30.53
CA ALA B 88 14.42 -25.76 -31.90
C ALA B 88 15.89 -25.32 -31.92
N VAL B 89 16.20 -24.20 -31.22
CA VAL B 89 17.58 -23.70 -31.14
C VAL B 89 18.45 -24.72 -30.39
N LYS B 90 17.96 -25.23 -29.25
CA LYS B 90 18.63 -26.25 -28.41
C LYS B 90 19.00 -27.50 -29.25
N GLU B 91 18.14 -27.89 -30.22
CA GLU B 91 18.40 -29.03 -31.10
C GLU B 91 19.56 -28.76 -32.06
N GLY B 92 19.68 -27.51 -32.49
CA GLY B 92 20.76 -27.06 -33.35
C GLY B 92 22.05 -26.97 -32.56
N ASP B 93 21.94 -26.49 -31.30
CA ASP B 93 23.07 -26.35 -30.36
C ASP B 93 23.72 -27.75 -30.18
N GLU B 94 22.88 -28.74 -29.88
CA GLU B 94 23.28 -30.11 -29.63
C GLU B 94 23.84 -30.82 -30.87
N TRP B 95 23.31 -30.50 -32.07
CA TRP B 95 23.83 -31.09 -33.32
C TRP B 95 25.27 -30.62 -33.53
N LEU B 96 25.50 -29.30 -33.29
CA LEU B 96 26.81 -28.71 -33.43
C LEU B 96 27.81 -29.36 -32.46
N LYS B 97 27.39 -29.70 -31.22
CA LYS B 97 28.21 -30.36 -30.20
C LYS B 97 28.61 -31.76 -30.72
N ARG B 98 27.58 -32.54 -31.08
CA ARG B 98 27.65 -33.91 -31.59
C ARG B 98 28.52 -34.01 -32.84
N ASN B 99 28.41 -33.02 -33.76
CA ASN B 99 29.06 -33.18 -35.06
C ASN B 99 30.27 -32.28 -35.33
N GLN B 100 30.68 -31.49 -34.31
CA GLN B 100 31.87 -30.62 -34.37
C GLN B 100 33.12 -31.48 -34.75
N ARG B 101 33.24 -32.68 -34.13
CA ARG B 101 34.26 -33.70 -34.33
C ARG B 101 34.53 -33.99 -35.80
N PHE B 102 33.44 -34.02 -36.63
CA PHE B 102 33.51 -34.35 -38.04
C PHE B 102 33.76 -33.18 -38.96
N TYR B 103 32.97 -32.09 -38.87
CA TYR B 103 33.18 -30.98 -39.78
C TYR B 103 34.48 -30.25 -39.56
N LYS B 104 35.06 -30.32 -38.34
CA LYS B 104 36.35 -29.66 -38.07
C LYS B 104 37.46 -30.25 -38.98
N GLN B 105 37.26 -31.51 -39.41
CA GLN B 105 38.18 -32.21 -40.29
C GLN B 105 38.13 -31.74 -41.75
N LEU B 106 37.36 -30.70 -42.04
CA LEU B 106 37.31 -30.14 -43.39
C LEU B 106 38.56 -29.34 -43.62
N THR B 107 39.25 -29.66 -44.70
CA THR B 107 40.51 -29.04 -45.15
C THR B 107 40.20 -27.92 -46.14
N ILE B 108 39.05 -28.00 -46.83
CA ILE B 108 38.62 -26.95 -47.76
C ILE B 108 38.04 -25.77 -46.96
N PRO B 109 37.99 -24.54 -47.51
CA PRO B 109 37.41 -23.43 -46.73
C PRO B 109 35.92 -23.70 -46.45
N PHE B 110 35.54 -23.61 -45.17
CA PHE B 110 34.17 -23.83 -44.78
C PHE B 110 33.61 -22.77 -43.81
N GLU B 111 32.27 -22.71 -43.72
CA GLU B 111 31.51 -21.74 -42.92
C GLU B 111 30.34 -22.48 -42.31
N ILE B 112 30.03 -22.18 -41.04
CA ILE B 112 28.90 -22.83 -40.35
C ILE B 112 27.88 -21.75 -40.09
N MET B 113 26.71 -21.90 -40.71
CA MET B 113 25.61 -20.96 -40.54
C MET B 113 24.47 -21.65 -39.84
N ARG B 114 23.51 -20.84 -39.34
CA ARG B 114 22.34 -21.34 -38.61
C ARG B 114 21.11 -20.73 -39.21
N TRP B 115 19.95 -21.41 -39.08
CA TRP B 115 18.68 -20.97 -39.68
C TRP B 115 18.37 -19.49 -39.51
N ASP B 116 18.50 -18.96 -38.28
CA ASP B 116 18.21 -17.58 -37.94
C ASP B 116 19.01 -16.57 -38.76
N ASP B 117 20.23 -16.94 -39.21
CA ASP B 117 21.08 -16.06 -40.03
C ASP B 117 20.38 -15.69 -41.33
N TRP B 118 19.49 -16.57 -41.81
CA TRP B 118 18.74 -16.39 -43.05
C TRP B 118 17.36 -15.80 -42.78
N TYR B 119 16.64 -16.33 -41.77
CA TYR B 119 15.31 -15.86 -41.41
C TYR B 119 15.28 -14.37 -41.04
N ASN B 120 16.34 -13.89 -40.40
CA ASN B 120 16.49 -12.53 -39.93
C ASN B 120 17.07 -11.62 -41.01
N SER B 121 17.31 -12.17 -42.23
CA SER B 121 17.78 -11.36 -43.37
C SER B 121 16.77 -10.24 -43.68
N PRO B 122 17.28 -9.05 -44.07
CA PRO B 122 16.39 -7.92 -44.42
C PRO B 122 15.43 -8.31 -45.54
N ASN B 123 15.92 -9.20 -46.47
CA ASN B 123 15.20 -9.68 -47.65
C ASN B 123 14.23 -10.81 -47.37
N TYR B 124 14.19 -11.33 -46.12
CA TYR B 124 13.30 -12.46 -45.85
C TYR B 124 11.84 -12.16 -46.15
N ILE B 125 11.31 -11.06 -45.57
CA ILE B 125 9.89 -10.72 -45.66
C ILE B 125 9.43 -10.68 -47.11
N ASN B 126 10.15 -9.97 -47.99
CA ASN B 126 9.78 -9.89 -49.39
C ASN B 126 9.75 -11.24 -50.04
N SER B 127 10.73 -12.11 -49.69
CA SER B 127 10.90 -13.49 -50.17
C SER B 127 9.72 -14.33 -49.75
N HIS B 128 9.27 -14.11 -48.51
CA HIS B 128 8.15 -14.78 -47.89
C HIS B 128 6.87 -14.43 -48.63
N LEU B 129 6.71 -13.13 -49.00
CA LEU B 129 5.55 -12.63 -49.75
C LEU B 129 5.52 -13.26 -51.15
N ARG B 130 6.70 -13.34 -51.82
CA ARG B 130 6.89 -13.94 -53.14
C ARG B 130 6.46 -15.41 -53.15
N VAL B 131 6.87 -16.14 -52.09
CA VAL B 131 6.55 -17.58 -51.95
C VAL B 131 5.04 -17.70 -51.69
N GLN B 132 4.52 -16.84 -50.79
CA GLN B 132 3.10 -16.78 -50.43
C GLN B 132 2.25 -16.55 -51.69
N LYS B 133 2.67 -15.59 -52.56
CA LYS B 133 2.04 -15.25 -53.83
C LYS B 133 1.99 -16.47 -54.76
N GLU B 134 3.14 -17.12 -54.99
CA GLU B 134 3.22 -18.31 -55.84
C GLU B 134 2.33 -19.45 -55.34
N TYR B 135 2.17 -19.59 -54.01
CA TYR B 135 1.30 -20.63 -53.43
C TYR B 135 -0.15 -20.34 -53.82
N ASP B 136 -0.54 -19.05 -53.77
CA ASP B 136 -1.89 -18.59 -54.09
C ASP B 136 -2.18 -18.67 -55.60
N THR B 137 -1.33 -18.01 -56.45
CA THR B 137 -1.46 -17.97 -57.91
C THR B 137 -1.20 -19.35 -58.59
N ASN B 138 0.07 -19.85 -58.59
CA ASN B 138 0.50 -21.11 -59.20
C ASN B 138 0.01 -22.38 -58.46
N LYS B 139 -0.92 -23.13 -59.10
CA LYS B 139 -1.53 -24.33 -58.52
C LYS B 139 -0.61 -25.53 -58.50
N ALA B 140 0.34 -25.60 -59.47
CA ALA B 140 1.33 -26.70 -59.53
C ALA B 140 2.18 -26.67 -58.25
N PHE B 141 2.63 -25.44 -57.89
CA PHE B 141 3.42 -25.14 -56.71
C PHE B 141 2.62 -25.47 -55.46
N GLN B 142 1.33 -25.09 -55.44
CA GLN B 142 0.39 -25.32 -54.35
C GLN B 142 0.25 -26.83 -54.10
N ASN B 143 0.11 -27.61 -55.20
CA ASN B 143 -0.06 -29.05 -55.14
C ASN B 143 1.15 -29.75 -54.60
N ALA B 144 2.36 -29.27 -55.02
CA ALA B 144 3.67 -29.78 -54.56
C ALA B 144 3.81 -29.59 -53.05
N ILE B 145 3.48 -28.39 -52.51
CA ILE B 145 3.51 -28.08 -51.10
C ILE B 145 2.56 -29.02 -50.33
N HIS B 146 1.31 -29.18 -50.83
CA HIS B 146 0.31 -30.05 -50.22
C HIS B 146 0.77 -31.51 -50.18
N ALA B 147 1.41 -31.97 -51.27
CA ALA B 147 1.96 -33.32 -51.39
C ALA B 147 3.06 -33.51 -50.34
N ASN B 148 3.93 -32.48 -50.20
CA ASN B 148 5.01 -32.45 -49.24
C ASN B 148 4.46 -32.55 -47.82
N ILE B 149 3.35 -31.82 -47.53
CA ILE B 149 2.70 -31.88 -46.23
C ILE B 149 2.30 -33.35 -45.89
N ASP B 150 1.65 -34.04 -46.86
CA ASP B 150 1.21 -35.44 -46.70
C ASP B 150 2.36 -36.37 -46.43
N ASP B 151 3.42 -36.25 -47.26
CA ASP B 151 4.65 -37.05 -47.18
C ASP B 151 5.31 -36.88 -45.82
N PHE B 152 5.43 -35.62 -45.35
CA PHE B 152 6.05 -35.30 -44.08
C PHE B 152 5.25 -35.78 -42.90
N LEU B 153 3.95 -35.47 -42.84
CA LEU B 153 3.13 -35.81 -41.69
C LEU B 153 2.91 -37.33 -41.52
N THR B 154 2.80 -38.08 -42.63
CA THR B 154 2.63 -39.53 -42.57
C THR B 154 3.84 -40.18 -41.90
N ARG B 155 5.03 -39.58 -42.10
CA ARG B 155 6.29 -40.02 -41.50
C ARG B 155 6.44 -39.50 -40.06
N TYR B 156 6.33 -38.15 -39.86
CA TYR B 156 6.48 -37.46 -38.58
C TYR B 156 5.51 -37.95 -37.49
N LEU B 157 4.24 -38.14 -37.85
CA LEU B 157 3.17 -38.55 -36.95
C LEU B 157 2.84 -40.03 -37.06
N SER B 158 3.80 -40.85 -37.50
CA SER B 158 3.61 -42.31 -37.66
C SER B 158 3.43 -43.02 -36.31
N ARG B 159 4.13 -42.56 -35.26
CA ARG B 159 4.07 -43.13 -33.91
C ARG B 159 2.91 -42.60 -33.06
N PHE B 160 1.91 -41.97 -33.68
CA PHE B 160 0.74 -41.44 -32.99
C PHE B 160 -0.55 -41.94 -33.62
N SER B 161 -1.54 -42.26 -32.79
CA SER B 161 -2.85 -42.67 -33.27
C SER B 161 -3.55 -41.41 -33.82
N PRO B 162 -4.26 -41.48 -34.97
CA PRO B 162 -4.91 -40.26 -35.53
C PRO B 162 -5.85 -39.56 -34.55
N ALA B 163 -6.31 -40.29 -33.54
CA ALA B 163 -7.19 -39.81 -32.49
C ALA B 163 -6.55 -38.72 -31.60
N ASP B 164 -5.22 -38.82 -31.37
CA ASP B 164 -4.46 -37.91 -30.50
C ASP B 164 -3.82 -36.72 -31.22
N VAL B 165 -4.00 -36.66 -32.55
CA VAL B 165 -3.44 -35.64 -33.43
C VAL B 165 -4.49 -34.61 -33.87
N ASP B 166 -4.19 -33.32 -33.66
CA ASP B 166 -5.02 -32.22 -34.16
C ASP B 166 -4.56 -32.05 -35.61
N HIS B 167 -5.29 -32.65 -36.56
CA HIS B 167 -4.96 -32.65 -37.97
C HIS B 167 -5.02 -31.28 -38.61
N GLU B 168 -5.85 -30.41 -38.04
CA GLU B 168 -6.02 -29.01 -38.47
C GLU B 168 -4.73 -28.25 -38.18
N ARG B 169 -4.17 -28.47 -36.98
CA ARG B 169 -2.93 -27.86 -36.46
C ARG B 169 -1.73 -28.36 -37.25
N ALA B 170 -1.62 -29.69 -37.37
CA ALA B 170 -0.55 -30.40 -38.06
C ALA B 170 -0.38 -29.83 -39.45
N PHE B 171 -1.49 -29.62 -40.18
CA PHE B 171 -1.45 -29.04 -41.52
C PHE B 171 -0.95 -27.58 -41.50
N ARG B 172 -1.56 -26.76 -40.64
CA ARG B 172 -1.25 -25.33 -40.53
C ARG B 172 0.22 -25.06 -40.23
N LEU B 173 0.77 -25.74 -39.21
CA LEU B 173 2.15 -25.60 -38.78
C LEU B 173 3.12 -26.14 -39.81
N CYS B 174 2.79 -27.28 -40.46
CA CYS B 174 3.60 -27.89 -41.50
C CYS B 174 3.69 -26.96 -42.71
N LEU B 175 2.60 -26.23 -43.01
CA LEU B 175 2.54 -25.28 -44.10
C LEU B 175 3.47 -24.11 -43.77
N ASP B 176 3.45 -23.65 -42.50
CA ASP B 176 4.26 -22.52 -42.02
C ASP B 176 5.71 -22.90 -42.18
N TYR B 177 6.03 -24.17 -41.83
CA TYR B 177 7.37 -24.74 -41.92
C TYR B 177 7.85 -24.72 -43.36
N LEU B 178 7.03 -25.24 -44.28
CA LEU B 178 7.39 -25.32 -45.69
C LEU B 178 7.50 -23.95 -46.38
N ILE B 179 6.64 -22.99 -46.01
CA ILE B 179 6.69 -21.65 -46.58
C ILE B 179 7.99 -20.94 -46.12
N GLU B 180 8.38 -21.15 -44.84
CA GLU B 180 9.61 -20.56 -44.27
C GLU B 180 10.81 -21.16 -45.01
N GLU B 181 10.85 -22.52 -45.14
CA GLU B 181 11.91 -23.27 -45.81
C GLU B 181 12.13 -22.78 -47.23
N CYS B 182 11.05 -22.56 -47.98
CA CYS B 182 11.12 -22.11 -49.38
C CYS B 182 11.56 -20.63 -49.54
N SER B 183 11.14 -19.73 -48.63
CA SER B 183 11.46 -18.30 -48.67
C SER B 183 12.93 -18.09 -48.32
N VAL B 184 13.46 -18.94 -47.40
CA VAL B 184 14.87 -18.92 -47.01
C VAL B 184 15.67 -19.50 -48.17
N MET B 185 15.16 -20.58 -48.81
CA MET B 185 15.81 -21.19 -49.96
C MET B 185 16.08 -20.16 -51.07
N CYS B 186 15.11 -19.28 -51.35
CA CYS B 186 15.24 -18.26 -52.39
C CYS B 186 16.36 -17.29 -52.11
N LEU B 187 16.57 -16.99 -50.82
CA LEU B 187 17.59 -16.09 -50.32
C LEU B 187 18.99 -16.62 -50.60
N TRP B 188 19.18 -17.95 -50.69
CA TRP B 188 20.49 -18.58 -50.84
C TRP B 188 21.29 -18.13 -52.05
N THR B 189 20.61 -17.68 -53.13
CA THR B 189 21.22 -17.20 -54.37
C THR B 189 22.14 -15.99 -54.08
N GLU B 190 21.82 -15.22 -53.00
CA GLU B 190 22.60 -14.08 -52.53
C GLU B 190 24.09 -14.47 -52.32
N GLN B 191 24.35 -15.70 -51.80
CA GLN B 191 25.70 -16.19 -51.51
C GLN B 191 26.27 -17.05 -52.64
N LYS B 192 25.60 -17.07 -53.78
CA LYS B 192 26.06 -17.67 -55.02
C LYS B 192 26.60 -19.12 -54.90
N TYR B 193 25.90 -19.97 -54.15
CA TYR B 193 26.24 -21.38 -53.95
C TYR B 193 25.96 -22.10 -55.25
N ASP B 194 26.97 -22.75 -55.85
CA ASP B 194 26.82 -23.44 -57.12
C ASP B 194 25.96 -24.70 -56.98
N PHE B 195 26.20 -25.51 -55.92
CA PHE B 195 25.49 -26.74 -55.67
C PHE B 195 24.89 -26.85 -54.27
N GLU B 196 23.74 -27.52 -54.17
CA GLU B 196 23.06 -27.77 -52.90
C GLU B 196 23.10 -29.26 -52.68
N VAL B 197 23.90 -29.68 -51.67
CA VAL B 197 24.13 -31.09 -51.30
C VAL B 197 23.17 -31.52 -50.16
N TYR B 198 22.19 -32.38 -50.53
CA TYR B 198 21.24 -32.99 -49.61
C TYR B 198 21.27 -34.51 -49.84
N PRO B 199 21.69 -35.37 -48.87
CA PRO B 199 21.87 -36.81 -49.15
C PRO B 199 20.69 -37.50 -49.78
N SER B 200 19.50 -37.43 -49.15
CA SER B 200 18.25 -37.95 -49.74
C SER B 200 17.83 -36.88 -50.74
N GLY B 201 16.69 -37.00 -51.37
CA GLY B 201 16.34 -35.94 -52.30
C GLY B 201 16.00 -34.58 -51.69
N ARG B 202 15.66 -33.66 -52.57
CA ARG B 202 15.11 -32.36 -52.25
C ARG B 202 13.63 -32.69 -52.04
N ASN B 203 13.01 -32.15 -50.99
CA ASN B 203 11.60 -32.41 -50.78
C ASN B 203 10.76 -31.74 -51.87
N LYS B 204 9.50 -32.19 -52.07
CA LYS B 204 8.61 -31.68 -53.13
C LYS B 204 8.51 -30.13 -53.19
N ALA B 205 8.33 -29.47 -52.05
CA ALA B 205 8.19 -28.02 -51.95
C ALA B 205 9.44 -27.28 -52.43
N MET B 206 10.63 -27.70 -51.96
CA MET B 206 11.91 -27.10 -52.34
C MET B 206 12.24 -27.34 -53.81
N ALA B 207 11.89 -28.53 -54.33
CA ALA B 207 12.07 -28.89 -55.73
C ALA B 207 11.20 -27.95 -56.58
N ALA B 208 9.95 -27.70 -56.13
CA ALA B 208 9.01 -26.81 -56.81
C ALA B 208 9.51 -25.36 -56.81
N THR B 209 10.05 -24.91 -55.67
CA THR B 209 10.58 -23.55 -55.50
C THR B 209 11.75 -23.33 -56.43
N TYR B 210 12.66 -24.35 -56.57
CA TYR B 210 13.80 -24.26 -57.48
C TYR B 210 13.28 -24.11 -58.88
N GLU B 211 12.30 -24.99 -59.25
CA GLU B 211 11.67 -25.00 -60.57
C GLU B 211 11.05 -23.67 -60.98
N PHE B 212 10.16 -23.11 -60.15
CA PHE B 212 9.41 -21.88 -60.43
C PHE B 212 10.05 -20.56 -60.04
N LEU B 213 10.78 -20.50 -58.91
CA LEU B 213 11.31 -19.24 -58.42
C LEU B 213 12.82 -19.04 -58.49
N ILE B 214 13.60 -20.14 -58.52
CA ILE B 214 15.07 -20.00 -58.48
C ILE B 214 15.76 -20.26 -59.86
N LYS B 215 15.68 -21.50 -60.41
CA LYS B 215 16.30 -21.92 -61.68
C LYS B 215 16.09 -20.92 -62.80
N PRO B 216 14.85 -20.39 -63.06
CA PRO B 216 14.70 -19.40 -64.13
C PRO B 216 15.60 -18.19 -64.05
N HIS B 217 15.93 -17.70 -62.84
CA HIS B 217 16.74 -16.49 -62.69
C HIS B 217 18.25 -16.75 -62.48
N HIS B 218 18.62 -17.90 -61.89
CA HIS B 218 20.02 -18.30 -61.66
C HIS B 218 20.12 -19.80 -61.82
N PRO B 219 20.36 -20.31 -63.01
CA PRO B 219 20.40 -21.77 -63.18
C PRO B 219 21.72 -22.41 -62.73
N ASN B 220 22.76 -21.58 -62.57
CA ASN B 220 24.09 -22.02 -62.17
C ASN B 220 24.33 -21.87 -60.65
N TYR B 221 23.23 -21.75 -59.90
CA TYR B 221 23.19 -21.72 -58.44
C TYR B 221 22.25 -22.81 -57.95
N LEU B 222 22.53 -23.29 -56.75
CA LEU B 222 21.73 -24.30 -56.06
C LEU B 222 21.41 -25.53 -56.93
N ARG B 223 22.37 -25.98 -57.77
CA ARG B 223 22.18 -27.18 -58.61
C ARG B 223 22.17 -28.40 -57.67
N PRO B 224 21.05 -29.16 -57.62
CA PRO B 224 20.95 -30.23 -56.61
C PRO B 224 21.93 -31.39 -56.78
N VAL B 225 22.46 -31.85 -55.64
CA VAL B 225 23.37 -32.99 -55.51
C VAL B 225 22.80 -33.96 -54.41
N ALA B 226 22.51 -35.20 -54.77
CA ALA B 226 22.02 -36.22 -53.85
C ALA B 226 23.10 -37.27 -53.67
N LEU B 227 23.01 -38.04 -52.59
CA LEU B 227 24.04 -39.02 -52.28
C LEU B 227 23.53 -40.44 -52.18
N ARG B 228 24.49 -41.36 -52.17
CA ARG B 228 24.28 -42.80 -52.10
C ARG B 228 25.31 -43.25 -51.02
N PHE B 229 24.85 -44.02 -49.97
CA PHE B 229 25.72 -44.54 -48.92
C PHE B 229 25.89 -46.05 -49.07
N LYS B 230 27.11 -46.58 -48.78
CA LYS B 230 27.48 -48.01 -48.84
C LYS B 230 28.54 -48.27 -47.77
N LYS B 231 28.59 -49.50 -47.20
CA LYS B 231 29.62 -49.90 -46.23
C LYS B 231 30.70 -50.83 -46.91
N TYR B 232 31.97 -50.83 -46.39
CA TYR B 232 33.13 -51.61 -46.89
C TYR B 232 33.93 -52.35 -45.79
N ARG C 8 25.86 -50.86 -8.12
CA ARG C 8 25.98 -51.19 -9.55
C ARG C 8 25.23 -52.52 -9.96
N ILE C 9 24.23 -52.92 -9.15
CA ILE C 9 23.39 -54.11 -9.36
C ILE C 9 22.24 -53.74 -10.35
N VAL C 10 21.81 -54.70 -11.21
CA VAL C 10 20.76 -54.42 -12.22
C VAL C 10 19.35 -54.68 -11.68
N LYS C 11 18.42 -53.74 -11.92
CA LYS C 11 17.02 -53.87 -11.51
C LYS C 11 16.07 -53.80 -12.71
N ALA C 12 15.11 -54.74 -12.75
CA ALA C 12 14.06 -54.87 -13.78
C ALA C 12 12.72 -54.36 -13.27
N SER C 13 12.04 -53.59 -14.10
CA SER C 13 10.75 -53.01 -13.80
C SER C 13 9.83 -53.17 -15.00
N PHE C 14 8.50 -53.12 -14.80
CA PHE C 14 7.56 -53.21 -15.93
C PHE C 14 7.53 -51.90 -16.72
N ARG C 15 7.19 -52.00 -17.98
CA ARG C 15 7.05 -50.80 -18.78
C ARG C 15 5.77 -50.92 -19.56
N GLU C 16 5.10 -49.80 -19.79
CA GLU C 16 3.87 -49.70 -20.59
C GLU C 16 2.62 -50.45 -20.01
N ASN C 17 2.78 -51.42 -19.05
CA ASN C 17 1.61 -52.15 -18.51
C ASN C 17 0.82 -51.30 -17.49
N PRO C 18 -0.44 -50.97 -17.82
CA PRO C 18 -1.27 -50.13 -16.94
C PRO C 18 -1.56 -50.74 -15.60
N VAL C 19 -1.87 -49.89 -14.59
CA VAL C 19 -2.18 -50.31 -13.21
C VAL C 19 -3.29 -51.35 -13.17
N GLU C 20 -4.28 -51.18 -14.05
CA GLU C 20 -5.44 -52.08 -14.18
C GLU C 20 -5.02 -53.49 -14.64
N GLU C 21 -3.93 -53.57 -15.42
CA GLU C 21 -3.36 -54.83 -15.91
C GLU C 21 -2.43 -55.41 -14.82
N ARG C 22 -1.51 -54.57 -14.30
CA ARG C 22 -0.54 -54.94 -13.26
C ARG C 22 -1.16 -55.46 -11.98
N LYS C 23 -2.42 -55.06 -11.67
CA LYS C 23 -3.11 -55.49 -10.47
C LYS C 23 -3.41 -56.99 -10.52
N LEU C 24 -3.55 -57.52 -11.75
CA LEU C 24 -3.83 -58.93 -12.03
C LEU C 24 -2.59 -59.85 -11.84
N PHE C 25 -1.40 -59.33 -12.16
CA PHE C 25 -0.13 -60.08 -12.10
C PHE C 25 0.04 -61.00 -10.89
N PRO C 26 -0.25 -60.58 -9.63
CA PRO C 26 -0.03 -61.50 -8.49
C PRO C 26 -0.88 -62.76 -8.47
N GLN C 27 -2.01 -62.74 -9.18
CA GLN C 27 -2.91 -63.89 -9.26
C GLN C 27 -2.91 -64.52 -10.69
N SER C 28 -1.96 -64.07 -11.54
CA SER C 28 -1.84 -64.51 -12.93
C SER C 28 -0.61 -65.36 -13.20
N SER C 29 -0.66 -66.10 -14.32
CA SER C 29 0.40 -66.97 -14.83
C SER C 29 1.12 -66.26 -15.96
N CYS C 30 2.42 -66.54 -16.12
CA CYS C 30 3.18 -65.94 -17.20
C CYS C 30 4.10 -66.92 -17.93
N LEU C 31 4.36 -66.61 -19.18
CA LEU C 31 5.26 -67.36 -20.03
C LEU C 31 6.49 -66.50 -20.33
N MET C 32 7.68 -67.07 -20.16
CA MET C 32 8.92 -66.34 -20.44
C MET C 32 9.64 -67.00 -21.61
N PRO C 33 9.32 -66.61 -22.88
CA PRO C 33 10.05 -67.19 -24.01
C PRO C 33 11.49 -66.65 -24.01
N ILE C 34 12.46 -67.54 -24.24
CA ILE C 34 13.88 -67.21 -24.23
C ILE C 34 14.54 -67.34 -25.61
N SER C 35 14.89 -66.22 -26.25
CA SER C 35 15.63 -66.29 -27.52
C SER C 35 17.07 -66.40 -27.06
N VAL C 36 17.56 -67.67 -26.95
CA VAL C 36 18.83 -68.11 -26.34
C VAL C 36 20.02 -67.15 -26.58
N GLY C 37 20.30 -66.80 -27.83
CA GLY C 37 21.41 -65.91 -28.18
C GLY C 37 21.51 -64.57 -27.47
N GLN C 38 20.36 -63.97 -27.13
CA GLN C 38 20.23 -62.64 -26.52
C GLN C 38 20.82 -62.48 -25.13
N ALA C 39 21.36 -61.29 -24.89
CA ALA C 39 21.98 -60.86 -23.64
C ALA C 39 20.97 -60.61 -22.53
N ILE C 40 19.73 -60.21 -22.90
CA ILE C 40 18.64 -59.94 -21.94
C ILE C 40 18.25 -61.19 -21.14
N HIS C 41 18.66 -62.40 -21.66
CA HIS C 41 18.41 -63.71 -21.07
C HIS C 41 19.64 -64.24 -20.36
N GLU C 42 20.66 -63.37 -20.13
CA GLU C 42 21.89 -63.78 -19.45
C GLU C 42 22.27 -62.88 -18.27
N ASP C 43 22.97 -63.51 -17.31
CA ASP C 43 23.62 -62.92 -16.13
C ASP C 43 22.75 -61.92 -15.37
N GLU C 44 23.33 -60.75 -15.02
CA GLU C 44 22.74 -59.64 -14.26
C GLU C 44 21.29 -59.35 -14.69
N LYS C 45 21.08 -59.22 -16.02
CA LYS C 45 19.80 -58.96 -16.65
C LYS C 45 18.78 -60.07 -16.43
N PHE C 46 19.17 -61.34 -16.62
CA PHE C 46 18.26 -62.48 -16.40
C PHE C 46 17.83 -62.59 -14.93
N ALA C 47 18.77 -62.39 -14.02
CA ALA C 47 18.56 -62.47 -12.59
C ALA C 47 17.53 -61.46 -12.12
N ALA C 48 17.64 -60.21 -12.66
CA ALA C 48 16.76 -59.08 -12.34
C ALA C 48 15.35 -59.46 -12.69
N VAL C 49 15.16 -60.15 -13.86
CA VAL C 49 13.86 -60.67 -14.36
C VAL C 49 13.29 -61.73 -13.43
N ILE C 50 14.12 -62.71 -13.02
CA ILE C 50 13.72 -63.71 -12.03
C ILE C 50 13.18 -62.98 -10.76
N LYS C 51 13.98 -62.03 -10.19
CA LYS C 51 13.61 -61.27 -8.99
C LYS C 51 12.26 -60.63 -9.13
N LEU C 52 12.03 -59.96 -10.28
CA LEU C 52 10.77 -59.27 -10.56
C LEU C 52 9.61 -60.25 -10.73
N ILE C 53 9.79 -61.29 -11.54
CA ILE C 53 8.78 -62.32 -11.77
C ILE C 53 8.34 -62.97 -10.46
N ASN C 54 9.33 -63.39 -9.65
CA ASN C 54 9.10 -64.01 -8.34
C ASN C 54 8.23 -63.13 -7.47
N ALA C 55 8.59 -61.85 -7.39
CA ALA C 55 7.94 -60.84 -6.62
C ALA C 55 6.52 -60.45 -7.11
N SER C 56 6.23 -60.56 -8.41
CA SER C 56 4.95 -60.07 -8.89
C SER C 56 3.97 -61.07 -9.56
N PHE C 57 4.36 -62.32 -9.85
CA PHE C 57 3.43 -63.27 -10.50
C PHE C 57 3.06 -64.48 -9.62
N LYS C 58 1.90 -65.11 -9.94
CA LYS C 58 1.40 -66.29 -9.23
C LYS C 58 2.27 -67.50 -9.55
N GLN C 59 2.41 -67.84 -10.85
CA GLN C 59 3.20 -68.96 -11.36
C GLN C 59 3.88 -68.58 -12.69
N CYS C 60 5.03 -69.19 -12.98
CA CYS C 60 5.77 -68.88 -14.20
C CYS C 60 6.23 -70.11 -14.95
N THR C 61 6.36 -70.02 -16.28
CA THR C 61 6.91 -71.10 -17.08
C THR C 61 7.84 -70.47 -18.11
N ILE C 62 9.11 -70.96 -18.15
CA ILE C 62 10.21 -70.53 -19.01
C ILE C 62 10.33 -71.46 -20.21
N LEU C 63 10.26 -70.92 -21.44
CA LEU C 63 10.35 -71.68 -22.70
C LEU C 63 11.69 -71.39 -23.35
N VAL C 64 12.48 -72.42 -23.58
CA VAL C 64 13.78 -72.26 -24.21
C VAL C 64 13.59 -72.37 -25.75
N ASP C 65 13.61 -71.22 -26.48
CA ASP C 65 13.46 -71.20 -27.95
C ASP C 65 14.81 -71.62 -28.52
N ASP C 66 15.09 -72.95 -28.54
CA ASP C 66 16.38 -73.49 -29.01
C ASP C 66 16.35 -74.09 -30.41
N SER C 67 15.57 -75.15 -30.63
CA SER C 67 15.53 -75.84 -31.91
C SER C 67 15.02 -74.96 -33.05
N VAL C 68 14.34 -73.81 -32.78
CA VAL C 68 13.94 -72.87 -33.84
C VAL C 68 15.18 -72.28 -34.48
N GLN C 69 16.21 -72.00 -33.65
CA GLN C 69 17.46 -71.39 -34.06
C GLN C 69 18.16 -72.15 -35.17
N ARG C 70 17.82 -73.43 -35.37
CA ARG C 70 18.35 -74.25 -36.45
C ARG C 70 18.19 -73.53 -37.81
N HIS C 71 17.05 -72.81 -38.03
CA HIS C 71 16.77 -72.05 -39.25
C HIS C 71 17.75 -70.89 -39.43
N THR C 72 17.93 -70.05 -38.39
CA THR C 72 18.81 -68.87 -38.40
C THR C 72 20.31 -69.25 -38.43
N ILE C 73 20.73 -70.26 -37.61
CA ILE C 73 22.11 -70.78 -37.54
C ILE C 73 22.54 -71.16 -38.96
N GLY C 74 21.60 -71.83 -39.64
CA GLY C 74 21.75 -72.31 -40.99
C GLY C 74 21.82 -71.27 -42.09
N ILE C 75 21.73 -69.95 -41.77
CA ILE C 75 21.82 -68.92 -42.81
C ILE C 75 23.27 -68.88 -43.35
N MET C 76 24.24 -68.77 -42.44
CA MET C 76 25.65 -68.72 -42.77
C MET C 76 26.35 -70.06 -42.60
N ASN C 77 25.83 -70.95 -41.74
CA ASN C 77 26.41 -72.28 -41.58
C ASN C 77 25.65 -73.23 -42.51
N HIS C 78 26.28 -73.62 -43.62
CA HIS C 78 25.68 -74.49 -44.64
C HIS C 78 25.76 -75.99 -44.30
N ALA C 79 25.72 -76.32 -42.98
CA ALA C 79 25.76 -77.71 -42.51
C ALA C 79 24.47 -78.49 -42.82
N THR C 80 24.46 -79.80 -42.49
CA THR C 80 23.33 -80.73 -42.66
C THR C 80 22.18 -80.26 -41.75
N THR C 81 20.92 -80.48 -42.19
CA THR C 81 19.71 -80.17 -41.42
C THR C 81 19.80 -80.75 -40.00
N GLU C 82 20.36 -81.98 -39.89
CA GLU C 82 20.58 -82.67 -38.62
C GLU C 82 21.68 -81.98 -37.81
N GLU C 83 22.79 -81.59 -38.47
CA GLU C 83 23.92 -80.91 -37.82
C GLU C 83 23.44 -79.60 -37.19
N LEU C 84 22.65 -78.81 -37.97
CA LEU C 84 22.04 -77.54 -37.58
C LEU C 84 21.08 -77.73 -36.43
N TYR C 85 20.26 -78.82 -36.47
CA TYR C 85 19.33 -79.12 -35.37
C TYR C 85 20.10 -79.38 -34.10
N GLN C 86 21.15 -80.23 -34.17
CA GLN C 86 21.96 -80.62 -33.02
C GLN C 86 22.73 -79.45 -32.39
N LEU C 87 23.14 -78.46 -33.22
CA LEU C 87 23.80 -77.22 -32.77
C LEU C 87 22.81 -76.39 -31.96
N ALA C 88 21.58 -76.18 -32.54
CA ALA C 88 20.46 -75.43 -31.96
C ALA C 88 20.08 -76.00 -30.60
N VAL C 89 20.01 -77.34 -30.49
CA VAL C 89 19.72 -78.02 -29.23
C VAL C 89 20.86 -77.76 -28.23
N LYS C 90 22.13 -77.88 -28.69
CA LYS C 90 23.35 -77.65 -27.91
C LYS C 90 23.32 -76.24 -27.28
N GLU C 91 22.80 -75.23 -28.03
CA GLU C 91 22.66 -73.85 -27.54
C GLU C 91 21.65 -73.72 -26.39
N GLY C 92 20.57 -74.49 -26.47
CA GLY C 92 19.56 -74.57 -25.41
C GLY C 92 20.07 -75.34 -24.22
N ASP C 93 20.90 -76.37 -24.46
CA ASP C 93 21.52 -77.19 -23.41
C ASP C 93 22.43 -76.28 -22.55
N GLU C 94 23.30 -75.51 -23.22
CA GLU C 94 24.25 -74.60 -22.60
C GLU C 94 23.57 -73.43 -21.88
N TRP C 95 22.43 -72.90 -22.41
CA TRP C 95 21.69 -71.81 -21.77
C TRP C 95 21.17 -72.31 -20.45
N LEU C 96 20.61 -73.52 -20.43
CA LEU C 96 20.08 -74.14 -19.21
C LEU C 96 21.17 -74.34 -18.15
N LYS C 97 22.41 -74.70 -18.56
CA LYS C 97 23.59 -74.87 -17.69
C LYS C 97 23.91 -73.51 -17.04
N ARG C 98 24.16 -72.51 -17.94
CA ARG C 98 24.49 -71.13 -17.65
C ARG C 98 23.50 -70.49 -16.69
N ASN C 99 22.18 -70.65 -16.92
CA ASN C 99 21.21 -69.91 -16.14
C ASN C 99 20.38 -70.75 -15.14
N GLN C 100 20.86 -71.95 -14.73
CA GLN C 100 20.17 -72.73 -13.72
C GLN C 100 20.33 -72.00 -12.37
N ARG C 101 21.56 -71.46 -12.12
CA ARG C 101 21.93 -70.66 -10.95
C ARG C 101 20.81 -69.69 -10.53
N PHE C 102 20.22 -69.02 -11.52
CA PHE C 102 19.21 -68.00 -11.33
C PHE C 102 17.79 -68.50 -11.32
N TYR C 103 17.40 -69.41 -12.24
CA TYR C 103 15.99 -69.81 -12.27
C TYR C 103 15.59 -70.69 -11.05
N LYS C 104 16.56 -71.43 -10.44
CA LYS C 104 16.32 -72.29 -9.27
C LYS C 104 15.83 -71.47 -8.08
N GLN C 105 16.23 -70.17 -8.07
CA GLN C 105 15.86 -69.20 -7.04
C GLN C 105 14.38 -68.79 -7.07
N LEU C 106 13.60 -69.28 -8.04
CA LEU C 106 12.16 -69.01 -8.10
C LEU C 106 11.46 -69.76 -6.98
N THR C 107 10.71 -69.01 -6.17
CA THR C 107 9.95 -69.51 -5.03
C THR C 107 8.53 -69.83 -5.48
N ILE C 108 8.04 -69.13 -6.53
CA ILE C 108 6.70 -69.37 -7.08
C ILE C 108 6.70 -70.67 -7.90
N PRO C 109 5.54 -71.32 -8.13
CA PRO C 109 5.55 -72.55 -8.95
C PRO C 109 6.04 -72.26 -10.38
N PHE C 110 7.06 -72.99 -10.82
CA PHE C 110 7.58 -72.80 -12.16
C PHE C 110 7.80 -74.11 -12.93
N GLU C 111 7.95 -74.00 -14.26
CA GLU C 111 8.11 -75.08 -15.21
C GLU C 111 9.12 -74.66 -16.27
N ILE C 112 10.02 -75.56 -16.65
CA ILE C 112 11.00 -75.28 -17.69
C ILE C 112 10.65 -76.11 -18.93
N MET C 113 10.29 -75.47 -20.02
CA MET C 113 9.97 -76.16 -21.27
C MET C 113 11.02 -75.84 -22.33
N ARG C 114 11.03 -76.61 -23.42
CA ARG C 114 11.98 -76.44 -24.52
C ARG C 114 11.22 -76.40 -25.83
N TRP C 115 11.78 -75.74 -26.86
CA TRP C 115 11.11 -75.53 -28.13
C TRP C 115 10.41 -76.77 -28.70
N ASP C 116 11.14 -77.90 -28.75
CA ASP C 116 10.66 -79.16 -29.28
C ASP C 116 9.37 -79.65 -28.61
N ASP C 117 9.14 -79.32 -27.32
CA ASP C 117 7.92 -79.68 -26.58
C ASP C 117 6.68 -79.12 -27.26
N TRP C 118 6.84 -77.99 -27.98
CA TRP C 118 5.75 -77.32 -28.69
C TRP C 118 5.72 -77.70 -30.15
N TYR C 119 6.89 -77.76 -30.82
CA TYR C 119 7.01 -78.13 -32.24
C TYR C 119 6.48 -79.52 -32.54
N ASN C 120 6.70 -80.45 -31.61
CA ASN C 120 6.28 -81.83 -31.70
C ASN C 120 4.84 -82.04 -31.21
N SER C 121 4.13 -80.96 -30.84
CA SER C 121 2.73 -81.05 -30.43
C SER C 121 1.89 -81.61 -31.60
N PRO C 122 0.88 -82.46 -31.29
CA PRO C 122 -0.01 -82.97 -32.36
C PRO C 122 -0.69 -81.83 -33.13
N ASN C 123 -0.98 -80.71 -32.42
CA ASN C 123 -1.65 -79.55 -32.96
C ASN C 123 -0.73 -78.61 -33.76
N TYR C 124 0.60 -78.86 -33.79
CA TYR C 124 1.50 -77.98 -34.50
C TYR C 124 1.16 -77.82 -35.97
N ILE C 125 1.02 -78.94 -36.68
CA ILE C 125 0.79 -78.93 -38.13
C ILE C 125 -0.43 -78.06 -38.50
N ASN C 126 -1.58 -78.26 -37.83
CA ASN C 126 -2.79 -77.47 -38.08
C ASN C 126 -2.55 -75.97 -37.89
N SER C 127 -1.88 -75.61 -36.78
CA SER C 127 -1.53 -74.24 -36.46
C SER C 127 -0.57 -73.66 -37.49
N HIS C 128 0.37 -74.49 -37.97
CA HIS C 128 1.34 -74.11 -39.01
C HIS C 128 0.62 -73.77 -40.30
N LEU C 129 -0.44 -74.54 -40.63
CA LEU C 129 -1.28 -74.33 -41.81
C LEU C 129 -2.07 -73.04 -41.66
N ARG C 130 -2.60 -72.77 -40.45
CA ARG C 130 -3.34 -71.55 -40.12
C ARG C 130 -2.48 -70.31 -40.34
N VAL C 131 -1.23 -70.34 -39.86
CA VAL C 131 -0.26 -69.26 -39.99
C VAL C 131 0.08 -69.10 -41.47
N GLN C 132 0.36 -70.22 -42.16
CA GLN C 132 0.66 -70.25 -43.60
C GLN C 132 -0.47 -69.62 -44.43
N LYS C 133 -1.74 -69.93 -44.07
CA LYS C 133 -2.97 -69.40 -44.69
C LYS C 133 -3.04 -67.89 -44.51
N GLU C 134 -2.95 -67.39 -43.24
CA GLU C 134 -3.00 -65.95 -42.96
C GLU C 134 -1.88 -65.17 -43.66
N TYR C 135 -0.70 -65.79 -43.89
CA TYR C 135 0.42 -65.17 -44.62
C TYR C 135 0.00 -64.95 -46.08
N ASP C 136 -0.68 -65.96 -46.65
CA ASP C 136 -1.18 -65.93 -48.04
C ASP C 136 -2.42 -65.00 -48.19
N THR C 137 -3.44 -65.17 -47.31
CA THR C 137 -4.70 -64.40 -47.33
C THR C 137 -4.57 -62.93 -46.86
N ASN C 138 -4.13 -62.64 -45.62
CA ASN C 138 -4.02 -61.27 -45.10
C ASN C 138 -2.63 -60.61 -45.35
N LYS C 139 -2.64 -59.53 -46.16
CA LYS C 139 -1.47 -58.74 -46.57
C LYS C 139 -0.88 -57.95 -45.41
N ALA C 140 -1.71 -57.57 -44.41
CA ALA C 140 -1.21 -56.86 -43.23
C ALA C 140 -0.17 -57.76 -42.53
N PHE C 141 -0.57 -59.02 -42.23
CA PHE C 141 0.22 -60.05 -41.60
C PHE C 141 1.43 -60.40 -42.43
N GLN C 142 1.26 -60.43 -43.78
CA GLN C 142 2.32 -60.73 -44.72
C GLN C 142 3.43 -59.64 -44.66
N ASN C 143 2.99 -58.35 -44.55
CA ASN C 143 3.88 -57.19 -44.48
C ASN C 143 4.66 -57.16 -43.18
N ALA C 144 3.98 -57.51 -42.06
CA ALA C 144 4.57 -57.57 -40.73
C ALA C 144 5.71 -58.59 -40.70
N ILE C 145 5.47 -59.80 -41.26
CA ILE C 145 6.47 -60.86 -41.33
C ILE C 145 7.68 -60.39 -42.16
N HIS C 146 7.40 -59.81 -43.34
CA HIS C 146 8.43 -59.28 -44.23
C HIS C 146 9.26 -58.19 -43.57
N ALA C 147 8.59 -57.31 -42.81
CA ALA C 147 9.23 -56.24 -42.05
C ALA C 147 10.17 -56.85 -41.00
N ASN C 148 9.69 -57.89 -40.30
CA ASN C 148 10.43 -58.60 -39.28
C ASN C 148 11.67 -59.23 -39.88
N ILE C 149 11.55 -59.77 -41.12
CA ILE C 149 12.67 -60.39 -41.83
C ILE C 149 13.78 -59.35 -42.04
N ASP C 150 13.39 -58.15 -42.54
CA ASP C 150 14.30 -57.01 -42.78
C ASP C 150 15.01 -56.58 -41.50
N ASP C 151 14.22 -56.38 -40.40
CA ASP C 151 14.72 -55.98 -39.08
C ASP C 151 15.75 -56.97 -38.58
N PHE C 152 15.42 -58.27 -38.65
CA PHE C 152 16.30 -59.32 -38.19
C PHE C 152 17.58 -59.46 -38.98
N LEU C 153 17.45 -59.57 -40.31
CA LEU C 153 18.61 -59.81 -41.16
C LEU C 153 19.59 -58.64 -41.23
N THR C 154 19.08 -57.37 -41.19
CA THR C 154 19.93 -56.18 -41.21
C THR C 154 20.85 -56.19 -39.97
N ARG C 155 20.35 -56.74 -38.85
CA ARG C 155 21.09 -56.88 -37.60
C ARG C 155 21.99 -58.13 -37.61
N TYR C 156 21.40 -59.32 -37.88
CA TYR C 156 22.08 -60.63 -37.90
C TYR C 156 23.26 -60.67 -38.87
N LEU C 157 23.06 -60.14 -40.09
CA LEU C 157 24.05 -60.15 -41.17
C LEU C 157 24.78 -58.81 -41.33
N SER C 158 24.85 -58.00 -40.26
CA SER C 158 25.52 -56.69 -40.28
C SER C 158 27.03 -56.81 -40.47
N ARG C 159 27.64 -57.82 -39.84
CA ARG C 159 29.09 -58.06 -39.87
C ARG C 159 29.56 -58.87 -41.10
N PHE C 160 28.72 -58.95 -42.14
CA PHE C 160 29.05 -59.67 -43.37
C PHE C 160 28.85 -58.79 -44.59
N SER C 161 29.76 -58.97 -45.56
CA SER C 161 29.70 -58.28 -46.85
C SER C 161 28.56 -58.93 -47.65
N PRO C 162 27.71 -58.14 -48.35
CA PRO C 162 26.60 -58.75 -49.12
C PRO C 162 27.04 -59.83 -50.13
N ALA C 163 28.32 -59.76 -50.52
CA ALA C 163 29.01 -60.67 -51.44
C ALA C 163 29.09 -62.10 -50.89
N ASP C 164 29.24 -62.28 -49.56
CA ASP C 164 29.38 -63.60 -48.92
C ASP C 164 28.04 -64.21 -48.42
N VAL C 165 26.94 -63.47 -48.62
CA VAL C 165 25.60 -63.84 -48.14
C VAL C 165 24.67 -64.28 -49.26
N ASP C 166 24.07 -65.49 -49.12
CA ASP C 166 23.06 -65.95 -50.07
C ASP C 166 21.76 -65.32 -49.56
N HIS C 167 21.37 -64.20 -50.17
CA HIS C 167 20.19 -63.44 -49.77
C HIS C 167 18.87 -64.18 -49.99
N GLU C 168 18.87 -65.10 -50.98
CA GLU C 168 17.72 -65.96 -51.31
C GLU C 168 17.47 -66.90 -50.13
N ARG C 169 18.57 -67.51 -49.62
CA ARG C 169 18.61 -68.44 -48.50
C ARG C 169 18.21 -67.74 -47.22
N ALA C 170 18.91 -66.60 -46.90
CA ALA C 170 18.68 -65.78 -45.71
C ALA C 170 17.21 -65.44 -45.54
N PHE C 171 16.51 -65.02 -46.62
CA PHE C 171 15.09 -64.73 -46.59
C PHE C 171 14.26 -65.98 -46.32
N ARG C 172 14.52 -67.06 -47.10
CA ARG C 172 13.80 -68.33 -46.99
C ARG C 172 13.85 -68.91 -45.57
N LEU C 173 15.06 -69.06 -45.01
CA LEU C 173 15.29 -69.59 -43.67
C LEU C 173 14.71 -68.71 -42.57
N CYS C 174 14.80 -67.38 -42.73
CA CYS C 174 14.26 -66.41 -41.78
C CYS C 174 12.74 -66.49 -41.76
N LEU C 175 12.14 -66.73 -42.93
CA LEU C 175 10.69 -66.91 -43.07
C LEU C 175 10.28 -68.19 -42.35
N ASP C 176 11.04 -69.28 -42.52
CA ASP C 176 10.79 -70.58 -41.90
C ASP C 176 10.81 -70.43 -40.38
N TYR C 177 11.81 -69.68 -39.87
CA TYR C 177 12.00 -69.35 -38.46
C TYR C 177 10.77 -68.63 -37.92
N LEU C 178 10.34 -67.57 -38.60
CA LEU C 178 9.21 -66.76 -38.17
C LEU C 178 7.89 -67.48 -38.26
N ILE C 179 7.70 -68.35 -39.28
CA ILE C 179 6.46 -69.13 -39.44
C ILE C 179 6.34 -70.11 -38.30
N GLU C 180 7.46 -70.78 -37.94
CA GLU C 180 7.49 -71.74 -36.84
C GLU C 180 7.20 -71.02 -35.52
N GLU C 181 7.89 -69.86 -35.27
CA GLU C 181 7.74 -69.06 -34.06
C GLU C 181 6.27 -68.66 -33.85
N CYS C 182 5.60 -68.22 -34.92
CA CYS C 182 4.21 -67.82 -34.85
C CYS C 182 3.24 -68.96 -34.69
N SER C 183 3.56 -70.11 -35.35
CA SER C 183 2.79 -71.35 -35.32
C SER C 183 2.77 -71.92 -33.89
N VAL C 184 3.93 -71.87 -33.20
CA VAL C 184 4.12 -72.35 -31.83
C VAL C 184 3.45 -71.37 -30.87
N MET C 185 3.53 -70.05 -31.18
CA MET C 185 2.89 -69.02 -30.37
C MET C 185 1.40 -69.27 -30.22
N CYS C 186 0.74 -69.63 -31.33
CA CYS C 186 -0.70 -69.93 -31.35
C CYS C 186 -1.08 -71.06 -30.43
N LEU C 187 -0.19 -72.06 -30.31
CA LEU C 187 -0.33 -73.24 -29.46
C LEU C 187 -0.33 -72.89 -27.97
N TRP C 188 0.32 -71.78 -27.57
CA TRP C 188 0.46 -71.40 -26.16
C TRP C 188 -0.83 -71.17 -25.41
N THR C 189 -1.93 -70.81 -26.12
CA THR C 189 -3.29 -70.60 -25.56
C THR C 189 -3.79 -71.89 -24.88
N GLU C 190 -3.27 -73.07 -25.33
CA GLU C 190 -3.58 -74.39 -24.78
C GLU C 190 -3.29 -74.42 -23.28
N GLN C 191 -2.20 -73.76 -22.85
CA GLN C 191 -1.78 -73.75 -21.44
C GLN C 191 -2.26 -72.52 -20.68
N LYS C 192 -3.15 -71.75 -21.31
CA LYS C 192 -3.87 -70.63 -20.70
C LYS C 192 -3.00 -69.62 -19.90
N TYR C 193 -1.83 -69.26 -20.47
CA TYR C 193 -0.87 -68.31 -19.91
C TYR C 193 -1.52 -66.93 -20.04
N ASP C 194 -1.71 -66.23 -18.90
CA ASP C 194 -2.35 -64.92 -18.88
C ASP C 194 -1.47 -63.87 -19.54
N PHE C 195 -0.17 -63.87 -19.20
CA PHE C 195 0.80 -62.88 -19.71
C PHE C 195 2.03 -63.49 -20.35
N GLU C 196 2.55 -62.82 -21.37
CA GLU C 196 3.78 -63.23 -22.04
C GLU C 196 4.83 -62.15 -21.75
N VAL C 197 5.83 -62.50 -20.95
CA VAL C 197 6.93 -61.65 -20.53
C VAL C 197 8.16 -61.78 -21.44
N TYR C 198 8.39 -60.75 -22.25
CA TYR C 198 9.55 -60.63 -23.11
C TYR C 198 10.16 -59.27 -22.81
N PRO C 199 11.43 -59.20 -22.29
CA PRO C 199 11.99 -57.91 -21.84
C PRO C 199 11.92 -56.77 -22.86
N SER C 200 12.51 -56.95 -24.06
CA SER C 200 12.41 -55.97 -25.13
C SER C 200 11.02 -56.23 -25.72
N GLY C 201 10.65 -55.59 -26.80
CA GLY C 201 9.30 -55.88 -27.25
C GLY C 201 9.11 -57.24 -27.91
N ARG C 202 7.84 -57.50 -28.29
CA ARG C 202 7.43 -58.61 -29.11
C ARG C 202 7.85 -58.21 -30.52
N ASN C 203 8.46 -59.12 -31.29
CA ASN C 203 8.84 -58.80 -32.67
C ASN C 203 7.59 -58.57 -33.54
N LYS C 204 7.75 -57.91 -34.71
CA LYS C 204 6.64 -57.56 -35.63
C LYS C 204 5.70 -58.73 -35.97
N ALA C 205 6.28 -59.90 -36.34
CA ALA C 205 5.56 -61.12 -36.69
C ALA C 205 4.68 -61.62 -35.54
N MET C 206 5.25 -61.73 -34.32
CA MET C 206 4.51 -62.20 -33.15
C MET C 206 3.43 -61.25 -32.71
N ALA C 207 3.70 -59.94 -32.84
CA ALA C 207 2.74 -58.89 -32.51
C ALA C 207 1.54 -59.00 -33.48
N ALA C 208 1.85 -59.25 -34.76
CA ALA C 208 0.83 -59.42 -35.80
C ALA C 208 -0.02 -60.65 -35.56
N THR C 209 0.64 -61.79 -35.19
CA THR C 209 -0.01 -63.07 -34.90
C THR C 209 -0.96 -62.91 -33.73
N TYR C 210 -0.55 -62.18 -32.67
CA TYR C 210 -1.40 -61.92 -31.53
C TYR C 210 -2.63 -61.13 -32.00
N GLU C 211 -2.39 -60.06 -32.78
CA GLU C 211 -3.43 -59.19 -33.32
C GLU C 211 -4.50 -59.93 -34.13
N PHE C 212 -4.08 -60.71 -35.14
CA PHE C 212 -4.98 -61.40 -36.07
C PHE C 212 -5.45 -62.81 -35.68
N LEU C 213 -4.59 -63.60 -35.04
CA LEU C 213 -4.92 -65.01 -34.77
C LEU C 213 -5.16 -65.36 -33.31
N ILE C 214 -4.60 -64.60 -32.35
CA ILE C 214 -4.74 -64.98 -30.95
C ILE C 214 -5.77 -64.10 -30.17
N LYS C 215 -5.51 -62.77 -30.02
CA LYS C 215 -6.34 -61.82 -29.27
C LYS C 215 -7.85 -61.94 -29.57
N PRO C 216 -8.30 -62.01 -30.87
CA PRO C 216 -9.74 -62.16 -31.14
C PRO C 216 -10.44 -63.33 -30.45
N HIS C 217 -9.75 -64.46 -30.27
CA HIS C 217 -10.35 -65.66 -29.68
C HIS C 217 -10.09 -65.82 -28.19
N HIS C 218 -8.94 -65.32 -27.69
CA HIS C 218 -8.58 -65.37 -26.27
C HIS C 218 -7.87 -64.08 -25.89
N PRO C 219 -8.61 -63.02 -25.49
CA PRO C 219 -7.93 -61.76 -25.19
C PRO C 219 -7.29 -61.75 -23.81
N ASN C 220 -7.67 -62.71 -22.95
CA ASN C 220 -7.18 -62.82 -21.59
C ASN C 220 -6.02 -63.81 -21.46
N TYR C 221 -5.37 -64.12 -22.60
CA TYR C 221 -4.19 -64.98 -22.70
C TYR C 221 -3.13 -64.24 -23.46
N LEU C 222 -1.87 -64.56 -23.17
CA LEU C 222 -0.68 -64.03 -23.84
C LEU C 222 -0.66 -62.49 -23.91
N ARG C 223 -1.17 -61.80 -22.85
CA ARG C 223 -1.18 -60.33 -22.80
C ARG C 223 0.30 -59.91 -22.63
N PRO C 224 0.86 -59.13 -23.57
CA PRO C 224 2.30 -58.81 -23.51
C PRO C 224 2.74 -57.96 -22.33
N VAL C 225 3.93 -58.28 -21.82
CA VAL C 225 4.59 -57.60 -20.68
C VAL C 225 6.04 -57.32 -21.08
N ALA C 226 6.42 -56.02 -21.08
CA ALA C 226 7.76 -55.54 -21.47
C ALA C 226 8.51 -55.04 -20.26
N LEU C 227 9.83 -55.14 -20.30
CA LEU C 227 10.61 -54.70 -19.15
C LEU C 227 11.54 -53.54 -19.43
N ARG C 228 11.99 -52.93 -18.33
CA ARG C 228 12.92 -51.80 -18.32
C ARG C 228 14.07 -52.16 -17.37
N PHE C 229 15.28 -52.09 -17.87
CA PHE C 229 16.43 -52.37 -17.02
C PHE C 229 17.17 -51.06 -16.70
N LYS C 230 17.66 -50.96 -15.46
CA LYS C 230 18.41 -49.80 -14.98
C LYS C 230 19.46 -50.30 -14.01
N LYS C 231 20.66 -49.69 -14.05
CA LYS C 231 21.69 -50.04 -13.08
C LYS C 231 21.59 -49.08 -11.90
N TYR C 232 21.37 -49.65 -10.69
CA TYR C 232 21.19 -48.90 -9.44
C TYR C 232 22.52 -48.64 -8.74
N PRO C 233 22.96 -47.35 -8.63
CA PRO C 233 24.28 -47.08 -8.00
C PRO C 233 24.26 -47.22 -6.48
N ARG D 8 34.01 -9.10 -29.87
CA ARG D 8 32.66 -9.68 -29.89
C ARG D 8 31.61 -8.64 -30.37
N ILE D 9 30.65 -9.08 -31.22
CA ILE D 9 29.62 -8.25 -31.89
C ILE D 9 28.16 -8.65 -31.52
N VAL D 10 27.33 -7.72 -30.99
CA VAL D 10 25.92 -7.99 -30.65
C VAL D 10 24.95 -7.61 -31.82
N LYS D 11 24.07 -8.56 -32.22
CA LYS D 11 23.05 -8.41 -33.27
C LYS D 11 21.64 -8.51 -32.66
N ALA D 12 20.77 -7.51 -33.00
CA ALA D 12 19.37 -7.42 -32.58
C ALA D 12 18.44 -7.95 -33.68
N SER D 13 17.39 -8.67 -33.28
CA SER D 13 16.38 -9.24 -34.15
C SER D 13 15.02 -9.10 -33.51
N PHE D 14 13.95 -9.12 -34.31
CA PHE D 14 12.58 -9.03 -33.77
C PHE D 14 12.18 -10.33 -33.08
N ARG D 15 11.30 -10.22 -32.11
CA ARG D 15 10.84 -11.35 -31.30
C ARG D 15 9.29 -11.27 -31.20
N GLU D 16 8.62 -12.36 -31.57
CA GLU D 16 7.15 -12.56 -31.46
C GLU D 16 6.26 -11.72 -32.47
N ASN D 17 6.85 -10.88 -33.34
CA ASN D 17 6.06 -10.11 -34.32
C ASN D 17 5.77 -10.91 -35.62
N PRO D 18 4.49 -11.19 -35.92
CA PRO D 18 4.15 -11.95 -37.14
C PRO D 18 4.56 -11.29 -38.44
N VAL D 19 4.74 -12.10 -39.50
CA VAL D 19 5.16 -11.63 -40.82
C VAL D 19 4.24 -10.53 -41.36
N GLU D 20 2.92 -10.68 -41.08
CA GLU D 20 1.87 -9.74 -41.47
C GLU D 20 2.06 -8.37 -40.82
N GLU D 21 2.63 -8.34 -39.61
CA GLU D 21 2.94 -7.13 -38.86
C GLU D 21 4.28 -6.57 -39.36
N ARG D 22 5.33 -7.43 -39.42
CA ARG D 22 6.68 -7.06 -39.86
C ARG D 22 6.78 -6.50 -41.27
N LYS D 23 5.82 -6.86 -42.17
CA LYS D 23 5.81 -6.36 -43.54
C LYS D 23 5.53 -4.85 -43.57
N LEU D 24 4.81 -4.34 -42.54
CA LEU D 24 4.43 -2.94 -42.38
C LEU D 24 5.61 -2.06 -41.95
N PHE D 25 6.52 -2.61 -41.11
CA PHE D 25 7.68 -1.91 -40.56
C PHE D 25 8.41 -0.96 -41.53
N PRO D 26 8.73 -1.32 -42.80
CA PRO D 26 9.49 -0.39 -43.66
C PRO D 26 8.78 0.89 -44.05
N GLN D 27 7.44 0.88 -43.96
CA GLN D 27 6.61 2.03 -44.27
C GLN D 27 5.94 2.62 -43.01
N SER D 28 6.36 2.14 -41.81
CA SER D 28 5.82 2.53 -40.51
C SER D 28 6.77 3.37 -39.67
N SER D 29 6.21 4.10 -38.69
CA SER D 29 6.92 4.94 -37.72
C SER D 29 7.05 4.16 -36.38
N CYS D 30 8.12 4.43 -35.63
CA CYS D 30 8.30 3.77 -34.34
C CYS D 30 8.80 4.70 -33.27
N LEU D 31 8.43 4.38 -32.05
CA LEU D 31 8.85 5.13 -30.87
C LEU D 31 9.76 4.22 -30.06
N MET D 32 10.92 4.76 -29.63
CA MET D 32 11.86 4.02 -28.84
C MET D 32 11.96 4.64 -27.46
N PRO D 33 11.07 4.25 -26.49
CA PRO D 33 11.19 4.82 -25.14
C PRO D 33 12.44 4.24 -24.49
N ILE D 34 13.19 5.09 -23.79
CA ILE D 34 14.46 4.77 -23.12
C ILE D 34 14.36 4.87 -21.60
N SER D 35 14.33 3.72 -20.87
CA SER D 35 14.39 3.79 -19.41
C SER D 35 15.93 3.89 -19.16
N VAL D 36 16.40 5.15 -18.97
CA VAL D 36 17.81 5.58 -18.90
C VAL D 36 18.75 4.61 -18.15
N GLY D 37 18.42 4.25 -16.91
CA GLY D 37 19.26 3.34 -16.12
C GLY D 37 19.69 2.00 -16.75
N GLN D 38 18.80 1.40 -17.59
CA GLN D 38 18.94 0.10 -18.22
C GLN D 38 20.10 -0.05 -19.19
N ALA D 39 20.66 -1.27 -19.21
CA ALA D 39 21.80 -1.76 -19.99
C ALA D 39 21.43 -1.97 -21.45
N ILE D 40 20.14 -2.33 -21.72
CA ILE D 40 19.61 -2.55 -23.08
C ILE D 40 19.67 -1.26 -23.92
N HIS D 41 19.79 -0.10 -23.21
CA HIS D 41 19.88 1.25 -23.76
C HIS D 41 21.29 1.76 -23.84
N GLU D 42 22.29 0.85 -23.67
CA GLU D 42 23.71 1.22 -23.69
C GLU D 42 24.58 0.37 -24.59
N ASP D 43 25.62 1.03 -25.13
CA ASP D 43 26.72 0.48 -25.93
C ASP D 43 26.26 -0.45 -27.07
N GLU D 44 26.99 -1.55 -27.34
CA GLU D 44 26.73 -2.58 -28.36
C GLU D 44 25.22 -2.93 -28.48
N LYS D 45 24.52 -3.14 -27.34
CA LYS D 45 23.09 -3.42 -27.29
C LYS D 45 22.28 -2.28 -27.92
N PHE D 46 22.58 -1.03 -27.58
CA PHE D 46 21.87 0.11 -28.15
C PHE D 46 22.19 0.27 -29.65
N ALA D 47 23.47 0.08 -29.98
CA ALA D 47 23.99 0.21 -31.33
C ALA D 47 23.38 -0.84 -32.26
N ALA D 48 23.05 -2.01 -31.67
CA ALA D 48 22.46 -3.15 -32.37
C ALA D 48 21.05 -2.74 -32.76
N VAL D 49 20.35 -2.07 -31.80
CA VAL D 49 19.01 -1.57 -32.00
C VAL D 49 19.04 -0.51 -33.07
N ILE D 50 19.96 0.46 -32.94
CA ILE D 50 20.11 1.50 -33.95
C ILE D 50 20.26 0.90 -35.38
N LYS D 51 21.12 -0.16 -35.57
CA LYS D 51 21.34 -0.85 -36.86
C LYS D 51 20.05 -1.49 -37.39
N LEU D 52 19.33 -2.23 -36.52
CA LEU D 52 18.11 -2.92 -36.89
C LEU D 52 17.02 -1.91 -37.23
N ILE D 53 16.81 -0.87 -36.38
CA ILE D 53 15.78 0.15 -36.63
C ILE D 53 15.99 0.84 -37.97
N ASN D 54 17.25 1.25 -38.23
CA ASN D 54 17.64 1.91 -39.47
C ASN D 54 17.28 1.08 -40.68
N ALA D 55 17.60 -0.21 -40.61
CA ALA D 55 17.37 -1.20 -41.64
C ALA D 55 15.90 -1.56 -41.86
N SER D 56 15.04 -1.48 -40.82
CA SER D 56 13.67 -1.98 -40.99
C SER D 56 12.50 -0.97 -40.83
N PHE D 57 12.72 0.29 -40.36
CA PHE D 57 11.62 1.25 -40.20
C PHE D 57 11.69 2.48 -41.11
N LYS D 58 10.54 3.12 -41.37
CA LYS D 58 10.44 4.35 -42.20
C LYS D 58 11.07 5.54 -41.45
N GLN D 59 10.58 5.83 -40.26
CA GLN D 59 11.06 6.92 -39.41
C GLN D 59 11.04 6.50 -37.93
N CYS D 60 11.90 7.09 -37.11
CA CYS D 60 12.01 6.72 -35.71
C CYS D 60 12.08 7.92 -34.78
N THR D 61 11.49 7.81 -33.56
CA THR D 61 11.56 8.80 -32.49
C THR D 61 12.12 8.14 -31.21
N ILE D 62 13.17 8.70 -30.62
CA ILE D 62 13.75 8.21 -29.37
C ILE D 62 13.29 9.16 -28.23
N LEU D 63 12.62 8.59 -27.20
CA LEU D 63 12.12 9.34 -26.03
C LEU D 63 12.98 9.00 -24.83
N VAL D 64 13.59 10.02 -24.23
CA VAL D 64 14.44 9.81 -23.06
C VAL D 64 13.53 9.91 -21.81
N ASP D 65 13.18 8.76 -21.18
CA ASP D 65 12.34 8.73 -19.95
C ASP D 65 13.25 9.12 -18.79
N ASP D 66 13.53 10.45 -18.63
CA ASP D 66 14.45 10.93 -17.60
C ASP D 66 13.76 11.55 -16.37
N SER D 67 12.99 12.63 -16.55
CA SER D 67 12.36 13.31 -15.42
C SER D 67 11.36 12.44 -14.68
N VAL D 68 10.89 11.30 -15.25
CA VAL D 68 9.99 10.38 -14.52
C VAL D 68 10.75 9.78 -13.37
N GLN D 69 12.06 9.51 -13.60
CA GLN D 69 12.96 8.85 -12.64
C GLN D 69 13.02 9.59 -11.32
N ARG D 70 12.65 10.88 -11.32
CA ARG D 70 12.60 11.69 -10.11
C ARG D 70 11.76 10.99 -8.99
N HIS D 71 10.64 10.31 -9.35
CA HIS D 71 9.79 9.55 -8.41
C HIS D 71 10.52 8.37 -7.79
N THR D 72 11.17 7.53 -8.63
CA THR D 72 11.93 6.34 -8.21
C THR D 72 13.23 6.70 -7.46
N ILE D 73 14.01 7.70 -7.96
CA ILE D 73 15.25 8.19 -7.34
C ILE D 73 14.93 8.59 -5.89
N GLY D 74 13.78 9.25 -5.76
CA GLY D 74 13.28 9.74 -4.50
C GLY D 74 12.77 8.72 -3.51
N ILE D 75 12.83 7.40 -3.83
CA ILE D 75 12.37 6.37 -2.90
C ILE D 75 13.35 6.31 -1.74
N MET D 76 14.66 6.19 -2.06
CA MET D 76 15.74 6.13 -1.08
C MET D 76 16.44 7.46 -0.86
N ASN D 77 16.43 8.35 -1.87
CA ASN D 77 17.04 9.67 -1.72
C ASN D 77 15.92 10.63 -1.28
N HIS D 78 15.93 11.02 -0.01
CA HIS D 78 14.90 11.88 0.58
C HIS D 78 15.15 13.37 0.33
N ALA D 79 15.78 13.71 -0.83
CA ALA D 79 16.08 15.10 -1.22
C ALA D 79 14.81 15.90 -1.59
N THR D 80 14.99 17.20 -1.89
CA THR D 80 13.88 18.09 -2.29
C THR D 80 13.37 17.68 -3.66
N THR D 81 12.06 17.89 -3.90
CA THR D 81 11.41 17.58 -5.18
C THR D 81 12.19 18.17 -6.37
N GLU D 82 12.74 19.39 -6.18
CA GLU D 82 13.57 20.07 -7.15
C GLU D 82 14.94 19.37 -7.32
N GLU D 83 15.56 18.97 -6.20
CA GLU D 83 16.85 18.28 -6.19
C GLU D 83 16.74 16.98 -6.98
N LEU D 84 15.66 16.22 -6.70
CA LEU D 84 15.32 14.94 -7.34
C LEU D 84 15.04 15.13 -8.82
N TYR D 85 14.34 16.21 -9.19
CA TYR D 85 14.07 16.52 -10.59
C TYR D 85 15.38 16.76 -11.33
N GLN D 86 16.27 17.58 -10.74
CA GLN D 86 17.55 17.96 -11.34
C GLN D 86 18.50 16.77 -11.53
N LEU D 87 18.44 15.78 -10.61
CA LEU D 87 19.22 14.52 -10.69
C LEU D 87 18.75 13.69 -11.89
N ALA D 88 17.40 13.50 -11.99
CA ALA D 88 16.69 12.77 -13.04
C ALA D 88 17.02 13.35 -14.40
N VAL D 89 17.04 14.70 -14.51
CA VAL D 89 17.40 15.39 -15.76
C VAL D 89 18.86 15.10 -16.10
N LYS D 90 19.74 15.19 -15.09
CA LYS D 90 21.19 14.93 -15.21
C LYS D 90 21.45 13.51 -15.79
N GLU D 91 20.63 12.51 -15.39
CA GLU D 91 20.73 11.15 -15.89
C GLU D 91 20.39 11.05 -17.38
N GLY D 92 19.41 11.84 -17.82
CA GLY D 92 19.02 11.95 -19.22
C GLY D 92 20.09 12.67 -20.03
N ASP D 93 20.68 13.74 -19.43
CA ASP D 93 21.75 14.53 -20.04
C ASP D 93 22.95 13.60 -20.37
N GLU D 94 23.38 12.82 -19.38
CA GLU D 94 24.49 11.88 -19.48
C GLU D 94 24.23 10.74 -20.47
N TRP D 95 22.96 10.24 -20.54
CA TRP D 95 22.59 9.18 -21.49
C TRP D 95 22.79 9.69 -22.90
N LEU D 96 22.34 10.92 -23.16
CA LEU D 96 22.46 11.54 -24.47
C LEU D 96 23.93 11.73 -24.87
N LYS D 97 24.82 12.06 -23.89
CA LYS D 97 26.28 12.23 -24.10
C LYS D 97 26.86 10.87 -24.53
N ARG D 98 26.62 9.86 -23.66
CA ARG D 98 27.04 8.47 -23.81
C ARG D 98 26.64 7.87 -25.15
N ASN D 99 25.38 8.06 -25.62
CA ASN D 99 24.86 7.36 -26.79
C ASN D 99 24.63 8.23 -28.04
N GLN D 100 25.14 9.49 -28.02
CA GLN D 100 25.07 10.40 -29.18
C GLN D 100 25.76 9.74 -30.38
N ARG D 101 26.95 9.10 -30.11
CA ARG D 101 27.82 8.35 -31.02
C ARG D 101 27.04 7.38 -31.92
N PHE D 102 26.03 6.70 -31.32
CA PHE D 102 25.24 5.67 -31.96
C PHE D 102 24.03 6.17 -32.71
N TYR D 103 23.15 6.98 -32.06
CA TYR D 103 21.92 7.42 -32.75
C TYR D 103 22.21 8.35 -33.90
N LYS D 104 23.35 9.09 -33.87
CA LYS D 104 23.73 9.98 -34.97
C LYS D 104 23.85 9.21 -36.30
N GLN D 105 24.19 7.92 -36.20
CA GLN D 105 24.34 7.00 -37.34
C GLN D 105 23.00 6.60 -37.99
N LEU D 106 21.87 7.13 -37.50
CA LEU D 106 20.58 6.86 -38.12
C LEU D 106 20.48 7.64 -39.43
N THR D 107 20.18 6.93 -40.50
CA THR D 107 20.02 7.44 -41.85
C THR D 107 18.55 7.79 -42.11
N ILE D 108 17.63 7.08 -41.43
CA ILE D 108 16.19 7.33 -41.56
C ILE D 108 15.83 8.64 -40.81
N PRO D 109 14.68 9.29 -41.10
CA PRO D 109 14.34 10.51 -40.36
C PRO D 109 14.09 10.18 -38.88
N PHE D 110 14.81 10.86 -37.99
CA PHE D 110 14.65 10.64 -36.57
C PHE D 110 14.50 11.94 -35.76
N GLU D 111 13.98 11.81 -34.54
CA GLU D 111 13.69 12.90 -33.61
C GLU D 111 14.09 12.44 -32.21
N ILE D 112 14.74 13.32 -31.43
CA ILE D 112 15.12 12.98 -30.07
C ILE D 112 14.27 13.82 -29.12
N MET D 113 13.42 13.16 -28.33
CA MET D 113 12.56 13.85 -27.37
C MET D 113 12.98 13.50 -25.96
N ARG D 114 12.47 14.25 -24.98
CA ARG D 114 12.79 14.04 -23.57
C ARG D 114 11.47 13.99 -22.78
N TRP D 115 11.47 13.33 -21.61
CA TRP D 115 10.25 13.12 -20.81
C TRP D 115 9.39 14.37 -20.62
N ASP D 116 10.04 15.49 -20.23
CA ASP D 116 9.36 16.76 -19.97
C ASP D 116 8.53 17.27 -21.16
N ASP D 117 8.95 16.95 -22.41
CA ASP D 117 8.23 17.34 -23.63
C ASP D 117 6.78 16.79 -23.62
N TRP D 118 6.57 15.66 -22.92
CA TRP D 118 5.27 15.01 -22.84
C TRP D 118 4.55 15.37 -21.54
N TYR D 119 5.28 15.41 -20.41
CA TYR D 119 4.71 15.74 -19.10
C TYR D 119 4.11 17.16 -19.06
N ASN D 120 4.77 18.10 -19.77
CA ASN D 120 4.38 19.49 -19.86
C ASN D 120 3.32 19.72 -20.95
N SER D 121 2.86 18.64 -21.63
CA SER D 121 1.81 18.76 -22.64
C SER D 121 0.53 19.32 -22.01
N PRO D 122 -0.20 20.17 -22.77
CA PRO D 122 -1.47 20.70 -22.23
C PRO D 122 -2.47 19.58 -21.88
N ASN D 123 -2.40 18.47 -22.64
CA ASN D 123 -3.27 17.33 -22.49
C ASN D 123 -2.86 16.38 -21.37
N TYR D 124 -1.70 16.61 -20.71
CA TYR D 124 -1.24 15.70 -19.66
C TYR D 124 -2.23 15.54 -18.53
N ILE D 125 -2.68 16.65 -17.92
CA ILE D 125 -3.56 16.64 -16.75
C ILE D 125 -4.80 15.79 -17.01
N ASN D 126 -5.51 16.04 -18.12
CA ASN D 126 -6.71 15.27 -18.48
C ASN D 126 -6.43 13.76 -18.59
N SER D 127 -5.31 13.41 -19.27
CA SER D 127 -4.87 12.01 -19.43
C SER D 127 -4.53 11.41 -18.09
N HIS D 128 -3.90 12.20 -17.20
CA HIS D 128 -3.54 11.77 -15.85
C HIS D 128 -4.81 11.42 -15.06
N LEU D 129 -5.89 12.22 -15.24
CA LEU D 129 -7.17 12.00 -14.59
C LEU D 129 -7.83 10.73 -15.15
N ARG D 130 -7.73 10.51 -16.49
CA ARG D 130 -8.26 9.32 -17.18
C ARG D 130 -7.63 8.05 -16.63
N VAL D 131 -6.29 8.07 -16.45
CA VAL D 131 -5.52 6.94 -15.90
C VAL D 131 -5.94 6.74 -14.44
N GLN D 132 -6.00 7.84 -13.66
CA GLN D 132 -6.42 7.84 -12.26
C GLN D 132 -7.81 7.23 -12.09
N LYS D 133 -8.76 7.58 -13.01
CA LYS D 133 -10.15 7.08 -13.05
C LYS D 133 -10.17 5.59 -13.27
N GLU D 134 -9.45 5.10 -14.34
CA GLU D 134 -9.37 3.68 -14.65
C GLU D 134 -8.76 2.86 -13.51
N TYR D 135 -7.81 3.43 -12.75
CA TYR D 135 -7.20 2.78 -11.59
C TYR D 135 -8.25 2.55 -10.51
N ASP D 136 -9.12 3.56 -10.30
CA ASP D 136 -10.19 3.53 -9.29
C ASP D 136 -11.35 2.60 -9.71
N THR D 137 -11.89 2.79 -10.92
CA THR D 137 -13.01 2.02 -11.46
C THR D 137 -12.60 0.55 -11.82
N ASN D 138 -11.79 0.36 -12.87
CA ASN D 138 -11.31 -0.94 -13.38
C ASN D 138 -10.29 -1.64 -12.46
N LYS D 139 -10.71 -2.75 -11.81
CA LYS D 139 -9.88 -3.52 -10.88
C LYS D 139 -8.78 -4.34 -11.58
N ALA D 140 -9.03 -4.78 -12.83
CA ALA D 140 -8.02 -5.53 -13.60
C ALA D 140 -6.77 -4.65 -13.80
N PHE D 141 -7.02 -3.38 -14.17
CA PHE D 141 -6.02 -2.33 -14.39
C PHE D 141 -5.31 -2.02 -13.09
N GLN D 142 -6.08 -1.92 -12.00
CA GLN D 142 -5.57 -1.67 -10.65
C GLN D 142 -4.59 -2.76 -10.23
N ASN D 143 -4.98 -4.04 -10.49
CA ASN D 143 -4.19 -5.21 -10.15
C ASN D 143 -2.87 -5.25 -10.92
N ALA D 144 -2.92 -4.89 -12.22
CA ALA D 144 -1.76 -4.85 -13.11
C ALA D 144 -0.74 -3.83 -12.59
N ILE D 145 -1.22 -2.62 -12.19
CA ILE D 145 -0.37 -1.57 -11.64
C ILE D 145 0.30 -2.06 -10.36
N HIS D 146 -0.50 -2.65 -9.45
CA HIS D 146 -0.03 -3.19 -8.19
C HIS D 146 1.02 -4.28 -8.40
N ALA D 147 0.79 -5.16 -9.40
CA ALA D 147 1.71 -6.23 -9.79
C ALA D 147 3.03 -5.61 -10.25
N ASN D 148 2.94 -4.57 -11.07
CA ASN D 148 4.08 -3.84 -11.60
C ASN D 148 4.90 -3.22 -10.45
N ILE D 149 4.19 -2.68 -9.42
CA ILE D 149 4.83 -2.08 -8.26
C ILE D 149 5.70 -3.14 -7.59
N ASP D 150 5.14 -4.35 -7.34
CA ASP D 150 5.80 -5.50 -6.71
C ASP D 150 7.03 -5.91 -7.51
N ASP D 151 6.88 -6.10 -8.85
CA ASP D 151 7.94 -6.49 -9.78
C ASP D 151 9.09 -5.49 -9.72
N PHE D 152 8.76 -4.20 -9.77
CA PHE D 152 9.76 -3.14 -9.75
C PHE D 152 10.49 -3.03 -8.45
N LEU D 153 9.74 -2.94 -7.33
CA LEU D 153 10.35 -2.73 -6.03
C LEU D 153 11.17 -3.91 -5.52
N THR D 154 10.74 -5.16 -5.82
CA THR D 154 11.50 -6.35 -5.42
C THR D 154 12.89 -6.33 -6.06
N ARG D 155 12.99 -5.76 -7.28
CA ARG D 155 14.24 -5.62 -8.01
C ARG D 155 15.03 -4.38 -7.56
N TYR D 156 14.38 -3.19 -7.58
CA TYR D 156 14.97 -1.90 -7.22
C TYR D 156 15.53 -1.87 -5.81
N LEU D 157 14.76 -2.41 -4.84
CA LEU D 157 15.12 -2.42 -3.42
C LEU D 157 15.68 -3.76 -2.92
N SER D 158 16.25 -4.59 -3.84
CA SER D 158 16.83 -5.89 -3.51
C SER D 158 18.08 -5.72 -2.67
N ARG D 159 18.86 -4.68 -3.02
CA ARG D 159 20.13 -4.29 -2.41
C ARG D 159 19.99 -3.47 -1.07
N PHE D 160 18.77 -3.47 -0.43
CA PHE D 160 18.48 -2.75 0.83
C PHE D 160 17.76 -3.61 1.83
N SER D 161 18.11 -3.40 3.12
CA SER D 161 17.49 -4.11 4.25
C SER D 161 16.10 -3.51 4.44
N PRO D 162 15.02 -4.33 4.64
CA PRO D 162 13.66 -3.74 4.79
C PRO D 162 13.54 -2.68 5.89
N ALA D 163 14.50 -2.71 6.83
CA ALA D 163 14.65 -1.79 7.96
C ALA D 163 14.91 -0.35 7.54
N ASP D 164 15.66 -0.13 6.43
CA ASP D 164 16.04 1.20 5.92
C ASP D 164 15.08 1.76 4.86
N VAL D 165 14.04 0.98 4.50
CA VAL D 165 13.07 1.31 3.46
C VAL D 165 11.71 1.73 4.00
N ASP D 166 11.25 2.94 3.62
CA ASP D 166 9.89 3.36 3.98
C ASP D 166 9.04 2.67 2.92
N HIS D 167 8.33 1.61 3.33
CA HIS D 167 7.51 0.83 2.40
C HIS D 167 6.26 1.56 1.96
N GLU D 168 5.73 2.50 2.76
CA GLU D 168 4.56 3.26 2.28
C GLU D 168 4.99 4.50 1.44
N ARG D 169 6.28 4.88 1.47
CA ARG D 169 6.84 5.89 0.59
C ARG D 169 7.12 5.20 -0.75
N ALA D 170 7.86 4.05 -0.67
CA ALA D 170 8.24 3.22 -1.80
C ALA D 170 7.02 2.99 -2.68
N PHE D 171 5.91 2.47 -2.12
CA PHE D 171 4.68 2.21 -2.85
C PHE D 171 4.09 3.48 -3.46
N ARG D 172 3.94 4.54 -2.65
CA ARG D 172 3.35 5.82 -3.08
C ARG D 172 4.09 6.42 -4.27
N LEU D 173 5.43 6.55 -4.18
CA LEU D 173 6.28 7.10 -5.25
C LEU D 173 6.30 6.24 -6.50
N CYS D 174 6.31 4.91 -6.34
CA CYS D 174 6.29 3.95 -7.43
C CYS D 174 4.97 4.05 -8.17
N LEU D 175 3.85 4.29 -7.43
CA LEU D 175 2.52 4.49 -7.99
C LEU D 175 2.51 5.79 -8.81
N ASP D 176 3.12 6.87 -8.29
CA ASP D 176 3.24 8.17 -8.94
C ASP D 176 3.98 8.02 -10.25
N TYR D 177 5.14 7.32 -10.23
CA TYR D 177 5.92 7.05 -11.43
C TYR D 177 5.09 6.25 -12.45
N LEU D 178 4.44 5.15 -12.04
CA LEU D 178 3.66 4.35 -12.97
C LEU D 178 2.45 5.07 -13.54
N ILE D 179 1.79 5.92 -12.74
CA ILE D 179 0.65 6.70 -13.20
C ILE D 179 1.11 7.73 -14.26
N GLU D 180 2.28 8.37 -14.01
CA GLU D 180 2.87 9.32 -14.95
C GLU D 180 3.24 8.62 -16.26
N GLU D 181 3.94 7.46 -16.16
CA GLU D 181 4.37 6.67 -17.29
C GLU D 181 3.18 6.29 -18.17
N CYS D 182 2.06 5.86 -17.54
CA CYS D 182 0.85 5.48 -18.28
C CYS D 182 0.10 6.67 -18.88
N SER D 183 0.07 7.84 -18.15
CA SER D 183 -0.60 9.07 -18.60
C SER D 183 0.13 9.64 -19.80
N VAL D 184 1.46 9.56 -19.79
CA VAL D 184 2.29 10.04 -20.90
C VAL D 184 2.14 9.09 -22.06
N MET D 185 2.05 7.77 -21.78
CA MET D 185 1.86 6.75 -22.82
C MET D 185 0.62 7.04 -23.64
N CYS D 186 -0.49 7.42 -22.98
CA CYS D 186 -1.76 7.72 -23.65
C CYS D 186 -1.65 8.87 -24.63
N LEU D 187 -0.80 9.85 -24.28
CA LEU D 187 -0.50 11.04 -25.07
C LEU D 187 0.20 10.69 -26.38
N TRP D 188 0.94 9.57 -26.45
CA TRP D 188 1.74 9.19 -27.62
C TRP D 188 0.95 8.99 -28.91
N THR D 189 -0.36 8.64 -28.81
CA THR D 189 -1.28 8.47 -29.95
C THR D 189 -1.37 9.77 -30.76
N GLU D 190 -1.14 10.94 -30.09
CA GLU D 190 -1.11 12.29 -30.70
C GLU D 190 -0.14 12.32 -31.89
N GLN D 191 1.03 11.65 -31.76
CA GLN D 191 2.05 11.65 -32.79
C GLN D 191 1.98 10.45 -33.71
N LYS D 192 0.88 9.69 -33.60
CA LYS D 192 0.51 8.59 -34.50
C LYS D 192 1.64 7.55 -34.78
N TYR D 193 2.37 7.15 -33.71
CA TYR D 193 3.47 6.18 -33.78
C TYR D 193 2.81 4.83 -34.01
N ASP D 194 3.18 4.15 -35.13
CA ASP D 194 2.60 2.86 -35.49
C ASP D 194 3.05 1.77 -34.51
N PHE D 195 4.37 1.74 -34.20
CA PHE D 195 4.97 0.74 -33.32
C PHE D 195 5.77 1.31 -32.18
N GLU D 196 5.75 0.63 -31.03
CA GLU D 196 6.52 1.00 -29.85
C GLU D 196 7.54 -0.11 -29.63
N VAL D 197 8.82 0.25 -29.87
CA VAL D 197 9.99 -0.64 -29.78
C VAL D 197 10.64 -0.54 -28.40
N TYR D 198 10.45 -1.58 -27.60
CA TYR D 198 11.06 -1.74 -26.31
C TYR D 198 11.72 -3.12 -26.31
N PRO D 199 13.08 -3.22 -26.17
CA PRO D 199 13.77 -4.52 -26.32
C PRO D 199 13.20 -5.67 -25.48
N SER D 200 13.14 -5.51 -24.14
CA SER D 200 12.49 -6.48 -23.27
C SER D 200 10.97 -6.21 -23.44
N GLY D 201 10.10 -6.85 -22.70
CA GLY D 201 8.71 -6.51 -22.92
C GLY D 201 8.28 -5.16 -22.37
N ARG D 202 7.00 -4.89 -22.55
CA ARG D 202 6.32 -3.74 -21.98
C ARG D 202 6.02 -4.16 -20.52
N ASN D 203 6.21 -3.26 -19.55
CA ASN D 203 5.88 -3.59 -18.17
C ASN D 203 4.35 -3.79 -17.99
N LYS D 204 3.92 -4.45 -16.91
CA LYS D 204 2.51 -4.78 -16.65
C LYS D 204 1.52 -3.59 -16.76
N ALA D 205 1.87 -2.44 -16.15
CA ALA D 205 1.08 -1.22 -16.16
C ALA D 205 0.86 -0.70 -17.58
N MET D 206 1.93 -0.58 -18.38
CA MET D 206 1.86 -0.10 -19.75
C MET D 206 1.11 -1.04 -20.67
N ALA D 207 1.27 -2.35 -20.46
CA ALA D 207 0.56 -3.39 -21.20
C ALA D 207 -0.96 -3.27 -20.92
N ALA D 208 -1.30 -3.02 -19.64
CA ALA D 208 -2.68 -2.85 -19.19
C ALA D 208 -3.31 -1.61 -19.79
N THR D 209 -2.54 -0.48 -19.80
CA THR D 209 -2.94 0.83 -20.34
C THR D 209 -3.23 0.68 -21.82
N TYR D 210 -2.38 -0.05 -22.55
CA TYR D 210 -2.59 -0.30 -23.98
C TYR D 210 -3.90 -1.05 -24.14
N GLU D 211 -4.07 -2.12 -23.36
CA GLU D 211 -5.27 -2.97 -23.41
C GLU D 211 -6.58 -2.20 -23.20
N PHE D 212 -6.69 -1.44 -22.09
CA PHE D 212 -7.91 -0.74 -21.70
C PHE D 212 -8.10 0.67 -22.22
N LEU D 213 -7.02 1.45 -22.35
CA LEU D 213 -7.16 2.86 -22.75
C LEU D 213 -6.68 3.22 -24.16
N ILE D 214 -5.75 2.45 -24.73
CA ILE D 214 -5.19 2.84 -26.03
C ILE D 214 -5.75 1.98 -27.20
N LYS D 215 -5.45 0.65 -27.25
CA LYS D 215 -5.86 -0.27 -28.31
C LYS D 215 -7.34 -0.12 -28.74
N PRO D 216 -8.34 -0.04 -27.82
CA PRO D 216 -9.73 0.12 -28.26
C PRO D 216 -10.01 1.32 -29.17
N HIS D 217 -9.30 2.45 -28.98
CA HIS D 217 -9.52 3.67 -29.75
C HIS D 217 -8.59 3.84 -30.93
N HIS D 218 -7.36 3.32 -30.86
CA HIS D 218 -6.38 3.37 -31.95
C HIS D 218 -5.59 2.06 -31.96
N PRO D 219 -6.07 1.02 -32.68
CA PRO D 219 -5.34 -0.25 -32.63
C PRO D 219 -4.12 -0.28 -33.54
N ASN D 220 -4.02 0.70 -34.47
CA ASN D 220 -2.94 0.79 -35.43
C ASN D 220 -1.85 1.78 -34.98
N TYR D 221 -1.83 2.07 -33.66
CA TYR D 221 -0.84 2.90 -33.01
C TYR D 221 -0.27 2.12 -31.83
N LEU D 222 0.99 2.45 -31.48
CA LEU D 222 1.75 1.88 -30.36
C LEU D 222 1.71 0.34 -30.32
N ARG D 223 1.75 -0.33 -31.50
CA ARG D 223 1.75 -1.79 -31.57
C ARG D 223 3.12 -2.24 -31.02
N PRO D 224 3.15 -3.04 -29.94
CA PRO D 224 4.44 -3.40 -29.33
C PRO D 224 5.38 -4.27 -30.18
N VAL D 225 6.68 -3.96 -30.09
CA VAL D 225 7.76 -4.65 -30.80
C VAL D 225 8.87 -4.93 -29.79
N ALA D 226 9.18 -6.22 -29.59
CA ALA D 226 10.20 -6.65 -28.64
C ALA D 226 11.41 -7.17 -29.41
N LEU D 227 12.57 -7.17 -28.79
CA LEU D 227 13.77 -7.61 -29.45
C LEU D 227 14.47 -8.79 -28.80
N ARG D 228 15.40 -9.39 -29.55
CA ARG D 228 16.22 -10.52 -29.15
C ARG D 228 17.66 -10.17 -29.48
N PHE D 229 18.53 -10.24 -28.46
CA PHE D 229 19.94 -9.95 -28.68
C PHE D 229 20.71 -11.27 -28.74
N LYS D 230 21.62 -11.35 -29.72
CA LYS D 230 22.49 -12.49 -29.96
C LYS D 230 23.90 -11.95 -29.99
N LYS D 231 24.89 -12.78 -29.62
CA LYS D 231 26.32 -12.39 -29.59
C LYS D 231 27.18 -13.18 -30.66
N TYR D 232 28.51 -12.84 -30.73
CA TYR D 232 29.49 -13.50 -31.61
C TYR D 232 30.66 -14.09 -30.77
N ASN E 7 5.68 22.21 20.91
CA ASN E 7 5.96 21.19 21.91
C ASN E 7 7.18 21.55 22.83
N ARG E 8 7.43 20.68 23.85
CA ARG E 8 8.47 20.79 24.89
C ARG E 8 9.57 19.71 24.73
N ILE E 9 10.87 20.10 24.91
CA ILE E 9 12.04 19.19 24.73
C ILE E 9 12.08 18.08 25.81
N VAL E 10 12.42 16.83 25.38
CA VAL E 10 12.59 15.66 26.29
C VAL E 10 14.06 15.19 26.20
N LYS E 11 14.70 15.01 27.37
CA LYS E 11 16.10 14.62 27.40
C LYS E 11 16.34 13.31 28.16
N ALA E 12 17.22 12.48 27.59
CA ALA E 12 17.58 11.21 28.20
C ALA E 12 19.00 11.29 28.74
N SER E 13 19.21 10.68 29.92
CA SER E 13 20.48 10.63 30.64
C SER E 13 20.66 9.24 31.26
N PHE E 14 21.93 8.84 31.54
CA PHE E 14 22.19 7.57 32.20
C PHE E 14 21.81 7.63 33.66
N ARG E 15 21.59 6.47 34.23
CA ARG E 15 21.21 6.36 35.63
C ARG E 15 22.03 5.22 36.25
N GLU E 16 22.62 5.48 37.43
CA GLU E 16 23.33 4.50 38.28
C GLU E 16 24.53 3.73 37.63
N ASN E 17 25.03 4.18 36.47
CA ASN E 17 26.19 3.55 35.85
C ASN E 17 27.47 4.25 36.34
N PRO E 18 28.38 3.54 37.04
CA PRO E 18 29.61 4.18 37.55
C PRO E 18 30.50 4.75 36.46
N VAL E 19 31.31 5.75 36.82
CA VAL E 19 32.26 6.42 35.92
C VAL E 19 33.20 5.41 35.23
N GLU E 20 33.61 4.37 35.97
CA GLU E 20 34.47 3.29 35.49
C GLU E 20 33.82 2.47 34.37
N GLU E 21 32.48 2.38 34.41
CA GLU E 21 31.67 1.70 33.40
C GLU E 21 31.44 2.66 32.23
N ARG E 22 30.96 3.89 32.54
CA ARG E 22 30.63 4.93 31.56
C ARG E 22 31.80 5.37 30.70
N LYS E 23 33.05 5.20 31.19
CA LYS E 23 34.24 5.60 30.42
C LYS E 23 34.40 4.73 29.17
N LEU E 24 33.91 3.46 29.27
CA LEU E 24 33.94 2.43 28.23
C LEU E 24 32.94 2.71 27.11
N PHE E 25 31.71 3.18 27.45
CA PHE E 25 30.59 3.51 26.52
C PHE E 25 30.97 4.04 25.13
N PRO E 26 31.88 5.05 25.00
CA PRO E 26 32.20 5.57 23.64
C PRO E 26 32.93 4.61 22.70
N GLN E 27 33.61 3.61 23.29
CA GLN E 27 34.34 2.58 22.56
C GLN E 27 33.68 1.19 22.69
N SER E 28 32.44 1.18 23.16
CA SER E 28 31.68 -0.04 23.34
C SER E 28 30.37 -0.05 22.53
N SER E 29 29.91 -1.27 22.21
CA SER E 29 28.69 -1.56 21.47
C SER E 29 27.55 -1.71 22.45
N CYS E 30 26.33 -1.46 21.98
CA CYS E 30 25.17 -1.62 22.82
C CYS E 30 24.01 -2.30 22.12
N LEU E 31 23.18 -2.97 22.90
CA LEU E 31 21.99 -3.60 22.38
C LEU E 31 20.78 -2.95 23.02
N MET E 32 19.89 -2.40 22.19
CA MET E 32 18.65 -1.78 22.68
C MET E 32 17.42 -2.70 22.47
N PRO E 33 17.06 -3.60 23.39
CA PRO E 33 15.82 -4.36 23.22
C PRO E 33 14.59 -3.43 23.29
N ILE E 34 13.53 -3.79 22.52
CA ILE E 34 12.31 -2.99 22.39
C ILE E 34 11.07 -3.77 22.71
N SER E 35 10.47 -3.52 23.86
CA SER E 35 9.19 -4.15 24.19
C SER E 35 8.19 -3.21 23.51
N VAL E 36 7.78 -3.58 22.27
CA VAL E 36 6.95 -2.81 21.33
C VAL E 36 5.77 -2.02 21.98
N GLY E 37 4.95 -2.68 22.79
CA GLY E 37 3.81 -2.03 23.45
C GLY E 37 4.07 -0.75 24.26
N GLN E 38 5.29 -0.64 24.85
CA GLN E 38 5.75 0.45 25.72
C GLN E 38 5.94 1.80 25.05
N ALA E 39 5.60 2.85 25.80
CA ALA E 39 5.70 4.24 25.42
C ALA E 39 7.12 4.80 25.54
N ILE E 40 8.01 4.16 26.33
CA ILE E 40 9.43 4.54 26.43
C ILE E 40 10.14 4.35 25.08
N HIS E 41 9.51 3.52 24.23
CA HIS E 41 9.98 3.14 22.91
C HIS E 41 9.35 3.95 21.79
N GLU E 42 8.51 4.93 22.14
CA GLU E 42 7.84 5.79 21.16
C GLU E 42 8.21 7.28 21.26
N ASP E 43 7.90 8.01 20.18
CA ASP E 43 7.99 9.45 19.93
C ASP E 43 9.14 10.16 20.66
N GLU E 44 8.80 11.27 21.38
CA GLU E 44 9.68 12.16 22.14
C GLU E 44 10.72 11.40 22.95
N LYS E 45 10.25 10.37 23.71
CA LYS E 45 11.09 9.48 24.55
C LYS E 45 12.07 8.63 23.72
N PHE E 46 11.62 8.00 22.63
CA PHE E 46 12.49 7.20 21.79
C PHE E 46 13.56 8.06 21.12
N ALA E 47 13.13 9.21 20.60
CA ALA E 47 13.97 10.18 19.92
C ALA E 47 15.11 10.62 20.87
N ALA E 48 14.73 10.91 22.13
CA ALA E 48 15.63 11.29 23.20
C ALA E 48 16.73 10.23 23.37
N VAL E 49 16.34 8.93 23.40
CA VAL E 49 17.24 7.77 23.54
C VAL E 49 18.21 7.73 22.38
N ILE E 50 17.65 7.83 21.16
CA ILE E 50 18.42 7.83 19.93
C ILE E 50 19.53 8.89 20.00
N LYS E 51 19.15 10.15 20.43
CA LYS E 51 20.08 11.28 20.57
C LYS E 51 21.25 10.98 21.53
N LEU E 52 20.95 10.41 22.71
CA LEU E 52 21.97 10.10 23.71
C LEU E 52 22.92 9.01 23.19
N ILE E 53 22.35 7.86 22.72
CA ILE E 53 23.07 6.70 22.20
C ILE E 53 24.04 7.16 21.15
N ASN E 54 23.55 7.98 20.21
CA ASN E 54 24.36 8.50 19.12
C ASN E 54 25.59 9.24 19.67
N ALA E 55 25.31 10.14 20.63
CA ALA E 55 26.27 11.00 21.30
C ALA E 55 27.27 10.25 22.18
N SER E 56 26.90 9.10 22.75
CA SER E 56 27.77 8.41 23.71
C SER E 56 28.21 6.97 23.39
N PHE E 57 27.78 6.36 22.25
CA PHE E 57 28.12 4.95 21.99
C PHE E 57 28.89 4.68 20.69
N LYS E 58 29.76 3.63 20.69
CA LYS E 58 30.51 3.25 19.50
C LYS E 58 29.56 2.80 18.39
N GLN E 59 28.73 1.78 18.71
CA GLN E 59 27.74 1.15 17.83
C GLN E 59 26.51 0.71 18.59
N CYS E 60 25.41 0.62 17.87
CA CYS E 60 24.11 0.25 18.41
C CYS E 60 23.49 -0.81 17.56
N THR E 61 22.53 -1.55 18.14
CA THR E 61 21.74 -2.55 17.45
C THR E 61 20.43 -2.67 18.24
N ILE E 62 19.34 -2.26 17.60
CA ILE E 62 18.00 -2.29 18.17
C ILE E 62 17.31 -3.64 17.86
N LEU E 63 16.83 -4.33 18.89
CA LEU E 63 16.15 -5.58 18.70
C LEU E 63 14.68 -5.36 18.96
N VAL E 64 13.86 -5.64 17.96
CA VAL E 64 12.40 -5.48 18.07
C VAL E 64 11.80 -6.77 18.71
N ASP E 65 11.46 -6.74 20.01
CA ASP E 65 10.89 -7.90 20.71
C ASP E 65 9.42 -7.97 20.28
N ASP E 66 9.16 -8.52 19.07
CA ASP E 66 7.80 -8.59 18.52
C ASP E 66 7.12 -9.95 18.63
N SER E 67 7.67 -10.99 17.99
CA SER E 67 7.06 -12.32 17.98
C SER E 67 6.96 -12.94 19.37
N VAL E 68 7.69 -12.45 20.39
CA VAL E 68 7.54 -12.94 21.78
C VAL E 68 6.16 -12.60 22.28
N GLN E 69 5.67 -11.42 21.87
CA GLN E 69 4.39 -10.86 22.30
C GLN E 69 3.24 -11.78 22.00
N ARG E 70 3.42 -12.73 21.04
CA ARG E 70 2.41 -13.71 20.70
C ARG E 70 1.88 -14.44 21.95
N HIS E 71 2.77 -14.74 22.95
CA HIS E 71 2.43 -15.39 24.21
C HIS E 71 1.51 -14.51 25.06
N THR E 72 1.91 -13.22 25.27
CA THR E 72 1.17 -12.23 26.08
C THR E 72 -0.15 -11.80 25.41
N ILE E 73 -0.14 -11.53 24.08
CA ILE E 73 -1.33 -11.15 23.30
C ILE E 73 -2.41 -12.21 23.50
N GLY E 74 -1.96 -13.46 23.45
CA GLY E 74 -2.77 -14.64 23.62
C GLY E 74 -3.36 -14.87 24.99
N ILE E 75 -3.07 -14.01 26.00
CA ILE E 75 -3.65 -14.19 27.34
C ILE E 75 -5.16 -13.93 27.27
N MET E 76 -5.54 -12.77 26.72
CA MET E 76 -6.94 -12.37 26.60
C MET E 76 -7.51 -12.64 25.20
N ASN E 77 -6.65 -12.69 24.17
CA ASN E 77 -7.12 -13.00 22.82
C ASN E 77 -6.93 -14.50 22.61
N HIS E 78 -8.05 -15.24 22.63
CA HIS E 78 -8.07 -16.69 22.50
C HIS E 78 -8.00 -17.18 21.02
N ALA E 79 -7.31 -16.42 20.15
CA ALA E 79 -7.15 -16.73 18.73
C ALA E 79 -6.20 -17.91 18.48
N THR E 80 -6.05 -18.31 17.19
CA THR E 80 -5.15 -19.39 16.72
C THR E 80 -3.71 -18.98 16.95
N THR E 81 -2.85 -19.95 17.26
CA THR E 81 -1.41 -19.76 17.47
C THR E 81 -0.79 -18.98 16.30
N GLU E 82 -1.24 -19.26 15.06
CA GLU E 82 -0.78 -18.57 13.87
C GLU E 82 -1.32 -17.15 13.83
N GLU E 83 -2.63 -16.99 14.17
CA GLU E 83 -3.33 -15.70 14.25
C GLU E 83 -2.55 -14.77 15.20
N LEU E 84 -2.21 -15.28 16.41
CA LEU E 84 -1.45 -14.61 17.49
C LEU E 84 -0.03 -14.28 17.05
N TYR E 85 0.64 -15.19 16.31
CA TYR E 85 1.99 -14.92 15.79
C TYR E 85 1.94 -13.74 14.82
N GLN E 86 0.97 -13.76 13.90
CA GLN E 86 0.83 -12.73 12.86
C GLN E 86 0.48 -11.33 13.43
N LEU E 87 -0.28 -11.30 14.55
CA LEU E 87 -0.61 -10.07 15.28
C LEU E 87 0.67 -9.47 15.88
N ALA E 88 1.47 -10.34 16.59
CA ALA E 88 2.74 -10.00 17.23
C ALA E 88 3.72 -9.45 16.22
N VAL E 89 3.80 -10.06 15.02
CA VAL E 89 4.66 -9.56 13.95
C VAL E 89 4.16 -8.19 13.49
N LYS E 90 2.81 -8.05 13.30
CA LYS E 90 2.14 -6.79 12.89
C LYS E 90 2.53 -5.63 13.83
N GLU E 91 2.59 -5.89 15.16
CA GLU E 91 3.01 -4.87 16.13
C GLU E 91 4.47 -4.41 15.89
N GLY E 92 5.34 -5.36 15.56
CA GLY E 92 6.73 -5.08 15.24
C GLY E 92 6.85 -4.28 13.97
N ASP E 93 6.01 -4.64 12.96
CA ASP E 93 5.93 -3.98 11.65
C ASP E 93 5.55 -2.50 11.88
N GLU E 94 4.46 -2.33 12.66
CA GLU E 94 3.91 -1.05 13.06
C GLU E 94 4.90 -0.21 13.85
N TRP E 95 5.65 -0.81 14.79
CA TRP E 95 6.64 -0.02 15.55
C TRP E 95 7.68 0.55 14.58
N LEU E 96 8.19 -0.29 13.67
CA LEU E 96 9.20 0.11 12.71
C LEU E 96 8.74 1.27 11.84
N LYS E 97 7.41 1.35 11.54
CA LYS E 97 6.76 2.43 10.77
C LYS E 97 6.92 3.78 11.53
N ARG E 98 6.28 3.86 12.71
CA ARG E 98 6.26 4.99 13.63
C ARG E 98 7.65 5.50 13.98
N ASN E 99 8.66 4.61 14.08
CA ASN E 99 9.96 5.04 14.58
C ASN E 99 11.07 5.00 13.57
N GLN E 100 10.79 4.70 12.30
CA GLN E 100 11.82 4.71 11.25
C GLN E 100 12.47 6.13 11.21
N ARG E 101 11.59 7.18 11.28
CA ARG E 101 11.87 8.62 11.32
C ARG E 101 13.00 8.97 12.27
N PHE E 102 13.03 8.30 13.46
CA PHE E 102 13.96 8.55 14.53
C PHE E 102 15.25 7.78 14.46
N TYR E 103 15.21 6.45 14.32
CA TYR E 103 16.45 5.68 14.33
C TYR E 103 17.29 5.93 13.11
N LYS E 104 16.66 6.36 11.97
CA LYS E 104 17.42 6.67 10.75
C LYS E 104 18.46 7.78 10.99
N GLN E 105 18.17 8.65 11.98
CA GLN E 105 19.02 9.77 12.39
C GLN E 105 20.30 9.32 13.15
N LEU E 106 20.47 8.00 13.37
CA LEU E 106 21.69 7.48 13.99
C LEU E 106 22.86 7.61 13.00
N THR E 107 23.93 8.25 13.46
CA THR E 107 25.16 8.50 12.71
C THR E 107 26.17 7.38 12.97
N ILE E 108 26.08 6.74 14.17
CA ILE E 108 26.96 5.64 14.54
C ILE E 108 26.54 4.37 13.79
N PRO E 109 27.43 3.35 13.64
CA PRO E 109 27.02 2.13 12.93
C PRO E 109 25.90 1.41 13.68
N PHE E 110 24.77 1.18 13.00
CA PHE E 110 23.66 0.51 13.67
C PHE E 110 23.04 -0.62 12.82
N GLU E 111 22.32 -1.54 13.49
CA GLU E 111 21.69 -2.72 12.91
C GLU E 111 20.31 -2.85 13.52
N ILE E 112 19.31 -3.20 12.71
CA ILE E 112 17.95 -3.39 13.22
C ILE E 112 17.64 -4.86 13.13
N MET E 113 17.45 -5.52 14.28
CA MET E 113 17.12 -6.94 14.31
C MET E 113 15.69 -7.11 14.80
N ARG E 114 15.12 -8.31 14.60
CA ARG E 114 13.77 -8.62 15.03
C ARG E 114 13.79 -9.91 15.83
N TRP E 115 12.80 -10.12 16.72
CA TRP E 115 12.77 -11.26 17.64
C TRP E 115 13.07 -12.61 17.01
N ASP E 116 12.40 -12.91 15.86
CA ASP E 116 12.54 -14.16 15.12
C ASP E 116 13.98 -14.46 14.72
N ASP E 117 14.82 -13.41 14.51
CA ASP E 117 16.24 -13.57 14.16
C ASP E 117 16.99 -14.33 15.25
N TRP E 118 16.51 -14.23 16.51
CA TRP E 118 17.11 -14.89 17.67
C TRP E 118 16.42 -16.20 18.00
N TYR E 119 15.08 -16.22 17.98
CA TYR E 119 14.28 -17.40 18.26
C TYR E 119 14.58 -18.57 17.31
N ASN E 120 14.86 -18.23 16.04
CA ASN E 120 15.15 -19.20 14.98
C ASN E 120 16.63 -19.58 14.94
N SER E 121 17.44 -19.05 15.88
CA SER E 121 18.85 -19.41 15.96
C SER E 121 19.01 -20.93 16.20
N PRO E 122 20.04 -21.56 15.58
CA PRO E 122 20.26 -23.01 15.79
C PRO E 122 20.48 -23.33 17.27
N ASN E 123 21.06 -22.36 18.00
CA ASN E 123 21.38 -22.51 19.41
C ASN E 123 20.21 -22.24 20.33
N TYR E 124 19.04 -21.77 19.81
CA TYR E 124 17.91 -21.48 20.69
C TYR E 124 17.45 -22.66 21.51
N ILE E 125 17.18 -23.82 20.89
CA ILE E 125 16.64 -24.98 21.57
C ILE E 125 17.50 -25.38 22.77
N ASN E 126 18.83 -25.53 22.58
CA ASN E 126 19.77 -25.88 23.67
C ASN E 126 19.71 -24.87 24.81
N SER E 127 19.71 -23.55 24.48
CA SER E 127 19.60 -22.46 25.44
C SER E 127 18.28 -22.53 26.18
N HIS E 128 17.19 -22.86 25.46
CA HIS E 128 15.84 -23.01 26.02
C HIS E 128 15.83 -24.10 27.05
N LEU E 129 16.56 -25.20 26.77
CA LEU E 129 16.66 -26.34 27.68
C LEU E 129 17.46 -25.95 28.93
N ARG E 130 18.57 -25.17 28.73
CA ARG E 130 19.43 -24.66 29.80
C ARG E 130 18.62 -23.79 30.78
N VAL E 131 17.78 -22.89 30.23
CA VAL E 131 16.92 -22.00 31.02
C VAL E 131 15.88 -22.85 31.74
N GLN E 132 15.24 -23.79 31.02
CA GLN E 132 14.24 -24.70 31.54
C GLN E 132 14.80 -25.51 32.73
N LYS E 133 16.06 -26.00 32.60
CA LYS E 133 16.80 -26.76 33.63
C LYS E 133 17.04 -25.90 34.87
N GLU E 134 17.59 -24.68 34.68
CA GLU E 134 17.83 -23.74 35.77
C GLU E 134 16.53 -23.37 36.53
N TYR E 135 15.39 -23.28 35.83
CA TYR E 135 14.10 -22.99 36.44
C TYR E 135 13.72 -24.13 37.37
N ASP E 136 13.96 -25.37 36.93
CA ASP E 136 13.64 -26.58 37.70
C ASP E 136 14.58 -26.78 38.91
N THR E 137 15.92 -26.76 38.65
CA THR E 137 16.98 -26.94 39.66
C THR E 137 17.11 -25.69 40.63
N ASN E 138 17.61 -24.52 40.12
CA ASN E 138 17.83 -23.26 40.88
C ASN E 138 16.53 -22.51 41.31
N LYS E 139 16.18 -22.59 42.61
CA LYS E 139 14.98 -21.97 43.18
C LYS E 139 15.01 -20.41 43.20
N ALA E 140 16.20 -19.76 43.33
CA ALA E 140 16.31 -18.29 43.36
C ALA E 140 15.87 -17.67 42.00
N PHE E 141 16.19 -18.38 40.90
CA PHE E 141 15.86 -18.09 39.51
C PHE E 141 14.39 -18.34 39.31
N GLN E 142 13.89 -19.49 39.83
CA GLN E 142 12.48 -19.88 39.79
C GLN E 142 11.64 -18.78 40.44
N ASN E 143 12.06 -18.30 41.63
CA ASN E 143 11.38 -17.26 42.39
C ASN E 143 11.36 -15.94 41.64
N ALA E 144 12.50 -15.59 40.99
CA ALA E 144 12.64 -14.37 40.20
C ALA E 144 11.65 -14.36 39.04
N ILE E 145 11.54 -15.50 38.31
CA ILE E 145 10.61 -15.66 37.20
C ILE E 145 9.16 -15.49 37.69
N HIS E 146 8.82 -16.16 38.81
CA HIS E 146 7.49 -16.08 39.43
C HIS E 146 7.15 -14.67 39.84
N ALA E 147 8.14 -13.93 40.40
CA ALA E 147 8.01 -12.54 40.82
C ALA E 147 7.72 -11.67 39.61
N ASN E 148 8.46 -11.90 38.52
CA ASN E 148 8.31 -11.21 37.24
C ASN E 148 6.91 -11.43 36.68
N ILE E 149 6.37 -12.67 36.79
CA ILE E 149 5.04 -13.00 36.33
C ILE E 149 4.02 -12.11 37.04
N ASP E 150 4.13 -12.01 38.39
CA ASP E 150 3.26 -11.18 39.23
C ASP E 150 3.32 -9.71 38.83
N ASP E 151 4.54 -9.15 38.70
CA ASP E 151 4.82 -7.77 38.30
C ASP E 151 4.16 -7.46 36.97
N PHE E 152 4.35 -8.35 35.98
CA PHE E 152 3.79 -8.17 34.65
C PHE E 152 2.28 -8.27 34.60
N LEU E 153 1.71 -9.34 35.15
CA LEU E 153 0.28 -9.58 35.07
C LEU E 153 -0.55 -8.59 35.88
N THR E 154 -0.04 -8.10 37.03
CA THR E 154 -0.76 -7.09 37.84
C THR E 154 -0.93 -5.80 37.02
N ARG E 155 0.03 -5.51 36.14
CA ARG E 155 0.00 -4.36 35.24
C ARG E 155 -0.83 -4.64 33.98
N TYR E 156 -0.50 -5.72 33.25
CA TYR E 156 -1.16 -6.15 32.00
C TYR E 156 -2.66 -6.40 32.15
N LEU E 157 -3.05 -7.08 33.23
CA LEU E 157 -4.44 -7.44 33.52
C LEU E 157 -5.11 -6.52 34.56
N SER E 158 -4.62 -5.27 34.69
CA SER E 158 -5.17 -4.27 35.61
C SER E 158 -6.60 -3.88 35.21
N ARG E 159 -6.86 -3.95 33.88
CA ARG E 159 -8.18 -3.71 33.29
C ARG E 159 -9.07 -4.98 33.46
N PHE E 160 -10.20 -5.07 32.70
CA PHE E 160 -11.14 -6.20 32.65
C PHE E 160 -11.34 -6.93 33.98
N ALA E 163 -11.51 -8.66 36.77
CA ALA E 163 -10.80 -9.82 37.31
C ALA E 163 -11.50 -11.17 37.00
N ASP E 164 -12.09 -11.30 35.79
CA ASP E 164 -12.78 -12.50 35.26
C ASP E 164 -11.83 -13.41 34.40
N VAL E 165 -10.53 -13.02 34.35
CA VAL E 165 -9.42 -13.59 33.57
C VAL E 165 -9.08 -15.05 33.89
N ASP E 166 -8.63 -15.82 32.87
CA ASP E 166 -8.24 -17.22 33.09
C ASP E 166 -6.84 -17.14 33.68
N HIS E 167 -6.76 -17.19 35.01
CA HIS E 167 -5.50 -17.07 35.75
C HIS E 167 -4.52 -18.19 35.47
N GLU E 168 -5.05 -19.39 35.15
CA GLU E 168 -4.28 -20.59 34.81
C GLU E 168 -3.51 -20.33 33.52
N ARG E 169 -4.22 -19.76 32.52
CA ARG E 169 -3.72 -19.40 31.19
C ARG E 169 -2.69 -18.30 31.27
N ALA E 170 -3.07 -17.20 31.95
CA ALA E 170 -2.26 -16.00 32.14
C ALA E 170 -0.89 -16.35 32.65
N PHE E 171 -0.82 -17.23 33.69
CA PHE E 171 0.44 -17.68 34.26
C PHE E 171 1.25 -18.51 33.25
N ARG E 172 0.60 -19.52 32.64
CA ARG E 172 1.24 -20.43 31.68
C ARG E 172 1.89 -19.69 30.51
N LEU E 173 1.13 -18.81 29.85
CA LEU E 173 1.58 -18.02 28.70
C LEU E 173 2.67 -17.00 29.08
N CYS E 174 2.53 -16.37 30.25
CA CYS E 174 3.49 -15.41 30.77
C CYS E 174 4.81 -16.11 31.06
N LEU E 175 4.76 -17.37 31.55
CA LEU E 175 5.93 -18.21 31.81
C LEU E 175 6.63 -18.52 30.49
N ASP E 176 5.85 -18.87 29.45
CA ASP E 176 6.34 -19.20 28.09
C ASP E 176 7.10 -17.98 27.54
N TYR E 177 6.50 -16.78 27.73
CA TYR E 177 7.04 -15.48 27.32
C TYR E 177 8.38 -15.25 28.00
N LEU E 178 8.43 -15.42 29.33
CA LEU E 178 9.64 -15.18 30.09
C LEU E 178 10.73 -16.20 29.84
N ILE E 179 10.38 -17.49 29.61
CA ILE E 179 11.37 -18.54 29.30
C ILE E 179 12.02 -18.24 27.94
N GLU E 180 11.21 -17.81 26.96
CA GLU E 180 11.70 -17.44 25.63
C GLU E 180 12.63 -16.22 25.74
N GLU E 181 12.18 -15.15 26.46
CA GLU E 181 12.94 -13.92 26.65
C GLU E 181 14.33 -14.20 27.22
N CYS E 182 14.38 -15.06 28.24
CA CYS E 182 15.61 -15.47 28.90
C CYS E 182 16.55 -16.33 28.00
N SER E 183 15.95 -17.31 27.27
CA SER E 183 16.68 -18.23 26.40
C SER E 183 17.30 -17.45 25.30
N VAL E 184 16.55 -16.45 24.81
CA VAL E 184 17.02 -15.57 23.75
C VAL E 184 18.18 -14.75 24.31
N MET E 185 17.99 -14.14 25.50
CA MET E 185 18.98 -13.31 26.19
C MET E 185 20.35 -13.99 26.26
N CYS E 186 20.39 -15.30 26.61
CA CYS E 186 21.62 -16.08 26.70
C CYS E 186 22.39 -16.12 25.39
N LEU E 187 21.65 -16.13 24.27
CA LEU E 187 22.17 -16.15 22.91
C LEU E 187 22.89 -14.86 22.54
N TRP E 188 22.56 -13.72 23.18
CA TRP E 188 23.12 -12.40 22.85
C TRP E 188 24.62 -12.29 22.98
N THR E 189 25.25 -13.10 23.88
CA THR E 189 26.69 -13.16 24.11
C THR E 189 27.44 -13.51 22.81
N GLU E 190 26.77 -14.24 21.89
CA GLU E 190 27.27 -14.61 20.55
C GLU E 190 27.74 -13.37 19.77
N GLN E 191 27.00 -12.24 19.89
CA GLN E 191 27.33 -11.01 19.19
C GLN E 191 28.17 -10.03 20.01
N LYS E 192 28.65 -10.49 21.18
CA LYS E 192 29.58 -9.76 22.05
C LYS E 192 29.14 -8.27 22.37
N TYR E 193 27.82 -8.05 22.62
CA TYR E 193 27.23 -6.75 22.98
C TYR E 193 27.76 -6.35 24.36
N ASP E 194 28.55 -5.26 24.44
CA ASP E 194 29.19 -4.77 25.66
C ASP E 194 28.20 -4.30 26.71
N PHE E 195 27.12 -3.63 26.28
CA PHE E 195 26.08 -3.10 27.17
C PHE E 195 24.69 -3.33 26.64
N GLU E 196 23.75 -3.58 27.53
CA GLU E 196 22.35 -3.74 27.18
C GLU E 196 21.58 -2.54 27.73
N VAL E 197 21.05 -1.69 26.84
CA VAL E 197 20.34 -0.46 27.17
C VAL E 197 18.80 -0.65 27.16
N TYR E 198 18.22 -0.65 28.36
CA TYR E 198 16.78 -0.73 28.57
C TYR E 198 16.41 0.47 29.47
N PRO E 199 15.56 1.44 29.01
CA PRO E 199 15.31 2.68 29.80
C PRO E 199 14.90 2.48 31.25
N SER E 200 13.80 1.73 31.50
CA SER E 200 13.40 1.36 32.87
C SER E 200 14.35 0.21 33.24
N GLY E 201 14.15 -0.42 34.37
CA GLY E 201 15.07 -1.49 34.71
C GLY E 201 14.98 -2.76 33.85
N ARG E 202 15.93 -3.70 34.10
CA ARG E 202 15.91 -5.04 33.55
C ARG E 202 14.88 -5.76 34.39
N ASN E 203 13.96 -6.51 33.76
CA ASN E 203 12.97 -7.20 34.57
C ASN E 203 13.62 -8.29 35.43
N LYS E 204 12.93 -8.73 36.48
CA LYS E 204 13.45 -9.71 37.43
C LYS E 204 14.04 -11.00 36.78
N ALA E 205 13.32 -11.60 35.81
CA ALA E 205 13.74 -12.81 35.08
C ALA E 205 15.05 -12.61 34.33
N MET E 206 15.18 -11.50 33.59
CA MET E 206 16.38 -11.20 32.83
C MET E 206 17.57 -10.88 33.72
N ALA E 207 17.31 -10.16 34.85
CA ALA E 207 18.32 -9.86 35.86
C ALA E 207 18.85 -11.19 36.48
N ALA E 208 17.91 -12.12 36.79
CA ALA E 208 18.17 -13.47 37.31
C ALA E 208 19.03 -14.30 36.33
N THR E 209 18.71 -14.24 35.02
CA THR E 209 19.40 -14.95 33.94
C THR E 209 20.82 -14.43 33.79
N TYR E 210 21.01 -13.10 33.87
CA TYR E 210 22.32 -12.49 33.78
C TYR E 210 23.16 -13.01 34.96
N GLU E 211 22.56 -13.10 36.18
CA GLU E 211 23.29 -13.57 37.36
C GLU E 211 23.70 -15.03 37.30
N PHE E 212 22.74 -15.94 37.14
CA PHE E 212 23.03 -17.38 37.12
C PHE E 212 23.60 -17.97 35.82
N LEU E 213 23.31 -17.37 34.62
CA LEU E 213 23.70 -17.99 33.35
C LEU E 213 24.63 -17.18 32.45
N ILE E 214 24.63 -15.85 32.55
CA ILE E 214 25.43 -15.05 31.62
C ILE E 214 26.73 -14.44 32.25
N LYS E 215 26.61 -13.53 33.27
CA LYS E 215 27.73 -12.85 33.94
C LYS E 215 28.87 -13.80 34.31
N PRO E 216 28.62 -15.00 34.94
CA PRO E 216 29.73 -15.91 35.26
C PRO E 216 30.64 -16.29 34.10
N HIS E 217 30.10 -16.41 32.88
CA HIS E 217 30.89 -16.84 31.73
C HIS E 217 31.42 -15.70 30.87
N HIS E 218 30.70 -14.56 30.81
CA HIS E 218 31.11 -13.37 30.04
C HIS E 218 30.67 -12.13 30.82
N PRO E 219 31.53 -11.62 31.73
CA PRO E 219 31.09 -10.48 32.54
C PRO E 219 31.21 -9.16 31.83
N ASN E 220 31.95 -9.14 30.69
CA ASN E 220 32.18 -7.92 29.93
C ASN E 220 31.21 -7.77 28.77
N TYR E 221 30.14 -8.57 28.83
CA TYR E 221 29.04 -8.56 27.90
C TYR E 221 27.75 -8.31 28.63
N LEU E 222 26.78 -7.70 27.91
CA LEU E 222 25.41 -7.40 28.34
C LEU E 222 25.38 -6.66 29.67
N ARG E 223 26.28 -5.66 29.85
CA ARG E 223 26.32 -4.91 31.11
C ARG E 223 25.09 -3.99 31.10
N PRO E 224 24.17 -4.13 32.07
CA PRO E 224 22.95 -3.30 32.02
C PRO E 224 23.16 -1.79 32.13
N VAL E 225 22.36 -1.04 31.36
CA VAL E 225 22.36 0.43 31.30
C VAL E 225 20.88 0.89 31.35
N ALA E 226 20.53 1.72 32.34
CA ALA E 226 19.17 2.25 32.52
C ALA E 226 19.19 3.73 32.23
N LEU E 227 18.02 4.31 31.97
CA LEU E 227 17.93 5.73 31.62
C LEU E 227 17.00 6.53 32.49
N ARG E 228 17.09 7.87 32.34
CA ARG E 228 16.30 8.87 33.05
C ARG E 228 15.81 9.90 32.06
N PHE E 229 14.50 10.14 32.04
CA PHE E 229 13.92 11.11 31.12
C PHE E 229 13.48 12.35 31.86
N LYS E 230 13.65 13.52 31.20
CA LYS E 230 13.34 14.85 31.74
C LYS E 230 12.68 15.79 30.69
N LYS E 231 11.38 16.07 30.87
CA LYS E 231 10.64 16.97 29.98
C LYS E 231 10.84 18.43 30.46
N TYR E 232 10.94 19.42 29.50
CA TYR E 232 11.14 20.86 29.73
C TYR E 232 10.07 21.71 29.01
N ILE F 9 -33.94 20.94 12.04
CA ILE F 9 -33.49 21.54 13.31
C ILE F 9 -32.98 20.45 14.29
N VAL F 10 -33.67 19.26 14.35
CA VAL F 10 -33.34 18.15 15.25
C VAL F 10 -31.90 17.67 15.04
N LYS F 11 -31.13 17.75 16.13
CA LYS F 11 -29.72 17.33 16.21
C LYS F 11 -29.60 16.16 17.17
N ALA F 12 -28.76 15.20 16.80
CA ALA F 12 -28.56 14.04 17.62
C ALA F 12 -27.12 13.93 18.09
N SER F 13 -26.95 13.29 19.26
CA SER F 13 -25.65 13.11 19.90
C SER F 13 -25.55 11.74 20.56
N PHE F 14 -24.32 11.28 20.80
CA PHE F 14 -24.06 10.01 21.43
C PHE F 14 -24.21 10.17 22.94
N ARG F 15 -24.36 9.07 23.67
CA ARG F 15 -24.50 9.07 25.13
C ARG F 15 -24.03 7.73 25.68
N GLU F 16 -23.61 7.69 26.98
CA GLU F 16 -23.15 6.50 27.73
C GLU F 16 -22.04 5.70 27.01
N ASN F 17 -21.20 6.41 26.23
CA ASN F 17 -20.10 5.82 25.49
C ASN F 17 -18.83 6.49 25.93
N PRO F 18 -17.90 5.76 26.61
CA PRO F 18 -16.65 6.38 27.09
C PRO F 18 -15.80 6.96 25.97
N VAL F 19 -14.97 7.94 26.34
CA VAL F 19 -14.11 8.66 25.39
C VAL F 19 -13.18 7.71 24.62
N GLU F 20 -12.73 6.65 25.30
CA GLU F 20 -11.92 5.63 24.68
C GLU F 20 -12.65 4.84 23.56
N GLU F 21 -13.99 4.68 23.68
CA GLU F 21 -14.87 4.06 22.69
C GLU F 21 -15.03 5.07 21.54
N ARG F 22 -15.50 6.28 21.91
CA ARG F 22 -15.86 7.40 21.07
C ARG F 22 -14.76 7.92 20.15
N LYS F 23 -13.50 7.70 20.53
CA LYS F 23 -12.37 8.17 19.72
C LYS F 23 -12.17 7.34 18.43
N LEU F 24 -12.57 6.06 18.51
CA LEU F 24 -12.47 5.04 17.47
C LEU F 24 -13.47 5.25 16.35
N PHE F 25 -14.67 5.78 16.68
CA PHE F 25 -15.76 6.03 15.75
C PHE F 25 -15.35 6.49 14.32
N PRO F 26 -14.46 7.51 14.14
CA PRO F 26 -14.13 7.97 12.77
C PRO F 26 -13.42 6.95 11.89
N GLN F 27 -12.76 5.96 12.51
CA GLN F 27 -12.04 4.90 11.81
C GLN F 27 -12.74 3.53 11.96
N SER F 28 -13.99 3.53 12.50
CA SER F 28 -14.80 2.36 12.77
C SER F 28 -16.01 2.22 11.86
N SER F 29 -16.53 0.97 11.77
CA SER F 29 -17.73 0.60 11.02
C SER F 29 -18.92 0.47 11.99
N CYS F 30 -20.12 0.77 11.52
CA CYS F 30 -21.30 0.64 12.36
C CYS F 30 -22.46 -0.01 11.65
N LEU F 31 -23.30 -0.66 12.44
CA LEU F 31 -24.51 -1.28 11.96
C LEU F 31 -25.70 -0.52 12.54
N MET F 32 -26.66 -0.16 11.69
CA MET F 32 -27.83 0.55 12.14
C MET F 32 -29.06 -0.33 11.96
N PRO F 33 -29.41 -1.20 12.93
CA PRO F 33 -30.62 -1.99 12.79
C PRO F 33 -31.84 -1.07 12.89
N ILE F 34 -32.83 -1.31 12.00
CA ILE F 34 -34.05 -0.51 11.90
C ILE F 34 -35.32 -1.32 12.27
N SER F 35 -35.92 -1.06 13.44
CA SER F 35 -37.20 -1.71 13.77
C SER F 35 -38.19 -0.79 13.09
N VAL F 36 -38.60 -1.16 11.85
CA VAL F 36 -39.38 -0.38 10.89
C VAL F 36 -40.53 0.48 11.52
N GLY F 37 -41.41 -0.15 12.30
CA GLY F 37 -42.53 0.54 12.94
C GLY F 37 -42.24 1.80 13.74
N GLN F 38 -41.05 1.89 14.36
CA GLN F 38 -40.60 2.95 15.25
C GLN F 38 -40.41 4.31 14.61
N ALA F 39 -40.77 5.32 15.40
CA ALA F 39 -40.72 6.75 15.11
C ALA F 39 -39.30 7.34 15.06
N ILE F 40 -38.35 6.70 15.77
CA ILE F 40 -36.94 7.10 15.84
C ILE F 40 -36.24 6.93 14.46
N HIS F 41 -36.91 6.14 13.58
CA HIS F 41 -36.42 5.79 12.23
C HIS F 41 -37.10 6.59 11.13
N GLU F 42 -37.95 7.54 11.51
CA GLU F 42 -38.67 8.37 10.56
C GLU F 42 -38.34 9.82 10.73
N ASP F 43 -38.81 10.62 9.75
CA ASP F 43 -38.82 12.07 9.61
C ASP F 43 -37.57 12.82 10.20
N GLU F 44 -37.80 13.96 10.92
CA GLU F 44 -36.79 14.84 11.54
C GLU F 44 -35.64 14.06 12.22
N LYS F 45 -36.02 13.02 13.03
CA LYS F 45 -35.15 12.12 13.79
C LYS F 45 -34.18 11.28 12.91
N PHE F 46 -34.70 10.58 11.88
CA PHE F 46 -33.86 9.77 11.01
C PHE F 46 -32.81 10.61 10.23
N ALA F 47 -33.22 11.81 9.74
CA ALA F 47 -32.35 12.79 9.04
C ALA F 47 -31.13 13.16 9.94
N ALA F 48 -31.44 13.37 11.25
CA ALA F 48 -30.52 13.70 12.33
C ALA F 48 -29.53 12.56 12.55
N VAL F 49 -30.03 11.27 12.61
CA VAL F 49 -29.20 10.07 12.75
C VAL F 49 -28.19 10.00 11.62
N ILE F 50 -28.66 10.22 10.37
CA ILE F 50 -27.79 10.20 9.19
C ILE F 50 -26.67 11.23 9.35
N LYS F 51 -27.05 12.51 9.67
CA LYS F 51 -26.14 13.66 9.85
C LYS F 51 -24.96 13.31 10.80
N LEU F 52 -25.29 12.79 12.01
CA LEU F 52 -24.35 12.43 13.04
C LEU F 52 -23.47 11.28 12.55
N ILE F 53 -24.07 10.20 11.98
CA ILE F 53 -23.35 9.02 11.48
C ILE F 53 -22.34 9.43 10.43
N ASN F 54 -22.78 10.24 9.45
CA ASN F 54 -21.94 10.74 8.37
C ASN F 54 -20.70 11.46 8.91
N ALA F 55 -20.94 12.34 9.87
CA ALA F 55 -19.94 13.15 10.54
C ALA F 55 -18.98 12.36 11.45
N SER F 56 -19.42 11.23 12.04
CA SER F 56 -18.57 10.56 13.01
C SER F 56 -18.11 9.11 12.72
N PHE F 57 -18.62 8.42 11.68
CA PHE F 57 -18.18 7.04 11.40
C PHE F 57 -17.45 6.86 10.05
N LYS F 58 -16.60 5.81 9.95
CA LYS F 58 -15.84 5.48 8.73
C LYS F 58 -16.77 4.99 7.62
N GLN F 59 -17.54 3.93 7.92
CA GLN F 59 -18.51 3.31 7.03
C GLN F 59 -19.73 2.83 7.81
N CYS F 60 -20.88 2.82 7.17
CA CYS F 60 -22.11 2.43 7.83
C CYS F 60 -22.93 1.44 7.00
N THR F 61 -23.67 0.54 7.68
CA THR F 61 -24.57 -0.38 7.00
C THR F 61 -25.87 -0.39 7.79
N ILE F 62 -26.98 -0.10 7.10
CA ILE F 62 -28.36 -0.02 7.61
C ILE F 62 -29.07 -1.35 7.32
N LEU F 63 -29.60 -2.01 8.36
CA LEU F 63 -30.31 -3.28 8.29
C LEU F 63 -31.79 -3.02 8.51
N VAL F 64 -32.62 -3.38 7.54
CA VAL F 64 -34.05 -3.18 7.66
C VAL F 64 -34.65 -4.45 8.32
N ASP F 65 -35.01 -4.39 9.62
CA ASP F 65 -35.60 -5.52 10.35
C ASP F 65 -37.07 -5.58 9.91
N ASP F 66 -37.33 -6.16 8.72
CA ASP F 66 -38.68 -6.22 8.16
C ASP F 66 -39.35 -7.59 8.28
N SER F 67 -38.77 -8.64 7.65
CA SER F 67 -39.39 -9.96 7.66
C SER F 67 -39.53 -10.57 9.03
N VAL F 68 -38.82 -10.05 10.06
CA VAL F 68 -39.00 -10.53 11.45
C VAL F 68 -40.39 -10.17 11.92
N GLN F 69 -40.87 -8.98 11.50
CA GLN F 69 -42.16 -8.42 11.89
C GLN F 69 -43.31 -9.33 11.57
N ARG F 70 -43.11 -10.30 10.65
CA ARG F 70 -44.12 -11.29 10.31
C ARG F 70 -44.67 -12.01 11.58
N HIS F 71 -43.79 -12.29 12.58
CA HIS F 71 -44.18 -12.93 13.86
C HIS F 71 -45.10 -12.02 14.69
N THR F 72 -44.72 -10.73 14.87
CA THR F 72 -45.47 -9.75 15.65
C THR F 72 -46.77 -9.32 14.95
N ILE F 73 -46.73 -9.06 13.62
CA ILE F 73 -47.91 -8.69 12.80
C ILE F 73 -48.97 -9.77 12.98
N GLY F 74 -48.52 -11.01 12.98
CA GLY F 74 -49.34 -12.19 13.15
C GLY F 74 -49.95 -12.40 14.52
N ILE F 75 -49.70 -11.51 15.51
CA ILE F 75 -50.31 -11.67 16.84
C ILE F 75 -51.81 -11.41 16.72
N MET F 76 -52.19 -10.28 16.12
CA MET F 76 -53.59 -9.90 15.92
C MET F 76 -54.11 -10.21 14.52
N ASN F 77 -53.22 -10.28 13.52
CA ASN F 77 -53.65 -10.63 12.18
C ASN F 77 -53.45 -12.14 12.01
N HIS F 78 -54.55 -12.90 12.01
CA HIS F 78 -54.53 -14.37 11.90
C HIS F 78 -54.43 -14.88 10.45
N ALA F 79 -53.76 -14.12 9.57
CA ALA F 79 -53.55 -14.46 8.16
C ALA F 79 -52.57 -15.64 7.96
N THR F 80 -52.37 -16.08 6.68
CA THR F 80 -51.46 -17.16 6.26
C THR F 80 -50.03 -16.72 6.56
N THR F 81 -49.15 -17.69 6.90
CA THR F 81 -47.73 -17.46 7.16
C THR F 81 -47.08 -16.69 6.00
N GLU F 82 -47.49 -17.01 4.75
CA GLU F 82 -47.02 -16.32 3.55
C GLU F 82 -47.61 -14.90 3.47
N GLU F 83 -48.90 -14.73 3.79
CA GLU F 83 -49.57 -13.42 3.78
C GLU F 83 -48.87 -12.46 4.75
N LEU F 84 -48.59 -12.97 5.98
CA LEU F 84 -47.88 -12.27 7.05
C LEU F 84 -46.46 -11.93 6.64
N TYR F 85 -45.76 -12.85 5.94
CA TYR F 85 -44.41 -12.58 5.44
C TYR F 85 -44.45 -11.43 4.45
N GLN F 86 -45.40 -11.47 3.50
CA GLN F 86 -45.53 -10.47 2.44
C GLN F 86 -45.88 -9.08 2.97
N LEU F 87 -46.66 -9.00 4.09
CA LEU F 87 -47.01 -7.75 4.78
C LEU F 87 -45.75 -7.14 5.39
N ALA F 88 -44.98 -7.97 6.14
CA ALA F 88 -43.71 -7.64 6.81
C ALA F 88 -42.71 -7.11 5.81
N VAL F 89 -42.61 -7.73 4.62
CA VAL F 89 -41.72 -7.27 3.57
C VAL F 89 -42.19 -5.92 3.10
N LYS F 90 -43.52 -5.77 2.86
CA LYS F 90 -44.16 -4.53 2.39
C LYS F 90 -43.81 -3.35 3.32
N GLU F 91 -43.86 -3.57 4.65
CA GLU F 91 -43.55 -2.54 5.65
C GLU F 91 -42.09 -2.03 5.52
N GLY F 92 -41.18 -2.93 5.16
CA GLY F 92 -39.77 -2.62 4.93
C GLY F 92 -39.59 -1.85 3.64
N ASP F 93 -40.38 -2.24 2.62
CA ASP F 93 -40.42 -1.61 1.29
C ASP F 93 -40.94 -0.17 1.48
N GLU F 94 -42.01 -0.04 2.32
CA GLU F 94 -42.64 1.22 2.70
C GLU F 94 -41.61 2.13 3.37
N TRP F 95 -40.87 1.59 4.38
CA TRP F 95 -39.81 2.33 5.07
C TRP F 95 -38.75 2.82 4.08
N LEU F 96 -38.34 1.94 3.15
CA LEU F 96 -37.36 2.26 2.12
C LEU F 96 -37.83 3.38 1.18
N LYS F 97 -39.18 3.55 1.05
CA LYS F 97 -39.80 4.62 0.24
C LYS F 97 -39.42 5.97 0.86
N ARG F 98 -40.12 6.29 1.97
CA ARG F 98 -40.02 7.51 2.76
C ARG F 98 -38.59 7.91 3.10
N ASN F 99 -37.81 6.97 3.64
CA ASN F 99 -36.50 7.33 4.16
C ASN F 99 -35.35 7.24 3.13
N GLN F 100 -35.66 7.06 1.83
CA GLN F 100 -34.65 7.05 0.76
C GLN F 100 -33.95 8.44 0.70
N ARG F 101 -34.80 9.50 0.74
CA ARG F 101 -34.49 10.95 0.73
C ARG F 101 -33.36 11.30 1.68
N PHE F 102 -33.36 10.61 2.84
CA PHE F 102 -32.40 10.81 3.92
C PHE F 102 -31.12 10.03 3.69
N TYR F 103 -31.13 8.66 3.78
CA TYR F 103 -29.91 7.85 3.69
C TYR F 103 -29.09 8.12 2.43
N LYS F 104 -29.73 8.59 1.34
CA LYS F 104 -28.99 8.88 0.12
C LYS F 104 -27.92 9.96 0.34
N GLN F 105 -28.18 10.86 1.32
CA GLN F 105 -27.27 11.94 1.68
C GLN F 105 -26.00 11.48 2.42
N LEU F 106 -25.84 10.15 2.66
CA LEU F 106 -24.62 9.63 3.27
C LEU F 106 -23.48 9.73 2.27
N THR F 107 -22.39 10.37 2.70
CA THR F 107 -21.17 10.59 1.94
C THR F 107 -20.19 9.46 2.21
N ILE F 108 -20.25 8.86 3.42
CA ILE F 108 -19.41 7.75 3.81
C ILE F 108 -19.86 6.47 3.09
N PRO F 109 -19.00 5.44 2.94
CA PRO F 109 -19.44 4.21 2.26
C PRO F 109 -20.55 3.52 3.05
N PHE F 110 -21.69 3.30 2.40
CA PHE F 110 -22.80 2.66 3.07
C PHE F 110 -23.43 1.51 2.25
N GLU F 111 -24.16 0.63 2.96
CA GLU F 111 -24.79 -0.57 2.44
C GLU F 111 -26.17 -0.68 3.03
N ILE F 112 -27.15 -1.03 2.23
CA ILE F 112 -28.51 -1.21 2.73
C ILE F 112 -28.83 -2.70 2.65
N MET F 113 -29.03 -3.34 3.80
CA MET F 113 -29.38 -4.75 3.88
C MET F 113 -30.79 -4.91 4.41
N ARG F 114 -31.37 -6.10 4.24
CA ARG F 114 -32.74 -6.41 4.68
C ARG F 114 -32.70 -7.69 5.48
N TRP F 115 -33.69 -7.86 6.39
CA TRP F 115 -33.72 -8.97 7.34
C TRP F 115 -33.42 -10.34 6.73
N ASP F 116 -34.08 -10.67 5.59
CA ASP F 116 -33.93 -11.94 4.87
C ASP F 116 -32.48 -12.26 4.47
N ASP F 117 -31.65 -11.23 4.21
CA ASP F 117 -30.22 -11.38 3.88
C ASP F 117 -29.49 -12.12 5.01
N TRP F 118 -29.97 -11.99 6.26
CA TRP F 118 -29.36 -12.62 7.41
C TRP F 118 -30.06 -13.92 7.78
N TYR F 119 -31.41 -13.93 7.75
CA TYR F 119 -32.23 -15.10 8.07
C TYR F 119 -31.92 -16.29 7.17
N ASN F 120 -31.65 -16.01 5.88
CA ASN F 120 -31.36 -17.01 4.86
C ASN F 120 -29.88 -17.42 4.85
N SER F 121 -29.05 -16.84 5.75
CA SER F 121 -27.64 -17.20 5.88
C SER F 121 -27.48 -18.71 6.15
N PRO F 122 -26.42 -19.33 5.56
CA PRO F 122 -26.20 -20.77 5.80
C PRO F 122 -26.02 -21.08 7.28
N ASN F 123 -25.43 -20.11 8.01
CA ASN F 123 -25.15 -20.21 9.43
C ASN F 123 -26.34 -19.89 10.33
N TYR F 124 -27.49 -19.44 9.78
CA TYR F 124 -28.64 -19.12 10.63
C TYR F 124 -29.12 -20.27 11.48
N ILE F 125 -29.38 -21.43 10.87
CA ILE F 125 -29.96 -22.56 11.59
C ILE F 125 -29.12 -22.93 12.82
N ASN F 126 -27.79 -23.10 12.65
CA ASN F 126 -26.88 -23.42 13.76
C ASN F 126 -26.95 -22.39 14.87
N SER F 127 -26.93 -21.07 14.51
CA SER F 127 -27.05 -19.96 15.45
C SER F 127 -28.38 -19.98 16.14
N HIS F 128 -29.45 -20.36 15.43
CA HIS F 128 -30.80 -20.49 15.97
C HIS F 128 -30.84 -21.57 17.04
N LEU F 129 -30.11 -22.68 16.80
CA LEU F 129 -29.99 -23.80 17.73
C LEU F 129 -29.21 -23.37 18.97
N ARG F 130 -28.12 -22.60 18.78
CA ARG F 130 -27.27 -22.07 19.85
C ARG F 130 -28.08 -21.19 20.79
N VAL F 131 -28.92 -20.28 20.23
CA VAL F 131 -29.80 -19.37 20.96
C VAL F 131 -30.86 -20.21 21.68
N GLN F 132 -31.47 -21.19 20.96
CA GLN F 132 -32.47 -22.10 21.52
C GLN F 132 -31.91 -22.86 22.74
N LYS F 133 -30.66 -23.33 22.64
CA LYS F 133 -29.93 -24.03 23.70
C LYS F 133 -29.71 -23.12 24.91
N GLU F 134 -29.17 -21.90 24.70
CA GLU F 134 -28.94 -20.93 25.78
C GLU F 134 -30.21 -20.45 26.45
N TYR F 135 -31.37 -20.54 25.77
CA TYR F 135 -32.67 -20.21 26.36
C TYR F 135 -33.05 -21.33 27.33
N ASP F 136 -32.79 -22.58 26.93
CA ASP F 136 -33.11 -23.76 27.73
C ASP F 136 -32.15 -23.93 28.95
N THR F 137 -30.83 -23.92 28.71
CA THR F 137 -29.80 -24.07 29.74
C THR F 137 -29.68 -22.82 30.68
N ASN F 138 -29.18 -21.67 30.18
CA ASN F 138 -28.98 -20.42 30.93
C ASN F 138 -30.31 -19.70 31.29
N LYS F 139 -30.65 -19.71 32.60
CA LYS F 139 -31.88 -19.11 33.13
C LYS F 139 -31.86 -17.58 33.13
N ALA F 140 -30.66 -16.97 33.30
CA ALA F 140 -30.52 -15.50 33.27
C ALA F 140 -30.99 -14.98 31.90
N PHE F 141 -30.52 -15.66 30.82
CA PHE F 141 -30.84 -15.41 29.43
C PHE F 141 -32.34 -15.61 29.19
N GLN F 142 -32.89 -16.71 29.74
CA GLN F 142 -34.30 -17.07 29.65
C GLN F 142 -35.17 -15.97 30.27
N ASN F 143 -34.76 -15.48 31.46
CA ASN F 143 -35.47 -14.42 32.19
C ASN F 143 -35.48 -13.11 31.43
N ALA F 144 -34.33 -12.75 30.81
CA ALA F 144 -34.17 -11.55 29.99
C ALA F 144 -35.14 -11.57 28.81
N ILE F 145 -35.22 -12.71 28.10
CA ILE F 145 -36.14 -12.89 26.97
C ILE F 145 -37.59 -12.74 27.44
N HIS F 146 -37.92 -13.41 28.55
CA HIS F 146 -39.23 -13.40 29.19
C HIS F 146 -39.64 -11.99 29.60
N ALA F 147 -38.69 -11.19 30.11
CA ALA F 147 -38.86 -9.79 30.49
C ALA F 147 -39.15 -8.95 29.24
N ASN F 148 -38.36 -9.17 28.17
CA ASN F 148 -38.48 -8.50 26.89
C ASN F 148 -39.86 -8.72 26.30
N ILE F 149 -40.38 -9.96 26.43
CA ILE F 149 -41.71 -10.32 25.95
C ILE F 149 -42.76 -9.44 26.61
N ASP F 150 -42.78 -9.37 27.95
CA ASP F 150 -43.79 -8.55 28.64
C ASP F 150 -43.63 -7.08 28.28
N ASP F 151 -42.38 -6.58 28.27
CA ASP F 151 -42.00 -5.22 27.91
C ASP F 151 -42.60 -4.83 26.56
N PHE F 152 -42.46 -5.71 25.57
CA PHE F 152 -42.97 -5.52 24.22
C PHE F 152 -44.48 -5.64 24.16
N LEU F 153 -45.05 -6.74 24.72
CA LEU F 153 -46.47 -7.01 24.64
C LEU F 153 -47.35 -6.03 25.40
N THR F 154 -46.87 -5.49 26.53
CA THR F 154 -47.64 -4.49 27.29
C THR F 154 -47.79 -3.19 26.46
N ARG F 155 -46.78 -2.88 25.64
CA ARG F 155 -46.76 -1.72 24.75
C ARG F 155 -47.54 -2.01 23.45
N TYR F 156 -47.22 -3.11 22.73
CA TYR F 156 -47.82 -3.51 21.44
C TYR F 156 -49.33 -3.72 21.53
N LEU F 157 -49.78 -4.38 22.60
CA LEU F 157 -51.19 -4.71 22.83
C LEU F 157 -51.90 -3.75 23.82
N SER F 158 -51.37 -2.52 23.97
CA SER F 158 -51.98 -1.51 24.84
C SER F 158 -53.25 -0.94 24.18
N ARG F 159 -53.19 -0.73 22.83
CA ARG F 159 -54.25 -0.17 21.97
C ARG F 159 -55.39 -1.17 21.67
N PHE F 160 -55.31 -2.39 22.24
CA PHE F 160 -56.33 -3.44 22.04
C PHE F 160 -56.60 -4.20 23.33
N SER F 161 -57.90 -4.40 23.67
CA SER F 161 -58.29 -5.16 24.86
C SER F 161 -58.99 -6.46 24.40
N PRO F 162 -58.79 -7.62 25.09
CA PRO F 162 -59.38 -8.90 24.61
C PRO F 162 -60.72 -8.83 23.86
N ASP F 166 -55.33 -15.19 19.51
CA ASP F 166 -55.46 -15.50 20.95
C ASP F 166 -54.69 -14.48 21.79
N HIS F 167 -54.26 -14.89 23.01
CA HIS F 167 -53.50 -14.12 23.98
C HIS F 167 -52.29 -14.92 24.46
N GLU F 168 -52.34 -16.26 24.28
CA GLU F 168 -51.23 -17.17 24.59
C GLU F 168 -50.37 -17.36 23.34
N ARG F 169 -51.02 -17.17 22.17
CA ARG F 169 -50.45 -17.16 20.82
C ARG F 169 -49.51 -15.95 20.78
N ALA F 170 -49.89 -14.85 21.49
CA ALA F 170 -49.13 -13.61 21.59
C ALA F 170 -47.76 -13.81 22.21
N PHE F 171 -47.64 -14.70 23.25
CA PHE F 171 -46.36 -15.02 23.89
C PHE F 171 -45.49 -15.85 22.94
N ARG F 172 -46.06 -16.92 22.36
CA ARG F 172 -45.35 -17.82 21.45
C ARG F 172 -44.75 -17.07 20.25
N LEU F 173 -45.55 -16.24 19.54
CA LEU F 173 -45.09 -15.45 18.40
C LEU F 173 -44.02 -14.42 18.77
N CYS F 174 -44.15 -13.78 19.95
CA CYS F 174 -43.20 -12.81 20.45
C CYS F 174 -41.87 -13.49 20.77
N LEU F 175 -41.94 -14.73 21.27
CA LEU F 175 -40.78 -15.57 21.57
C LEU F 175 -40.05 -15.90 20.26
N ASP F 176 -40.83 -16.27 19.20
CA ASP F 176 -40.33 -16.62 17.87
C ASP F 176 -39.56 -15.43 17.31
N TYR F 177 -40.16 -14.23 17.46
CA TYR F 177 -39.61 -12.95 17.03
C TYR F 177 -38.27 -12.71 17.72
N LEU F 178 -38.23 -12.85 19.04
CA LEU F 178 -37.02 -12.58 19.81
C LEU F 178 -35.91 -13.60 19.58
N ILE F 179 -36.27 -14.90 19.38
CA ILE F 179 -35.30 -15.96 19.10
C ILE F 179 -34.62 -15.69 17.77
N GLU F 180 -35.42 -15.28 16.76
CA GLU F 180 -34.92 -14.94 15.44
C GLU F 180 -33.98 -13.72 15.52
N GLU F 181 -34.43 -12.64 16.20
CA GLU F 181 -33.67 -11.39 16.39
C GLU F 181 -32.29 -11.66 17.01
N CYS F 182 -32.26 -12.53 18.03
CA CYS F 182 -31.00 -12.89 18.70
C CYS F 182 -30.10 -13.80 17.86
N SER F 183 -30.70 -14.76 17.11
CA SER F 183 -29.96 -15.69 16.25
C SER F 183 -29.30 -14.94 15.12
N VAL F 184 -29.99 -13.92 14.57
CA VAL F 184 -29.49 -13.07 13.49
C VAL F 184 -28.42 -12.15 14.06
N MET F 185 -28.61 -11.67 15.30
CA MET F 185 -27.64 -10.80 15.95
C MET F 185 -26.27 -11.48 16.04
N CYS F 186 -26.24 -12.76 16.41
CA CYS F 186 -25.01 -13.55 16.52
C CYS F 186 -24.23 -13.61 15.21
N LEU F 187 -24.96 -13.65 14.11
CA LEU F 187 -24.43 -13.71 12.76
C LEU F 187 -23.69 -12.44 12.37
N TRP F 188 -24.02 -11.30 12.97
CA TRP F 188 -23.46 -9.99 12.59
C TRP F 188 -21.94 -9.88 12.74
N THR F 189 -21.32 -10.68 13.65
CA THR F 189 -19.86 -10.74 13.86
C THR F 189 -19.12 -11.12 12.58
N GLU F 190 -19.80 -11.88 11.69
CA GLU F 190 -19.30 -12.29 10.37
C GLU F 190 -18.82 -11.08 9.55
N GLN F 191 -19.57 -9.94 9.64
CA GLN F 191 -19.25 -8.72 8.88
C GLN F 191 -18.41 -7.72 9.67
N LYS F 192 -17.92 -8.15 10.84
CA LYS F 192 -16.96 -7.42 11.65
C LYS F 192 -17.34 -5.94 11.96
N TYR F 193 -18.63 -5.69 12.27
CA TYR F 193 -19.16 -4.37 12.60
C TYR F 193 -18.61 -4.01 13.98
N ASP F 194 -17.90 -2.87 14.08
CA ASP F 194 -17.28 -2.44 15.33
C ASP F 194 -18.33 -2.00 16.34
N PHE F 195 -19.30 -1.18 15.87
CA PHE F 195 -20.37 -0.65 16.72
C PHE F 195 -21.76 -0.91 16.18
N GLU F 196 -22.70 -1.09 17.10
CA GLU F 196 -24.11 -1.26 16.76
C GLU F 196 -24.85 -0.03 17.31
N VAL F 197 -25.31 0.84 16.39
CA VAL F 197 -26.04 2.07 16.66
C VAL F 197 -27.58 1.88 16.67
N TYR F 198 -28.16 1.94 17.85
CA TYR F 198 -29.60 1.88 18.04
C TYR F 198 -29.96 3.07 18.91
N PRO F 199 -30.82 4.03 18.45
CA PRO F 199 -31.07 5.28 19.21
C PRO F 199 -31.47 5.11 20.68
N SER F 200 -32.54 4.37 20.96
CA SER F 200 -32.91 4.05 22.33
C SER F 200 -31.96 2.90 22.71
N GLY F 201 -32.14 2.29 23.85
CA GLY F 201 -31.22 1.20 24.17
C GLY F 201 -31.41 -0.07 23.36
N ARG F 202 -30.56 -1.06 23.63
CA ARG F 202 -30.66 -2.40 23.10
C ARG F 202 -31.73 -3.06 23.95
N ASN F 203 -32.68 -3.80 23.35
CA ASN F 203 -33.70 -4.47 24.16
C ASN F 203 -33.07 -5.56 25.06
N LYS F 204 -33.79 -5.98 26.10
CA LYS F 204 -33.30 -6.95 27.10
C LYS F 204 -32.69 -8.23 26.51
N ALA F 205 -33.40 -8.86 25.53
CA ALA F 205 -32.98 -10.08 24.83
C ALA F 205 -31.65 -9.91 24.10
N MET F 206 -31.52 -8.83 23.32
CA MET F 206 -30.31 -8.52 22.56
C MET F 206 -29.12 -8.18 23.44
N ALA F 207 -29.39 -7.48 24.56
CA ALA F 207 -28.37 -7.12 25.54
C ALA F 207 -27.83 -8.40 26.16
N ALA F 208 -28.75 -9.35 26.49
CA ALA F 208 -28.42 -10.66 27.06
C ALA F 208 -27.56 -11.49 26.09
N THR F 209 -27.96 -11.51 24.81
CA THR F 209 -27.27 -12.23 23.74
C THR F 209 -25.85 -11.73 23.57
N TYR F 210 -25.67 -10.39 23.60
CA TYR F 210 -24.33 -9.80 23.50
C TYR F 210 -23.51 -10.25 24.69
N GLU F 211 -24.09 -10.16 25.91
CA GLU F 211 -23.45 -10.56 27.16
C GLU F 211 -22.94 -12.02 27.16
N PHE F 212 -23.83 -12.99 26.86
CA PHE F 212 -23.53 -14.41 26.93
C PHE F 212 -22.96 -15.06 25.66
N LEU F 213 -23.40 -14.63 24.47
CA LEU F 213 -22.99 -15.31 23.24
C LEU F 213 -22.04 -14.52 22.31
N ILE F 214 -22.03 -13.20 22.38
CA ILE F 214 -21.21 -12.44 21.45
C ILE F 214 -19.92 -11.83 22.09
N LYS F 215 -20.04 -10.92 23.09
CA LYS F 215 -18.92 -10.23 23.76
C LYS F 215 -17.78 -11.16 24.16
N PRO F 216 -18.05 -12.35 24.79
CA PRO F 216 -16.94 -13.25 25.15
C PRO F 216 -16.01 -13.66 24.00
N HIS F 217 -16.55 -13.82 22.78
CA HIS F 217 -15.76 -14.25 21.63
C HIS F 217 -15.21 -13.11 20.77
N HIS F 218 -15.94 -11.97 20.69
CA HIS F 218 -15.51 -10.80 19.91
C HIS F 218 -15.93 -9.56 20.68
N PRO F 219 -15.08 -9.02 21.58
CA PRO F 219 -15.51 -7.84 22.34
C PRO F 219 -15.35 -6.54 21.56
N ASN F 220 -14.60 -6.58 20.45
CA ASN F 220 -14.35 -5.41 19.60
C ASN F 220 -15.29 -5.34 18.40
N TYR F 221 -16.41 -6.08 18.50
CA TYR F 221 -17.51 -6.09 17.54
C TYR F 221 -18.81 -5.82 18.25
N LEU F 222 -19.76 -5.22 17.53
CA LEU F 222 -21.12 -4.91 17.99
C LEU F 222 -21.13 -4.16 19.33
N ARG F 223 -20.16 -3.23 19.55
CA ARG F 223 -20.11 -2.44 20.78
C ARG F 223 -21.31 -1.47 20.71
N PRO F 224 -22.27 -1.56 21.68
CA PRO F 224 -23.48 -0.73 21.59
C PRO F 224 -23.28 0.78 21.67
N VAL F 225 -24.05 1.52 20.87
CA VAL F 225 -24.05 2.98 20.79
C VAL F 225 -25.53 3.46 20.84
N ALA F 226 -25.91 4.26 21.85
CA ALA F 226 -27.26 4.80 21.95
C ALA F 226 -27.19 6.29 21.62
N LEU F 227 -28.35 6.94 21.35
CA LEU F 227 -28.42 8.34 20.96
C LEU F 227 -29.35 9.21 21.79
N ARG F 228 -29.23 10.53 21.57
CA ARG F 228 -29.95 11.60 22.25
C ARG F 228 -30.42 12.62 21.22
N PHE F 229 -31.71 12.99 21.26
CA PHE F 229 -32.24 13.98 20.31
C PHE F 229 -32.67 15.29 20.99
N LYS F 230 -32.38 16.45 20.35
CA LYS F 230 -32.76 17.80 20.82
C LYS F 230 -33.05 18.77 19.66
N LYS F 231 -33.85 19.83 19.93
CA LYS F 231 -34.22 20.83 18.93
C LYS F 231 -33.39 22.13 19.03
N ILE G 9 -35.47 29.93 -38.80
CA ILE G 9 -35.85 31.17 -38.10
C ILE G 9 -36.30 30.89 -36.64
N VAL G 10 -36.70 31.98 -35.90
CA VAL G 10 -37.15 31.90 -34.50
C VAL G 10 -38.60 31.35 -34.42
N LYS G 11 -38.76 30.33 -33.56
CA LYS G 11 -39.96 29.57 -33.27
C LYS G 11 -40.12 29.56 -31.74
N ALA G 12 -41.33 29.90 -31.28
CA ALA G 12 -41.65 29.99 -29.87
C ALA G 12 -42.50 28.79 -29.46
N SER G 13 -42.22 28.26 -28.28
CA SER G 13 -42.90 27.08 -27.73
C SER G 13 -43.15 27.32 -26.25
N PHE G 14 -44.04 26.55 -25.62
CA PHE G 14 -44.30 26.77 -24.21
C PHE G 14 -43.35 25.95 -23.32
N ARG G 15 -42.75 26.62 -22.34
CA ARG G 15 -41.84 26.01 -21.36
C ARG G 15 -42.55 25.84 -20.00
N GLU G 16 -42.37 24.68 -19.33
CA GLU G 16 -42.90 24.33 -17.98
C GLU G 16 -44.44 24.24 -17.81
N ASN G 17 -45.27 24.54 -18.83
CA ASN G 17 -46.73 24.49 -18.66
C ASN G 17 -47.29 23.09 -18.87
N PRO G 18 -47.88 22.47 -17.80
CA PRO G 18 -48.43 21.10 -17.92
C PRO G 18 -49.57 20.98 -18.93
N VAL G 19 -49.75 19.77 -19.46
CA VAL G 19 -50.80 19.47 -20.45
C VAL G 19 -52.18 19.88 -19.96
N GLU G 20 -52.43 19.71 -18.66
CA GLU G 20 -53.68 20.05 -17.98
C GLU G 20 -53.97 21.55 -18.05
N GLU G 21 -52.90 22.36 -18.05
CA GLU G 21 -52.95 23.81 -18.16
C GLU G 21 -53.10 24.20 -19.64
N ARG G 22 -52.19 23.68 -20.49
CA ARG G 22 -52.15 23.95 -21.93
C ARG G 22 -53.41 23.59 -22.70
N LYS G 23 -54.23 22.64 -22.16
CA LYS G 23 -55.48 22.24 -22.82
C LYS G 23 -56.48 23.36 -22.82
N LEU G 24 -56.38 24.24 -21.78
CA LEU G 24 -57.24 25.41 -21.55
C LEU G 24 -56.97 26.57 -22.53
N PHE G 25 -55.68 26.78 -22.88
CA PHE G 25 -55.21 27.87 -23.74
C PHE G 25 -56.13 28.22 -24.92
N PRO G 26 -56.65 27.27 -25.75
CA PRO G 26 -57.48 27.69 -26.92
C PRO G 26 -58.81 28.39 -26.59
N GLN G 27 -59.29 28.19 -25.35
CA GLN G 27 -60.53 28.79 -24.90
C GLN G 27 -60.28 29.82 -23.79
N SER G 28 -59.00 30.18 -23.58
CA SER G 28 -58.55 31.14 -22.56
C SER G 28 -58.07 32.48 -23.14
N SER G 29 -58.04 33.50 -22.27
CA SER G 29 -57.56 34.85 -22.55
C SER G 29 -56.14 35.01 -21.97
N CYS G 30 -55.33 35.84 -22.61
CA CYS G 30 -53.97 36.08 -22.11
C CYS G 30 -53.57 37.53 -22.16
N LEU G 31 -52.68 37.89 -21.25
CA LEU G 31 -52.10 39.21 -21.14
C LEU G 31 -50.63 39.10 -21.49
N MET G 32 -50.16 39.97 -22.39
CA MET G 32 -48.77 40.00 -22.77
C MET G 32 -48.11 41.30 -22.31
N PRO G 33 -47.59 41.37 -21.07
CA PRO G 33 -46.93 42.60 -20.63
C PRO G 33 -45.62 42.77 -21.37
N ILE G 34 -45.33 43.99 -21.82
CA ILE G 34 -44.14 44.35 -22.59
C ILE G 34 -43.18 45.27 -21.84
N SER G 35 -42.04 44.75 -21.37
CA SER G 35 -41.02 45.61 -20.76
C SER G 35 -40.26 46.13 -21.99
N VAL G 36 -40.65 47.34 -22.47
CA VAL G 36 -40.23 47.98 -23.72
C VAL G 36 -38.71 47.79 -24.07
N GLY G 37 -37.81 48.09 -23.14
CA GLY G 37 -36.36 47.94 -23.34
C GLY G 37 -35.82 46.60 -23.85
N GLN G 38 -36.46 45.49 -23.45
CA GLN G 38 -36.10 44.11 -23.76
C GLN G 38 -36.20 43.69 -25.22
N ALA G 39 -35.25 42.81 -25.60
CA ALA G 39 -35.05 42.20 -26.91
C ALA G 39 -36.10 41.13 -27.24
N ILE G 40 -36.62 40.45 -26.20
CA ILE G 40 -37.66 39.39 -26.35
C ILE G 40 -38.99 39.96 -26.93
N HIS G 41 -39.15 41.29 -26.87
CA HIS G 41 -40.33 42.01 -27.35
C HIS G 41 -40.02 42.68 -28.67
N GLU G 42 -38.92 42.29 -29.33
CA GLU G 42 -38.53 42.89 -30.63
C GLU G 42 -38.27 41.87 -31.71
N ASP G 43 -38.54 42.31 -32.97
CA ASP G 43 -38.31 41.65 -34.25
C ASP G 43 -38.67 40.15 -34.27
N GLU G 44 -37.71 39.31 -34.76
CA GLU G 44 -37.79 37.86 -34.94
C GLU G 44 -38.45 37.16 -33.77
N LYS G 45 -38.01 37.52 -32.53
CA LYS G 45 -38.55 37.00 -31.28
C LYS G 45 -40.01 37.42 -31.02
N PHE G 46 -40.39 38.70 -31.27
CA PHE G 46 -41.76 39.13 -31.00
C PHE G 46 -42.77 38.49 -31.95
N ALA G 47 -42.46 38.39 -33.27
CA ALA G 47 -43.37 37.78 -34.26
C ALA G 47 -43.44 36.25 -34.07
N ALA G 48 -42.42 35.69 -33.38
CA ALA G 48 -42.33 34.28 -33.01
C ALA G 48 -43.49 34.03 -32.06
N VAL G 49 -43.62 34.93 -31.05
CA VAL G 49 -44.63 34.94 -29.99
C VAL G 49 -45.99 35.18 -30.61
N ILE G 50 -46.08 36.16 -31.53
CA ILE G 50 -47.34 36.46 -32.18
C ILE G 50 -47.92 35.21 -32.80
N LYS G 51 -47.08 34.50 -33.61
CA LYS G 51 -47.46 33.26 -34.29
C LYS G 51 -48.00 32.20 -33.33
N LEU G 52 -47.30 31.99 -32.23
CA LEU G 52 -47.67 31.04 -31.20
C LEU G 52 -48.98 31.42 -30.55
N ILE G 53 -49.09 32.68 -30.04
CA ILE G 53 -50.28 33.21 -29.37
C ILE G 53 -51.50 33.06 -30.26
N ASN G 54 -51.38 33.45 -31.54
CA ASN G 54 -52.45 33.38 -32.52
C ASN G 54 -52.97 31.95 -32.66
N ALA G 55 -52.03 31.01 -32.78
CA ALA G 55 -52.32 29.61 -32.94
C ALA G 55 -52.88 28.92 -31.68
N SER G 56 -52.58 29.41 -30.46
CA SER G 56 -52.99 28.68 -29.26
C SER G 56 -53.94 29.38 -28.26
N PHE G 57 -54.24 30.68 -28.39
CA PHE G 57 -55.16 31.36 -27.43
C PHE G 57 -56.47 31.86 -28.05
N LYS G 58 -57.51 32.04 -27.20
CA LYS G 58 -58.84 32.52 -27.62
C LYS G 58 -58.76 34.01 -27.98
N GLN G 59 -58.27 34.84 -27.04
CA GLN G 59 -58.11 36.29 -27.20
C GLN G 59 -56.85 36.76 -26.46
N CYS G 60 -56.25 37.83 -26.96
CA CYS G 60 -55.02 38.36 -26.38
C CYS G 60 -55.05 39.86 -26.20
N THR G 61 -54.41 40.35 -25.12
CA THR G 61 -54.29 41.79 -24.89
C THR G 61 -52.84 42.07 -24.48
N ILE G 62 -52.19 42.98 -25.24
CA ILE G 62 -50.80 43.40 -25.10
C ILE G 62 -50.74 44.71 -24.31
N LEU G 63 -49.98 44.74 -23.22
CA LEU G 63 -49.81 45.89 -22.32
C LEU G 63 -48.43 46.46 -22.53
N VAL G 64 -48.36 47.74 -22.90
CA VAL G 64 -47.08 48.39 -23.10
C VAL G 64 -46.64 49.02 -21.76
N ASP G 65 -45.67 48.39 -21.04
CA ASP G 65 -45.15 48.90 -19.74
C ASP G 65 -44.21 50.06 -20.08
N ASP G 66 -44.77 51.26 -20.39
CA ASP G 66 -43.98 52.41 -20.79
C ASP G 66 -43.80 53.47 -19.70
N SER G 67 -44.88 54.09 -19.21
CA SER G 67 -44.77 55.16 -18.23
C SER G 67 -44.15 54.72 -16.91
N VAL G 68 -44.07 53.40 -16.61
CA VAL G 68 -43.38 52.92 -15.40
C VAL G 68 -41.91 53.24 -15.50
N GLN G 69 -41.37 53.13 -16.74
CA GLN G 69 -39.96 53.30 -17.06
C GLN G 69 -39.45 54.66 -16.63
N ARG G 70 -40.36 55.63 -16.41
CA ARG G 70 -40.00 56.96 -15.93
C ARG G 70 -39.12 56.91 -14.65
N HIS G 71 -39.39 55.94 -13.74
CA HIS G 71 -38.63 55.73 -12.51
C HIS G 71 -37.21 55.22 -12.77
N THR G 72 -37.06 54.24 -13.66
CA THR G 72 -35.77 53.65 -14.01
C THR G 72 -34.93 54.59 -14.89
N ILE G 73 -35.56 55.22 -15.92
CA ILE G 73 -34.92 56.18 -16.84
C ILE G 73 -34.25 57.26 -15.99
N GLY G 74 -34.98 57.70 -14.96
CA GLY G 74 -34.56 58.72 -14.02
C GLY G 74 -33.40 58.38 -13.10
N ILE G 75 -32.86 57.13 -13.15
CA ILE G 75 -31.72 56.76 -12.30
C ILE G 75 -30.47 57.53 -12.77
N MET G 76 -30.16 57.46 -14.07
CA MET G 76 -29.02 58.15 -14.66
C MET G 76 -29.40 59.48 -15.33
N ASN G 77 -30.66 59.61 -15.77
CA ASN G 77 -31.10 60.87 -16.37
C ASN G 77 -31.77 61.69 -15.27
N HIS G 78 -31.07 62.73 -14.80
CA HIS G 78 -31.52 63.60 -13.72
C HIS G 78 -32.51 64.69 -14.16
N ALA G 79 -33.32 64.42 -15.20
CA ALA G 79 -34.29 65.36 -15.77
C ALA G 79 -35.52 65.57 -14.85
N THR G 80 -36.44 66.48 -15.27
CA THR G 80 -37.70 66.81 -14.57
C THR G 80 -38.60 65.57 -14.57
N THR G 81 -39.40 65.38 -13.51
CA THR G 81 -40.36 64.28 -13.38
C THR G 81 -41.28 64.21 -14.64
N GLU G 82 -41.67 65.38 -15.16
CA GLU G 82 -42.47 65.48 -16.38
C GLU G 82 -41.65 65.09 -17.61
N GLU G 83 -40.37 65.56 -17.69
CA GLU G 83 -39.47 65.24 -18.81
C GLU G 83 -39.28 63.72 -18.89
N LEU G 84 -39.03 63.07 -17.73
CA LEU G 84 -38.86 61.62 -17.57
C LEU G 84 -40.13 60.88 -17.94
N TYR G 85 -41.31 61.43 -17.58
CA TYR G 85 -42.59 60.80 -17.94
C TYR G 85 -42.72 60.83 -19.46
N GLN G 86 -42.46 61.99 -20.09
CA GLN G 86 -42.61 62.17 -21.54
C GLN G 86 -41.64 61.30 -22.35
N LEU G 87 -40.42 61.03 -21.81
CA LEU G 87 -39.41 60.12 -22.41
C LEU G 87 -39.95 58.69 -22.39
N ALA G 88 -40.44 58.23 -21.20
CA ALA G 88 -41.03 56.91 -20.94
C ALA G 88 -42.18 56.66 -21.90
N VAL G 89 -43.05 57.66 -22.11
CA VAL G 89 -44.17 57.56 -23.04
C VAL G 89 -43.62 57.41 -24.46
N LYS G 90 -42.58 58.23 -24.83
CA LYS G 90 -41.90 58.22 -26.13
C LYS G 90 -41.33 56.82 -26.46
N GLU G 91 -40.80 56.11 -25.42
CA GLU G 91 -40.29 54.75 -25.58
C GLU G 91 -41.39 53.74 -25.94
N GLY G 92 -42.58 53.94 -25.38
CA GLY G 92 -43.76 53.15 -25.68
C GLY G 92 -44.29 53.47 -27.06
N ASP G 93 -44.24 54.77 -27.45
CA ASP G 93 -44.68 55.25 -28.76
C ASP G 93 -43.84 54.56 -29.86
N GLU G 94 -42.51 54.55 -29.67
CA GLU G 94 -41.53 53.94 -30.58
C GLU G 94 -41.65 52.43 -30.65
N TRP G 95 -41.97 51.75 -29.52
CA TRP G 95 -42.16 50.30 -29.50
C TRP G 95 -43.35 49.95 -30.37
N LEU G 96 -44.43 50.71 -30.25
CA LEU G 96 -45.63 50.50 -31.04
C LEU G 96 -45.36 50.69 -32.53
N LYS G 97 -44.47 51.65 -32.92
CA LYS G 97 -44.04 51.93 -34.31
C LYS G 97 -43.33 50.69 -34.85
N ARG G 98 -42.27 50.30 -34.11
CA ARG G 98 -41.39 49.17 -34.35
C ARG G 98 -42.15 47.88 -34.52
N ASN G 99 -43.10 47.58 -33.62
CA ASN G 99 -43.71 46.26 -33.57
C ASN G 99 -45.13 46.16 -34.08
N GLN G 100 -45.68 47.24 -34.65
CA GLN G 100 -47.05 47.16 -35.19
C GLN G 100 -47.16 46.12 -36.30
N ARG G 101 -46.16 46.13 -37.19
CA ARG G 101 -45.98 45.19 -38.29
C ARG G 101 -46.33 43.76 -37.89
N PHE G 102 -45.95 43.37 -36.66
CA PHE G 102 -46.13 42.03 -36.15
C PHE G 102 -47.45 41.74 -35.48
N TYR G 103 -47.85 42.54 -34.45
CA TYR G 103 -49.11 42.30 -33.76
C TYR G 103 -50.33 42.49 -34.64
N LYS G 104 -50.24 43.34 -35.71
CA LYS G 104 -51.35 43.57 -36.64
C LYS G 104 -51.77 42.29 -37.35
N GLN G 105 -50.85 41.29 -37.39
CA GLN G 105 -51.05 39.96 -37.98
C GLN G 105 -51.86 39.00 -37.08
N LEU G 106 -52.27 39.45 -35.88
CA LEU G 106 -53.12 38.64 -35.00
C LEU G 106 -54.51 38.53 -35.60
N THR G 107 -54.98 37.28 -35.75
CA THR G 107 -56.30 36.92 -36.29
C THR G 107 -57.32 36.81 -35.14
N ILE G 108 -56.83 36.44 -33.95
CA ILE G 108 -57.67 36.32 -32.76
C ILE G 108 -58.03 37.74 -32.24
N PRO G 109 -59.12 37.90 -31.44
CA PRO G 109 -59.45 39.24 -30.95
C PRO G 109 -58.35 39.77 -30.04
N PHE G 110 -57.83 40.95 -30.35
CA PHE G 110 -56.78 41.55 -29.54
C PHE G 110 -57.02 43.03 -29.21
N GLU G 111 -56.34 43.50 -28.16
CA GLU G 111 -56.44 44.84 -27.59
C GLU G 111 -55.03 45.29 -27.22
N ILE G 112 -54.71 46.55 -27.52
CA ILE G 112 -53.41 47.11 -27.16
C ILE G 112 -53.65 48.16 -26.08
N MET G 113 -53.11 47.92 -24.90
CA MET G 113 -53.23 48.83 -23.77
C MET G 113 -51.86 49.42 -23.46
N ARG G 114 -51.84 50.48 -22.65
CA ARG G 114 -50.62 51.19 -22.25
C ARG G 114 -50.61 51.36 -20.76
N TRP G 115 -49.42 51.47 -20.16
CA TRP G 115 -49.26 51.54 -18.71
C TRP G 115 -50.21 52.49 -17.98
N ASP G 116 -50.34 53.73 -18.48
CA ASP G 116 -51.21 54.78 -17.91
C ASP G 116 -52.67 54.35 -17.77
N ASP G 117 -53.17 53.46 -18.66
CA ASP G 117 -54.54 52.95 -18.61
C ASP G 117 -54.81 52.24 -17.28
N TRP G 118 -53.76 51.70 -16.66
CA TRP G 118 -53.86 50.97 -15.40
C TRP G 118 -53.46 51.86 -14.22
N TYR G 119 -52.40 52.66 -14.36
CA TYR G 119 -51.93 53.56 -13.29
C TYR G 119 -52.97 54.60 -12.88
N ASN G 120 -53.75 55.07 -13.88
CA ASN G 120 -54.80 56.06 -13.70
C ASN G 120 -56.13 55.43 -13.28
N SER G 121 -56.17 54.09 -13.05
CA SER G 121 -57.37 53.38 -12.60
C SER G 121 -57.80 53.93 -11.23
N PRO G 122 -59.13 54.05 -11.00
CA PRO G 122 -59.60 54.54 -9.69
C PRO G 122 -59.10 53.67 -8.53
N ASN G 123 -58.95 52.36 -8.82
CA ASN G 123 -58.50 51.35 -7.87
C ASN G 123 -56.99 51.30 -7.63
N TYR G 124 -56.20 52.08 -8.41
CA TYR G 124 -54.75 52.05 -8.25
C TYR G 124 -54.28 52.37 -6.84
N ILE G 125 -54.72 53.50 -6.28
CA ILE G 125 -54.25 53.97 -4.97
C ILE G 125 -54.45 52.91 -3.89
N ASN G 126 -55.65 52.32 -3.78
CA ASN G 126 -55.95 51.28 -2.79
C ASN G 126 -54.99 50.09 -2.93
N SER G 127 -54.80 49.62 -4.19
CA SER G 127 -53.91 48.52 -4.52
C SER G 127 -52.46 48.87 -4.17
N HIS G 128 -52.06 50.13 -4.41
CA HIS G 128 -50.73 50.65 -4.09
C HIS G 128 -50.50 50.57 -2.60
N LEU G 129 -51.54 50.88 -1.80
CA LEU G 129 -51.47 50.83 -0.34
C LEU G 129 -51.35 49.39 0.13
N ARG G 130 -52.09 48.46 -0.53
CA ARG G 130 -52.06 47.02 -0.25
C ARG G 130 -50.63 46.46 -0.47
N VAL G 131 -50.00 46.88 -1.58
CA VAL G 131 -48.64 46.50 -1.98
C VAL G 131 -47.61 47.12 -0.98
N GLN G 132 -47.85 48.36 -0.56
CA GLN G 132 -47.02 49.08 0.39
C GLN G 132 -47.06 48.40 1.76
N LYS G 133 -48.29 47.96 2.19
CA LYS G 133 -48.57 47.26 3.45
C LYS G 133 -47.82 45.93 3.50
N GLU G 134 -48.00 45.08 2.46
CA GLU G 134 -47.33 43.78 2.37
C GLU G 134 -45.81 43.91 2.40
N TYR G 135 -45.25 44.99 1.82
CA TYR G 135 -43.81 45.24 1.84
C TYR G 135 -43.35 45.47 3.27
N ASP G 136 -44.14 46.24 4.04
CA ASP G 136 -43.85 46.58 5.43
C ASP G 136 -44.04 45.39 6.38
N THR G 137 -45.23 44.73 6.34
CA THR G 137 -45.59 43.59 7.18
C THR G 137 -44.80 42.30 6.82
N ASN G 138 -45.09 41.68 5.65
CA ASN G 138 -44.49 40.44 5.13
C ASN G 138 -43.02 40.61 4.68
N LYS G 139 -42.08 40.01 5.45
CA LYS G 139 -40.64 40.08 5.18
C LYS G 139 -40.21 39.23 3.96
N ALA G 140 -40.92 38.12 3.69
CA ALA G 140 -40.62 37.27 2.52
C ALA G 140 -40.78 38.10 1.24
N PHE G 141 -41.90 38.85 1.18
CA PHE G 141 -42.27 39.75 0.09
C PHE G 141 -41.24 40.88 -0.03
N GLN G 142 -40.84 41.44 1.13
CA GLN G 142 -39.84 42.51 1.23
C GLN G 142 -38.50 42.05 0.66
N ASN G 143 -38.08 40.82 1.02
CA ASN G 143 -36.82 40.21 0.57
C ASN G 143 -36.82 39.99 -0.93
N ALA G 144 -37.96 39.54 -1.49
CA ALA G 144 -38.15 39.29 -2.93
C ALA G 144 -37.97 40.58 -3.70
N ILE G 145 -38.60 41.68 -3.24
CA ILE G 145 -38.48 43.00 -3.85
C ILE G 145 -37.03 43.48 -3.82
N HIS G 146 -36.36 43.34 -2.65
CA HIS G 146 -34.95 43.72 -2.48
C HIS G 146 -34.02 42.94 -3.39
N ALA G 147 -34.24 41.61 -3.51
CA ALA G 147 -33.45 40.73 -4.38
C ALA G 147 -33.60 41.21 -5.83
N ASN G 148 -34.85 41.48 -6.26
CA ASN G 148 -35.26 42.00 -7.58
C ASN G 148 -34.56 43.34 -7.88
N ILE G 149 -34.39 44.19 -6.85
CA ILE G 149 -33.71 45.48 -6.95
C ILE G 149 -32.25 45.24 -7.32
N ASP G 150 -31.59 44.30 -6.61
CA ASP G 150 -30.19 43.94 -6.84
C ASP G 150 -29.96 43.39 -8.25
N ASP G 151 -30.80 42.42 -8.69
CA ASP G 151 -30.70 41.79 -10.01
C ASP G 151 -30.79 42.83 -11.14
N PHE G 152 -31.72 43.80 -10.99
CA PHE G 152 -31.98 44.85 -11.95
C PHE G 152 -30.84 45.88 -12.08
N LEU G 153 -30.42 46.46 -10.93
CA LEU G 153 -29.41 47.52 -10.90
C LEU G 153 -28.04 47.08 -11.39
N THR G 154 -27.63 45.84 -11.02
CA THR G 154 -26.36 45.22 -11.46
C THR G 154 -26.30 45.24 -13.00
N ARG G 155 -27.41 44.81 -13.64
CA ARG G 155 -27.56 44.77 -15.10
C ARG G 155 -27.64 46.17 -15.73
N TYR G 156 -28.66 46.97 -15.35
CA TYR G 156 -28.99 48.29 -15.90
C TYR G 156 -27.78 49.21 -16.17
N LEU G 157 -26.87 49.37 -15.20
CA LEU G 157 -25.70 50.27 -15.32
C LEU G 157 -24.49 49.63 -16.05
N SER G 158 -23.91 48.57 -15.42
CA SER G 158 -22.75 47.76 -15.86
C SER G 158 -21.59 48.54 -16.47
N ALA G 163 -19.12 53.43 -10.59
CA ALA G 163 -19.47 54.09 -9.34
C ALA G 163 -19.91 55.57 -9.51
N ASP G 164 -20.30 55.97 -10.76
CA ASP G 164 -20.84 57.29 -11.16
C ASP G 164 -22.36 57.32 -10.72
N VAL G 165 -22.64 56.38 -9.79
CA VAL G 165 -23.91 55.98 -9.17
C VAL G 165 -24.22 56.72 -7.87
N ASP G 166 -25.47 57.20 -7.78
CA ASP G 166 -26.09 57.81 -6.62
C ASP G 166 -26.88 56.61 -6.07
N HIS G 167 -26.16 55.61 -5.48
CA HIS G 167 -26.69 54.34 -4.97
C HIS G 167 -27.93 54.48 -4.08
N GLU G 168 -28.17 55.70 -3.56
CA GLU G 168 -29.30 56.10 -2.73
C GLU G 168 -30.53 56.24 -3.64
N ARG G 169 -30.38 57.07 -4.71
CA ARG G 169 -31.40 57.36 -5.73
C ARG G 169 -31.76 56.13 -6.58
N ALA G 170 -30.74 55.31 -6.96
CA ALA G 170 -30.91 54.11 -7.75
C ALA G 170 -31.81 53.11 -7.05
N PHE G 171 -31.58 52.84 -5.75
CA PHE G 171 -32.38 51.92 -4.95
C PHE G 171 -33.82 52.43 -4.77
N ARG G 172 -33.98 53.74 -4.47
CA ARG G 172 -35.29 54.39 -4.27
C ARG G 172 -36.18 54.28 -5.52
N LEU G 173 -35.67 54.76 -6.69
CA LEU G 173 -36.36 54.74 -7.98
C LEU G 173 -36.65 53.32 -8.47
N CYS G 174 -35.82 52.35 -8.05
CA CYS G 174 -35.95 50.92 -8.34
C CYS G 174 -37.15 50.44 -7.53
N LEU G 175 -37.17 50.79 -6.22
CA LEU G 175 -38.24 50.45 -5.29
C LEU G 175 -39.56 50.98 -5.81
N ASP G 176 -39.58 52.27 -6.20
CA ASP G 176 -40.71 53.02 -6.74
C ASP G 176 -41.34 52.27 -7.91
N TYR G 177 -40.48 51.88 -8.86
CA TYR G 177 -40.80 51.16 -10.08
C TYR G 177 -41.48 49.83 -9.76
N LEU G 178 -40.88 49.05 -8.85
CA LEU G 178 -41.40 47.74 -8.48
C LEU G 178 -42.72 47.79 -7.74
N ILE G 179 -42.96 48.84 -6.90
CA ILE G 179 -44.23 49.02 -6.15
C ILE G 179 -45.36 49.28 -7.13
N GLU G 180 -45.11 50.14 -8.12
CA GLU G 180 -46.06 50.48 -9.16
C GLU G 180 -46.39 49.25 -10.00
N GLU G 181 -45.32 48.50 -10.43
CA GLU G 181 -45.45 47.29 -11.25
C GLU G 181 -46.34 46.24 -10.54
N CYS G 182 -46.11 46.04 -9.25
CA CYS G 182 -46.87 45.09 -8.44
C CYS G 182 -48.30 45.55 -8.15
N SER G 183 -48.50 46.87 -7.91
CA SER G 183 -49.83 47.45 -7.66
C SER G 183 -50.71 47.39 -8.91
N VAL G 184 -50.09 47.62 -10.09
CA VAL G 184 -50.80 47.53 -11.37
C VAL G 184 -51.10 46.07 -11.66
N MET G 185 -50.15 45.15 -11.31
CA MET G 185 -50.34 43.72 -11.50
C MET G 185 -51.60 43.22 -10.81
N CYS G 186 -51.82 43.67 -9.55
CA CYS G 186 -52.99 43.31 -8.75
C CYS G 186 -54.31 43.70 -9.42
N LEU G 187 -54.28 44.84 -10.13
CA LEU G 187 -55.41 45.40 -10.85
C LEU G 187 -55.84 44.54 -12.02
N TRP G 188 -54.91 43.74 -12.60
CA TRP G 188 -55.18 42.94 -13.80
C TRP G 188 -56.30 41.91 -13.67
N THR G 189 -56.57 41.44 -12.42
CA THR G 189 -57.65 40.49 -12.09
C THR G 189 -59.02 41.06 -12.52
N GLU G 190 -59.14 42.43 -12.55
CA GLU G 190 -60.34 43.15 -12.97
C GLU G 190 -60.79 42.72 -14.37
N GLN G 191 -59.81 42.45 -15.28
CA GLN G 191 -60.09 42.06 -16.66
C GLN G 191 -60.05 40.55 -16.87
N LYS G 192 -59.98 39.79 -15.76
CA LYS G 192 -60.14 38.35 -15.73
C LYS G 192 -59.25 37.58 -16.75
N TYR G 193 -57.98 38.00 -16.89
CA TYR G 193 -57.01 37.39 -17.80
C TYR G 193 -56.66 36.05 -17.18
N ASP G 194 -56.90 34.95 -17.94
CA ASP G 194 -56.62 33.60 -17.46
C ASP G 194 -55.12 33.36 -17.31
N PHE G 195 -54.34 33.76 -18.34
CA PHE G 195 -52.89 33.56 -18.37
C PHE G 195 -52.11 34.81 -18.62
N GLU G 196 -50.92 34.90 -18.00
CA GLU G 196 -49.99 36.00 -18.21
C GLU G 196 -48.77 35.43 -18.91
N VAL G 197 -48.61 35.79 -20.19
CA VAL G 197 -47.53 35.37 -21.08
C VAL G 197 -46.34 36.35 -21.05
N TYR G 198 -45.27 35.94 -20.38
CA TYR G 198 -44.02 36.66 -20.32
C TYR G 198 -42.94 35.68 -20.76
N PRO G 199 -42.21 35.93 -21.90
CA PRO G 199 -41.27 34.93 -22.43
C PRO G 199 -40.25 34.38 -21.44
N SER G 200 -39.43 35.27 -20.84
CA SER G 200 -38.50 34.86 -19.79
C SER G 200 -39.38 34.72 -18.55
N GLY G 201 -38.79 34.48 -17.39
CA GLY G 201 -39.62 34.34 -16.21
C GLY G 201 -40.30 35.62 -15.75
N ARG G 202 -41.12 35.48 -14.72
CA ARG G 202 -41.75 36.60 -14.03
C ARG G 202 -40.65 37.06 -13.08
N ASN G 203 -40.42 38.37 -12.94
CA ASN G 203 -39.37 38.82 -12.01
C ASN G 203 -39.74 38.46 -10.54
N LYS G 204 -38.76 38.45 -9.62
CA LYS G 204 -38.97 38.06 -8.22
C LYS G 204 -40.14 38.76 -7.52
N ALA G 205 -40.24 40.11 -7.68
CA ALA G 205 -41.29 40.95 -7.11
C ALA G 205 -42.70 40.53 -7.59
N MET G 206 -42.88 40.38 -8.92
CA MET G 206 -44.16 39.98 -9.49
C MET G 206 -44.56 38.57 -9.14
N ALA G 207 -43.56 37.67 -9.03
CA ALA G 207 -43.76 36.28 -8.62
C ALA G 207 -44.29 36.26 -7.17
N ALA G 208 -43.65 37.07 -6.29
CA ALA G 208 -44.06 37.20 -4.88
C ALA G 208 -45.46 37.80 -4.75
N THR G 209 -45.79 38.82 -5.57
CA THR G 209 -47.10 39.46 -5.57
C THR G 209 -48.19 38.47 -5.96
N TYR G 210 -47.92 37.63 -6.98
CA TYR G 210 -48.88 36.60 -7.39
C TYR G 210 -49.07 35.64 -6.22
N GLU G 211 -47.95 35.17 -5.62
CA GLU G 211 -47.96 34.23 -4.50
C GLU G 211 -48.79 34.71 -3.31
N PHE G 212 -48.52 35.94 -2.79
CA PHE G 212 -49.15 36.50 -1.60
C PHE G 212 -50.45 37.28 -1.80
N LEU G 213 -50.58 38.03 -2.91
CA LEU G 213 -51.74 38.91 -3.09
C LEU G 213 -52.75 38.53 -4.18
N ILE G 214 -52.35 37.79 -5.24
CA ILE G 214 -53.28 37.49 -6.35
C ILE G 214 -53.84 36.04 -6.32
N LYS G 215 -52.92 35.04 -6.36
CA LYS G 215 -53.17 33.57 -6.37
C LYS G 215 -54.20 33.13 -5.29
N PRO G 216 -54.02 33.52 -3.98
CA PRO G 216 -54.99 33.11 -2.95
C PRO G 216 -56.46 33.48 -3.17
N HIS G 217 -56.73 34.64 -3.80
CA HIS G 217 -58.10 35.12 -4.00
C HIS G 217 -58.69 34.71 -5.34
N HIS G 218 -57.85 34.63 -6.38
CA HIS G 218 -58.26 34.06 -7.65
C HIS G 218 -57.08 33.38 -8.34
N PRO G 219 -57.09 32.04 -8.22
CA PRO G 219 -56.01 31.23 -8.77
C PRO G 219 -56.16 30.92 -10.24
N ASN G 220 -57.35 31.19 -10.82
CA ASN G 220 -57.64 30.93 -12.22
C ASN G 220 -57.46 32.17 -13.11
N TYR G 221 -56.71 33.15 -12.58
CA TYR G 221 -56.33 34.38 -13.27
C TYR G 221 -54.84 34.54 -13.18
N LEU G 222 -54.26 35.23 -14.18
CA LEU G 222 -52.83 35.53 -14.28
C LEU G 222 -51.91 34.31 -14.07
N ARG G 223 -52.33 33.11 -14.57
CA ARG G 223 -51.54 31.89 -14.46
C ARG G 223 -50.32 32.08 -15.37
N PRO G 224 -49.09 32.07 -14.83
CA PRO G 224 -47.91 32.36 -15.65
C PRO G 224 -47.60 31.36 -16.77
N VAL G 225 -47.17 31.90 -17.93
CA VAL G 225 -46.81 31.15 -19.13
C VAL G 225 -45.47 31.70 -19.61
N ALA G 226 -44.42 30.85 -19.62
CA ALA G 226 -43.06 31.21 -20.07
C ALA G 226 -42.79 30.58 -21.42
N LEU G 227 -41.87 31.16 -22.17
CA LEU G 227 -41.57 30.66 -23.50
C LEU G 227 -40.12 30.22 -23.72
N ARG G 228 -39.92 29.50 -24.81
CA ARG G 228 -38.64 28.97 -25.26
C ARG G 228 -38.52 29.33 -26.74
N PHE G 229 -37.40 29.96 -27.09
CA PHE G 229 -37.16 30.35 -28.46
C PHE G 229 -36.12 29.48 -29.09
N LYS G 230 -36.32 29.15 -30.38
CA LYS G 230 -35.35 28.34 -31.10
C LYS G 230 -35.09 28.86 -32.46
N LYS G 231 -33.83 29.11 -32.76
CA LYS G 231 -33.44 29.45 -34.13
C LYS G 231 -33.02 28.08 -34.63
N TYR G 232 -33.86 27.50 -35.49
CA TYR G 232 -33.68 26.14 -35.99
C TYR G 232 -34.38 25.95 -37.39
N PRO G 233 -33.89 25.07 -38.31
CA PRO G 233 -34.57 24.90 -39.62
C PRO G 233 -35.99 24.32 -39.51
N ILE H 9 17.90 44.16 59.21
CA ILE H 9 18.31 43.57 57.93
C ILE H 9 19.81 43.32 57.83
N VAL H 10 20.21 42.43 56.91
CA VAL H 10 21.64 42.14 56.71
C VAL H 10 22.10 42.76 55.42
N LYS H 11 23.38 43.14 55.36
CA LYS H 11 23.94 43.77 54.18
C LYS H 11 25.22 43.11 53.76
N ALA H 12 25.29 42.81 52.47
CA ALA H 12 26.42 42.10 51.90
C ALA H 12 27.45 43.03 51.24
N SER H 13 28.72 42.76 51.51
CA SER H 13 29.84 43.53 50.98
C SER H 13 30.96 42.56 50.59
N PHE H 14 31.87 43.00 49.70
CA PHE H 14 33.01 42.18 49.30
C PHE H 14 34.09 42.14 50.40
N ARG H 15 34.92 41.09 50.40
CA ARG H 15 35.96 40.85 51.39
C ARG H 15 37.17 40.25 50.69
N GLU H 16 38.39 40.83 50.89
CA GLU H 16 39.69 40.36 50.32
C GLU H 16 39.93 40.69 48.82
N ASN H 17 38.91 41.17 48.07
CA ASN H 17 39.06 41.47 46.64
C ASN H 17 39.66 42.86 46.39
N PRO H 18 40.90 42.93 45.82
CA PRO H 18 41.55 44.23 45.56
C PRO H 18 40.76 45.12 44.63
N VAL H 19 40.98 46.45 44.75
CA VAL H 19 40.32 47.48 43.92
C VAL H 19 40.52 47.19 42.41
N GLU H 20 41.72 46.70 42.05
CA GLU H 20 42.09 46.34 40.67
C GLU H 20 41.23 45.21 40.12
N GLU H 21 40.77 44.30 41.00
CA GLU H 21 39.90 43.18 40.69
C GLU H 21 38.45 43.67 40.66
N ARG H 22 38.01 44.37 41.72
CA ARG H 22 36.65 44.90 41.88
C ARG H 22 36.24 45.86 40.78
N LYS H 23 37.28 46.46 40.13
CA LYS H 23 37.23 47.36 38.98
C LYS H 23 36.40 46.67 37.87
N LEU H 24 36.76 45.40 37.60
CA LEU H 24 36.27 44.50 36.58
C LEU H 24 34.82 44.05 36.75
N PHE H 25 34.39 43.82 37.99
CA PHE H 25 33.05 43.33 38.34
C PHE H 25 31.89 43.87 37.49
N PRO H 26 31.75 45.20 37.22
CA PRO H 26 30.58 45.69 36.45
C PRO H 26 30.49 45.24 35.00
N GLN H 27 31.64 44.82 34.44
CA GLN H 27 31.72 44.35 33.07
C GLN H 27 32.05 42.84 33.00
N SER H 28 31.98 42.15 34.17
CA SER H 28 32.29 40.73 34.33
C SER H 28 31.06 39.86 34.63
N SER H 29 31.20 38.53 34.36
CA SER H 29 30.20 37.50 34.61
C SER H 29 30.56 36.76 35.91
N CYS H 30 29.54 36.29 36.64
CA CYS H 30 29.79 35.54 37.88
C CYS H 30 28.92 34.30 38.02
N LEU H 31 29.47 33.32 38.75
CA LEU H 31 28.79 32.08 39.05
C LEU H 31 28.52 32.05 40.54
N MET H 32 27.28 31.72 40.92
CA MET H 32 26.93 31.64 42.31
C MET H 32 26.57 30.21 42.67
N PRO H 33 27.56 29.35 43.05
CA PRO H 33 27.21 27.99 43.46
C PRO H 33 26.45 28.02 44.80
N ILE H 34 25.37 27.22 44.88
CA ILE H 34 24.51 27.13 46.04
C ILE H 34 24.61 25.75 46.74
N SER H 35 25.25 25.66 47.92
CA SER H 35 25.23 24.41 48.68
C SER H 35 23.90 24.48 49.43
N VAL H 36 22.85 23.82 48.89
CA VAL H 36 21.47 23.88 49.42
C VAL H 36 21.42 23.30 50.87
N GLY H 37 20.76 24.07 51.73
CA GLY H 37 20.62 23.79 53.15
C GLY H 37 21.26 24.91 53.95
N GLN H 38 22.47 25.30 53.50
CA GLN H 38 23.25 26.38 54.10
C GLN H 38 22.47 27.66 54.19
N ALA H 39 22.53 28.23 55.39
CA ALA H 39 21.85 29.43 55.78
C ALA H 39 22.26 30.64 54.96
N ILE H 40 23.53 30.69 54.49
CA ILE H 40 24.05 31.81 53.70
C ILE H 40 23.31 31.95 52.35
N HIS H 41 22.60 30.87 51.92
CA HIS H 41 21.82 30.79 50.69
C HIS H 41 20.33 30.94 50.98
N GLU H 42 19.96 31.40 52.19
CA GLU H 42 18.53 31.58 52.53
C GLU H 42 18.22 32.98 53.03
N ASP H 43 16.94 33.37 52.83
CA ASP H 43 16.27 34.59 53.28
C ASP H 43 17.10 35.88 53.17
N GLU H 44 17.15 36.65 54.29
CA GLU H 44 17.84 37.93 54.47
C GLU H 44 19.25 37.91 53.88
N LYS H 45 20.02 36.85 54.18
CA LYS H 45 21.38 36.65 53.72
C LYS H 45 21.44 36.45 52.21
N PHE H 46 20.52 35.63 51.63
CA PHE H 46 20.50 35.42 50.19
C PHE H 46 20.07 36.70 49.43
N ALA H 47 18.93 37.33 49.88
CA ALA H 47 18.34 38.58 49.34
C ALA H 47 19.33 39.73 49.38
N ALA H 48 20.27 39.66 50.36
CA ALA H 48 21.35 40.62 50.56
C ALA H 48 22.41 40.41 49.48
N VAL H 49 22.69 39.13 49.08
CA VAL H 49 23.66 38.78 48.02
C VAL H 49 23.07 39.19 46.68
N ILE H 50 21.80 38.79 46.46
CA ILE H 50 20.96 39.16 45.34
C ILE H 50 21.20 40.67 45.01
N LYS H 51 20.87 41.58 45.97
CA LYS H 51 21.01 43.05 45.89
C LYS H 51 22.44 43.55 45.53
N LEU H 52 23.49 43.00 46.19
CA LEU H 52 24.88 43.35 45.91
C LEU H 52 25.29 42.90 44.50
N ILE H 53 24.96 41.65 44.10
CA ILE H 53 25.29 41.11 42.78
C ILE H 53 24.68 41.98 41.68
N ASN H 54 23.39 42.32 41.82
CA ASN H 54 22.65 43.16 40.87
C ASN H 54 23.36 44.48 40.65
N ALA H 55 23.74 45.12 41.76
CA ALA H 55 24.45 46.39 41.81
C ALA H 55 25.90 46.36 41.28
N SER H 56 26.60 45.21 41.32
CA SER H 56 28.00 45.23 40.93
C SER H 56 28.46 44.32 39.76
N PHE H 57 27.61 43.41 39.23
CA PHE H 57 28.05 42.53 38.13
C PHE H 57 27.30 42.74 36.81
N LYS H 58 27.94 42.35 35.67
CA LYS H 58 27.35 42.46 34.32
C LYS H 58 26.20 41.48 34.15
N GLN H 59 26.49 40.18 34.36
CA GLN H 59 25.55 39.06 34.27
C GLN H 59 25.88 38.00 35.33
N CYS H 60 24.85 37.29 35.78
CA CYS H 60 25.02 36.28 36.82
C CYS H 60 24.34 34.97 36.48
N THR H 61 24.92 33.85 36.95
CA THR H 61 24.31 32.54 36.79
C THR H 61 24.44 31.80 38.14
N ILE H 62 23.30 31.36 38.67
CA ILE H 62 23.14 30.63 39.94
C ILE H 62 23.05 29.12 39.67
N LEU H 63 23.94 28.34 40.30
CA LEU H 63 24.02 26.88 40.19
C LEU H 63 23.48 26.24 41.47
N VAL H 64 22.44 25.42 41.36
CA VAL H 64 21.88 24.73 42.51
C VAL H 64 22.65 23.38 42.67
N ASP H 65 23.59 23.28 43.66
CA ASP H 65 24.37 22.05 43.93
C ASP H 65 23.43 21.13 44.68
N ASP H 66 22.50 20.46 43.97
CA ASP H 66 21.50 19.60 44.60
C ASP H 66 21.82 18.11 44.54
N SER H 67 21.93 17.51 43.34
CA SER H 67 22.18 16.06 43.26
C SER H 67 23.50 15.62 43.92
N VAL H 68 24.56 16.48 43.99
CA VAL H 68 25.83 16.12 44.66
C VAL H 68 25.54 15.60 46.06
N GLN H 69 24.55 16.26 46.71
CA GLN H 69 24.15 15.99 48.07
C GLN H 69 23.62 14.58 48.26
N ARG H 70 23.26 13.87 47.15
CA ARG H 70 22.87 12.45 47.21
C ARG H 70 23.98 11.62 47.94
N HIS H 71 25.29 11.96 47.74
CA HIS H 71 26.42 11.29 48.39
C HIS H 71 26.42 11.51 49.90
N THR H 72 26.28 12.78 50.35
CA THR H 72 26.27 13.19 51.75
C THR H 72 24.98 12.73 52.49
N ILE H 73 23.79 12.89 51.86
CA ILE H 73 22.50 12.45 52.40
C ILE H 73 22.60 10.98 52.75
N GLY H 74 23.21 10.24 51.85
CA GLY H 74 23.42 8.82 51.97
C GLY H 74 24.40 8.36 53.02
N ILE H 75 25.02 9.26 53.79
CA ILE H 75 25.96 8.84 54.85
C ILE H 75 25.18 8.15 55.97
N MET H 76 24.13 8.83 56.46
CA MET H 76 23.26 8.31 57.53
C MET H 76 21.98 7.70 56.99
N ASN H 77 21.50 8.12 55.80
CA ASN H 77 20.31 7.51 55.22
C ASN H 77 20.77 6.40 54.28
N HIS H 78 20.59 5.14 54.70
CA HIS H 78 21.03 3.97 53.94
C HIS H 78 20.02 3.53 52.85
N ALA H 79 19.30 4.50 52.26
CA ALA H 79 18.30 4.26 51.22
C ALA H 79 18.94 3.86 49.87
N THR H 80 18.10 3.56 48.86
CA THR H 80 18.53 3.19 47.51
C THR H 80 19.19 4.38 46.84
N THR H 81 20.16 4.12 45.95
CA THR H 81 20.89 5.15 45.19
C THR H 81 19.91 6.11 44.50
N GLU H 82 18.80 5.55 43.98
CA GLU H 82 17.73 6.30 43.35
C GLU H 82 16.94 7.12 44.37
N GLU H 83 16.60 6.52 45.53
CA GLU H 83 15.87 7.21 46.60
C GLU H 83 16.65 8.44 47.06
N LEU H 84 17.99 8.25 47.27
CA LEU H 84 18.94 9.29 47.68
C LEU H 84 19.05 10.37 46.61
N TYR H 85 19.07 9.98 45.32
CA TYR H 85 19.11 10.96 44.24
C TYR H 85 17.87 11.84 44.27
N GLN H 86 16.69 11.19 44.40
CA GLN H 86 15.40 11.86 44.39
C GLN H 86 15.21 12.82 45.57
N LEU H 87 15.81 12.49 46.76
CA LEU H 87 15.79 13.34 47.95
C LEU H 87 16.58 14.60 47.68
N ALA H 88 17.83 14.43 47.13
CA ALA H 88 18.79 15.48 46.78
C ALA H 88 18.15 16.44 45.79
N VAL H 89 17.43 15.91 44.78
CA VAL H 89 16.73 16.74 43.79
C VAL H 89 15.62 17.51 44.49
N LYS H 90 14.84 16.84 45.38
CA LYS H 90 13.75 17.42 46.17
C LYS H 90 14.26 18.65 46.99
N GLU H 91 15.50 18.58 47.52
CA GLU H 91 16.11 19.67 48.28
C GLU H 91 16.40 20.89 47.41
N GLY H 92 16.80 20.64 46.17
CA GLY H 92 17.00 21.67 45.16
C GLY H 92 15.68 22.27 44.72
N ASP H 93 14.64 21.42 44.58
CA ASP H 93 13.28 21.82 44.18
C ASP H 93 12.74 22.83 45.20
N GLU H 94 12.84 22.46 46.49
CA GLU H 94 12.38 23.28 47.62
C GLU H 94 13.18 24.58 47.77
N TRP H 95 14.50 24.57 47.48
CA TRP H 95 15.34 25.77 47.56
C TRP H 95 14.84 26.77 46.53
N LEU H 96 14.54 26.29 45.32
CA LEU H 96 14.04 27.13 44.24
C LEU H 96 12.69 27.75 44.58
N LYS H 97 11.81 27.00 45.29
CA LYS H 97 10.49 27.47 45.77
C LYS H 97 10.71 28.63 46.75
N ARG H 98 11.49 28.34 47.81
CA ARG H 98 11.91 29.21 48.89
C ARG H 98 12.54 30.50 48.42
N ASN H 99 13.49 30.43 47.45
CA ASN H 99 14.24 31.61 47.09
C ASN H 99 13.95 32.15 45.68
N GLN H 100 12.79 31.78 45.07
CA GLN H 100 12.32 32.31 43.78
C GLN H 100 12.05 33.83 43.96
N ARG H 101 11.40 34.18 45.09
CA ARG H 101 11.02 35.52 45.55
C ARG H 101 12.16 36.53 45.43
N PHE H 102 13.38 36.09 45.74
CA PHE H 102 14.57 36.92 45.76
C PHE H 102 15.31 37.02 44.46
N TYR H 103 15.67 35.89 43.81
CA TYR H 103 16.43 35.96 42.56
C TYR H 103 15.63 36.56 41.42
N LYS H 104 14.28 36.49 41.45
CA LYS H 104 13.44 37.10 40.42
C LYS H 104 13.68 38.62 40.33
N GLN H 105 14.10 39.21 41.46
CA GLN H 105 14.38 40.64 41.58
C GLN H 105 15.71 41.06 40.89
N LEU H 106 16.41 40.12 40.25
CA LEU H 106 17.62 40.45 39.51
C LEU H 106 17.23 41.15 38.22
N THR H 107 17.82 42.33 38.00
CA THR H 107 17.62 43.19 36.83
C THR H 107 18.65 42.86 35.76
N ILE H 108 19.85 42.38 36.18
CA ILE H 108 20.92 41.99 35.26
C ILE H 108 20.55 40.66 34.57
N PRO H 109 21.17 40.33 33.41
CA PRO H 109 20.83 39.04 32.78
C PRO H 109 21.29 37.87 33.66
N PHE H 110 20.34 36.97 33.99
CA PHE H 110 20.66 35.83 34.84
C PHE H 110 20.12 34.51 34.30
N GLU H 111 20.73 33.40 34.78
CA GLU H 111 20.45 32.02 34.39
C GLU H 111 20.43 31.16 35.64
N ILE H 112 19.48 30.27 35.75
CA ILE H 112 19.39 29.35 36.88
C ILE H 112 19.71 27.95 36.36
N MET H 113 20.80 27.36 36.84
CA MET H 113 21.23 26.02 36.48
C MET H 113 21.11 25.07 37.69
N ARG H 114 21.18 23.76 37.44
CA ARG H 114 21.07 22.72 38.45
C ARG H 114 22.22 21.75 38.29
N TRP H 115 22.63 21.07 39.38
CA TRP H 115 23.80 20.21 39.38
C TRP H 115 23.89 19.23 38.21
N ASP H 116 22.77 18.53 37.92
CA ASP H 116 22.68 17.54 36.82
C ASP H 116 23.07 18.09 35.44
N ASP H 117 22.82 19.40 35.19
CA ASP H 117 23.19 20.08 33.95
C ASP H 117 24.70 19.96 33.68
N TRP H 118 25.50 19.85 34.75
CA TRP H 118 26.96 19.75 34.67
C TRP H 118 27.43 18.32 34.76
N TYR H 119 26.84 17.52 35.67
CA TYR H 119 27.19 16.11 35.87
C TYR H 119 26.97 15.27 34.61
N ASN H 120 25.91 15.59 33.87
CA ASN H 120 25.52 14.91 32.65
C ASN H 120 26.26 15.44 31.41
N SER H 121 27.17 16.44 31.57
CA SER H 121 27.98 16.98 30.49
C SER H 121 28.83 15.86 29.84
N PRO H 122 29.01 15.91 28.49
CA PRO H 122 29.84 14.90 27.82
C PRO H 122 31.27 14.87 28.36
N ASN H 123 31.75 16.06 28.79
CA ASN H 123 33.10 16.24 29.31
C ASN H 123 33.27 15.85 30.77
N TYR H 124 32.17 15.49 31.48
CA TYR H 124 32.30 15.14 32.88
C TYR H 124 33.28 14.00 33.14
N ILE H 125 33.09 12.86 32.45
CA ILE H 125 33.88 11.65 32.68
C ILE H 125 35.37 11.94 32.59
N ASN H 126 35.83 12.60 31.52
CA ASN H 126 37.25 12.94 31.34
C ASN H 126 37.78 13.79 32.50
N SER H 127 36.99 14.82 32.91
CA SER H 127 37.33 15.71 34.02
C SER H 127 37.40 14.92 35.32
N HIS H 128 36.47 13.96 35.50
CA HIS H 128 36.42 13.10 36.67
C HIS H 128 37.71 12.27 36.78
N LEU H 129 38.20 11.79 35.62
CA LEU H 129 39.42 10.99 35.54
C LEU H 129 40.63 11.88 35.88
N ARG H 130 40.62 13.14 35.37
CA ARG H 130 41.68 14.14 35.62
C ARG H 130 41.82 14.41 37.12
N VAL H 131 40.67 14.61 37.81
CA VAL H 131 40.60 14.87 39.25
C VAL H 131 41.10 13.62 39.98
N GLN H 132 40.61 12.43 39.56
CA GLN H 132 40.98 11.12 40.12
C GLN H 132 42.50 10.88 40.04
N LYS H 133 43.10 11.26 38.89
CA LYS H 133 44.54 11.16 38.63
C LYS H 133 45.32 12.05 39.58
N GLU H 134 44.93 13.35 39.67
CA GLU H 134 45.58 14.32 40.56
C GLU H 134 45.52 13.90 42.03
N TYR H 135 44.41 13.23 42.44
CA TYR H 135 44.25 12.71 43.81
C TYR H 135 45.31 11.63 44.08
N ASP H 136 45.53 10.75 43.09
CA ASP H 136 46.49 9.65 43.17
C ASP H 136 47.94 10.14 43.10
N THR H 137 48.30 10.93 42.06
CA THR H 137 49.65 11.48 41.83
C THR H 137 50.03 12.57 42.87
N ASN H 138 49.41 13.76 42.83
CA ASN H 138 49.67 14.92 43.70
C ASN H 138 49.18 14.72 45.14
N LYS H 139 50.13 14.59 46.09
CA LYS H 139 49.84 14.38 47.52
C LYS H 139 49.31 15.63 48.21
N ALA H 140 49.71 16.84 47.75
CA ALA H 140 49.22 18.10 48.32
C ALA H 140 47.70 18.19 48.14
N PHE H 141 47.24 17.85 46.91
CA PHE H 141 45.85 17.80 46.49
C PHE H 141 45.10 16.73 47.30
N GLN H 142 45.72 15.55 47.47
CA GLN H 142 45.20 14.43 48.24
C GLN H 142 44.95 14.85 49.69
N ASN H 143 45.95 15.55 50.29
CA ASN H 143 45.88 16.05 51.68
C ASN H 143 44.79 17.06 51.87
N ALA H 144 44.61 17.98 50.89
CA ALA H 144 43.57 19.00 50.89
C ALA H 144 42.19 18.36 50.92
N ILE H 145 41.95 17.36 50.06
CA ILE H 145 40.70 16.61 50.00
C ILE H 145 40.44 15.91 51.36
N HIS H 146 41.46 15.22 51.89
CA HIS H 146 41.36 14.54 53.18
C HIS H 146 41.05 15.49 54.32
N ALA H 147 41.66 16.68 54.30
CA ALA H 147 41.44 17.75 55.28
C ALA H 147 39.98 18.22 55.18
N ASN H 148 39.49 18.43 53.95
CA ASN H 148 38.13 18.83 53.67
C ASN H 148 37.15 17.77 54.21
N ILE H 149 37.48 16.46 54.04
CA ILE H 149 36.66 15.36 54.55
C ILE H 149 36.49 15.51 56.08
N ASP H 150 37.62 15.72 56.81
CA ASP H 150 37.66 15.90 58.27
C ASP H 150 36.81 17.09 58.69
N ASP H 151 37.02 18.27 58.04
CA ASP H 151 36.30 19.51 58.30
C ASP H 151 34.80 19.29 58.13
N PHE H 152 34.40 18.66 57.02
CA PHE H 152 33.00 18.43 56.72
C PHE H 152 32.33 17.44 57.68
N LEU H 153 32.94 16.27 57.88
CA LEU H 153 32.33 15.22 58.71
C LEU H 153 32.25 15.59 60.20
N THR H 154 33.25 16.36 60.73
CA THR H 154 33.24 16.80 62.14
C THR H 154 31.99 17.66 62.39
N ARG H 155 31.59 18.43 61.37
CA ARG H 155 30.41 19.29 61.40
C ARG H 155 29.12 18.52 61.11
N TYR H 156 29.07 17.80 59.98
CA TYR H 156 27.91 17.03 59.51
C TYR H 156 27.44 15.97 60.50
N LEU H 157 28.39 15.22 61.07
CA LEU H 157 28.13 14.13 62.01
C LEU H 157 28.33 14.52 63.49
N SER H 158 28.22 15.82 63.81
CA SER H 158 28.39 16.33 65.18
C SER H 158 27.28 15.85 66.11
N ARG H 159 26.03 15.75 65.60
CA ARG H 159 24.85 15.34 66.38
C ARG H 159 24.65 13.82 66.45
N PHE H 160 25.70 13.05 66.16
CA PHE H 160 25.67 11.59 66.21
C PHE H 160 26.79 11.03 67.07
N SER H 161 26.45 9.94 67.79
CA SER H 161 27.41 9.21 68.61
C SER H 161 28.26 8.40 67.64
N PRO H 162 29.60 8.31 67.85
CA PRO H 162 30.44 7.52 66.91
C PRO H 162 29.97 6.07 66.71
N ALA H 163 29.21 5.55 67.69
CA ALA H 163 28.64 4.22 67.72
C ALA H 163 27.60 3.97 66.65
N ASP H 164 26.87 5.03 66.22
CA ASP H 164 25.80 4.92 65.21
C ASP H 164 26.26 5.30 63.78
N VAL H 165 27.55 5.64 63.63
CA VAL H 165 28.12 6.09 62.36
C VAL H 165 29.03 5.05 61.72
N ASP H 166 28.77 4.66 60.43
CA ASP H 166 29.69 3.78 59.68
C ASP H 166 30.79 4.71 59.15
N HIS H 167 31.92 4.75 59.84
CA HIS H 167 33.02 5.66 59.52
C HIS H 167 33.68 5.36 58.17
N GLU H 168 33.63 4.09 57.75
CA GLU H 168 34.15 3.61 56.46
C GLU H 168 33.33 4.26 55.34
N ARG H 169 32.00 4.22 55.50
CA ARG H 169 31.00 4.75 54.58
C ARG H 169 31.11 6.25 54.48
N ALA H 170 31.08 6.94 55.64
CA ALA H 170 31.15 8.39 55.78
C ALA H 170 32.31 8.95 54.99
N PHE H 171 33.51 8.34 55.12
CA PHE H 171 34.69 8.75 54.37
C PHE H 171 34.52 8.53 52.86
N ARG H 172 34.12 7.30 52.47
CA ARG H 172 33.95 6.91 51.08
C ARG H 172 32.99 7.83 50.34
N LEU H 173 31.77 8.05 50.90
CA LEU H 173 30.74 8.90 50.31
C LEU H 173 31.14 10.36 50.25
N CYS H 174 31.82 10.86 51.29
CA CYS H 174 32.29 12.23 51.36
C CYS H 174 33.36 12.47 50.29
N LEU H 175 34.20 11.44 50.02
CA LEU H 175 35.23 11.47 48.98
C LEU H 175 34.55 11.55 47.60
N ASP H 176 33.47 10.76 47.40
CA ASP H 176 32.69 10.73 46.17
C ASP H 176 32.12 12.09 45.90
N TYR H 177 31.57 12.71 46.96
CA TYR H 177 30.98 14.05 46.95
C TYR H 177 32.02 15.08 46.50
N LEU H 178 33.20 15.06 47.13
CA LEU H 178 34.26 16.02 46.83
C LEU H 178 34.88 15.84 45.45
N ILE H 179 35.05 14.60 44.99
CA ILE H 179 35.57 14.30 43.65
C ILE H 179 34.59 14.81 42.60
N GLU H 180 33.27 14.61 42.80
CA GLU H 180 32.25 15.10 41.89
C GLU H 180 32.26 16.64 41.84
N GLU H 181 32.27 17.29 43.03
CA GLU H 181 32.28 18.73 43.16
C GLU H 181 33.47 19.36 42.41
N CYS H 182 34.66 18.74 42.54
CA CYS H 182 35.86 19.22 41.87
C CYS H 182 35.87 18.98 40.36
N SER H 183 35.33 17.82 39.92
CA SER H 183 35.24 17.44 38.50
C SER H 183 34.29 18.39 37.77
N VAL H 184 33.19 18.78 38.43
CA VAL H 184 32.20 19.70 37.87
C VAL H 184 32.77 21.09 37.87
N MET H 185 33.54 21.45 38.92
CA MET H 185 34.20 22.76 39.01
C MET H 185 35.09 23.01 37.79
N CYS H 186 35.88 21.99 37.36
CA CYS H 186 36.77 22.08 36.21
C CYS H 186 36.03 22.42 34.92
N LEU H 187 34.80 21.88 34.80
CA LEU H 187 33.90 22.06 33.67
C LEU H 187 33.41 23.50 33.53
N TRP H 188 33.37 24.27 34.64
CA TRP H 188 32.83 25.65 34.64
C TRP H 188 33.56 26.62 33.72
N THR H 189 34.87 26.37 33.42
CA THR H 189 35.68 27.17 32.49
C THR H 189 35.05 27.22 31.09
N GLU H 190 34.30 26.17 30.70
CA GLU H 190 33.52 26.06 29.46
C GLU H 190 32.59 27.26 29.26
N GLN H 191 31.96 27.76 30.34
CA GLN H 191 31.05 28.88 30.26
C GLN H 191 31.70 30.24 30.57
N LYS H 192 33.05 30.23 30.67
CA LYS H 192 33.91 31.42 30.80
C LYS H 192 33.46 32.43 31.89
N TYR H 193 33.10 31.91 33.08
CA TYR H 193 32.68 32.71 34.24
C TYR H 193 33.95 33.37 34.78
N ASP H 194 33.93 34.73 34.83
CA ASP H 194 35.08 35.51 35.29
C ASP H 194 35.31 35.32 36.78
N PHE H 195 34.22 35.38 37.58
CA PHE H 195 34.27 35.25 39.02
C PHE H 195 33.33 34.20 39.60
N GLU H 196 33.77 33.55 40.68
CA GLU H 196 32.96 32.58 41.42
C GLU H 196 32.68 33.18 42.80
N VAL H 197 31.40 33.54 43.02
CA VAL H 197 30.88 34.16 44.24
C VAL H 197 30.33 33.12 45.22
N TYR H 198 31.10 32.87 46.28
CA TYR H 198 30.71 32.01 47.38
C TYR H 198 30.90 32.84 48.66
N PRO H 199 29.82 33.11 49.46
CA PRO H 199 29.93 34.02 50.61
C PRO H 199 31.06 33.72 51.60
N SER H 200 31.06 32.50 52.17
CA SER H 200 32.16 32.06 53.03
C SER H 200 33.28 31.69 52.05
N GLY H 201 34.36 31.12 52.52
CA GLY H 201 35.41 30.77 51.56
C GLY H 201 35.09 29.59 50.65
N ARG H 202 36.05 29.28 49.80
CA ARG H 202 36.00 28.12 48.95
C ARG H 202 36.51 27.00 49.86
N ASN H 203 35.88 25.81 49.84
CA ASN H 203 36.36 24.71 50.68
C ASN H 203 37.76 24.25 50.25
N LYS H 204 38.49 23.53 51.12
CA LYS H 204 39.87 23.09 50.86
C LYS H 204 40.08 22.37 49.51
N ALA H 205 39.18 21.42 49.18
CA ALA H 205 39.22 20.64 47.95
C ALA H 205 39.09 21.53 46.70
N MET H 206 38.09 22.43 46.67
CA MET H 206 37.86 23.34 45.55
C MET H 206 38.98 24.35 45.38
N ALA H 207 39.54 24.84 46.50
CA ALA H 207 40.66 25.76 46.52
C ALA H 207 41.88 25.06 45.89
N ALA H 208 42.09 23.77 46.24
CA ALA H 208 43.19 22.95 45.72
C ALA H 208 43.03 22.72 44.22
N THR H 209 41.79 22.43 43.78
CA THR H 209 41.44 22.19 42.38
C THR H 209 41.71 23.43 41.56
N TYR H 210 41.33 24.63 42.07
CA TYR H 210 41.61 25.89 41.38
C TYR H 210 43.13 26.04 41.25
N GLU H 211 43.85 25.83 42.35
CA GLU H 211 45.31 25.94 42.40
C GLU H 211 46.04 25.05 41.38
N PHE H 212 45.77 23.75 41.39
CA PHE H 212 46.47 22.78 40.54
C PHE H 212 45.88 22.53 39.14
N LEU H 213 44.55 22.57 38.99
CA LEU H 213 43.93 22.20 37.73
C LEU H 213 43.29 23.33 36.94
N ILE H 214 42.86 24.42 37.59
CA ILE H 214 42.14 25.47 36.87
C ILE H 214 43.01 26.75 36.60
N LYS H 215 43.45 27.48 37.66
CA LYS H 215 44.24 28.72 37.57
C LYS H 215 45.40 28.65 36.56
N PRO H 216 46.25 27.57 36.55
CA PRO H 216 47.34 27.52 35.56
C PRO H 216 46.92 27.65 34.09
N HIS H 217 45.73 27.14 33.71
CA HIS H 217 45.26 27.16 32.32
C HIS H 217 44.34 28.34 31.99
N HIS H 218 43.55 28.83 32.97
CA HIS H 218 42.64 29.98 32.79
C HIS H 218 42.65 30.81 34.07
N PRO H 219 43.57 31.78 34.23
CA PRO H 219 43.61 32.54 35.48
C PRO H 219 42.56 33.64 35.52
N ASN H 220 41.94 33.96 34.37
CA ASN H 220 40.93 35.01 34.27
C ASN H 220 39.50 34.45 34.30
N TYR H 221 39.38 33.21 34.80
CA TYR H 221 38.12 32.51 35.02
C TYR H 221 38.07 32.03 36.45
N LEU H 222 36.85 31.90 36.99
CA LEU H 222 36.57 31.41 38.34
C LEU H 222 37.41 32.09 39.42
N ARG H 223 37.67 33.42 39.28
CA ARG H 223 38.43 34.18 40.27
C ARG H 223 37.52 34.27 41.52
N PRO H 224 37.96 33.73 42.69
CA PRO H 224 37.08 33.70 43.86
C PRO H 224 36.70 35.06 44.45
N VAL H 225 35.43 35.17 44.88
CA VAL H 225 34.84 36.35 45.48
C VAL H 225 34.11 35.91 46.76
N ALA H 226 34.55 36.42 47.92
CA ALA H 226 33.98 36.11 49.24
C ALA H 226 33.21 37.30 49.74
N LEU H 227 32.26 37.08 50.65
CA LEU H 227 31.43 38.14 51.17
C LEU H 227 31.49 38.34 52.68
N ARG H 228 30.95 39.49 53.13
CA ARG H 228 30.85 39.90 54.52
C ARG H 228 29.41 40.37 54.75
N PHE H 229 28.76 39.79 55.73
CA PHE H 229 27.41 40.17 56.08
C PHE H 229 27.47 40.93 57.40
N LYS H 230 26.74 42.02 57.49
CA LYS H 230 26.71 42.79 58.73
C LYS H 230 25.25 43.08 59.02
N LYS H 231 24.78 42.78 60.24
CA LYS H 231 23.38 43.05 60.57
C LYS H 231 23.26 44.47 61.12
N TYR H 232 22.02 45.00 61.15
CA TYR H 232 21.74 46.36 61.61
C TYR H 232 20.93 46.37 62.95
N PRO H 233 21.56 47.00 64.00
CA PRO H 233 21.02 46.99 65.38
C PRO H 233 19.53 47.32 65.63
N ALA H 234 18.89 48.19 64.80
CA ALA H 234 17.47 48.61 64.84
C ALA H 234 16.77 48.60 66.23
N ILE I 9 -28.51 44.82 48.94
CA ILE I 9 -27.89 45.70 47.93
C ILE I 9 -26.40 45.31 47.74
N VAL I 10 -25.96 45.06 46.45
CA VAL I 10 -24.59 44.68 46.09
C VAL I 10 -24.05 45.52 44.90
N LYS I 11 -22.70 45.58 44.74
CA LYS I 11 -21.97 46.26 43.65
C LYS I 11 -20.72 45.47 43.28
N ALA I 12 -20.53 45.20 41.96
CA ALA I 12 -19.38 44.44 41.48
C ALA I 12 -18.26 45.33 40.98
N SER I 13 -17.01 44.97 41.33
CA SER I 13 -15.83 45.72 40.87
C SER I 13 -14.70 44.73 40.53
N PHE I 14 -13.76 45.13 39.67
CA PHE I 14 -12.63 44.28 39.33
C PHE I 14 -11.64 44.18 40.48
N ARG I 15 -10.92 43.08 40.53
CA ARG I 15 -10.00 42.76 41.60
C ARG I 15 -8.76 42.20 40.94
N GLU I 16 -7.59 42.79 41.26
CA GLU I 16 -6.23 42.36 40.85
C GLU I 16 -5.86 42.61 39.33
N ASN I 17 -6.80 43.11 38.48
CA ASN I 17 -6.53 43.39 37.06
C ASN I 17 -5.86 44.77 36.85
N PRO I 18 -4.58 44.79 36.35
CA PRO I 18 -3.87 46.07 36.15
C PRO I 18 -4.56 47.01 35.17
N VAL I 19 -4.30 48.32 35.31
CA VAL I 19 -4.88 49.38 34.46
C VAL I 19 -4.59 49.10 32.98
N GLU I 20 -3.39 48.58 32.70
CA GLU I 20 -2.93 48.24 31.35
C GLU I 20 -3.78 47.13 30.71
N GLU I 21 -4.31 46.21 31.54
CA GLU I 21 -5.20 45.11 31.16
C GLU I 21 -6.61 45.65 31.03
N ARG I 22 -7.10 46.36 32.07
CA ARG I 22 -8.45 46.93 32.15
C ARG I 22 -8.77 47.92 31.06
N LYS I 23 -7.74 48.57 30.47
CA LYS I 23 -7.95 49.53 29.38
C LYS I 23 -8.43 48.82 28.10
N LEU I 24 -8.09 47.51 27.99
CA LEU I 24 -8.46 46.63 26.90
C LEU I 24 -9.93 46.23 26.94
N PHE I 25 -10.47 45.96 28.13
CA PHE I 25 -11.84 45.51 28.39
C PHE I 25 -12.93 46.12 27.49
N PRO I 26 -13.00 47.47 27.24
CA PRO I 26 -14.11 48.00 26.40
C PRO I 26 -14.12 47.55 24.94
N GLN I 27 -12.96 47.09 24.45
CA GLN I 27 -12.83 46.60 23.09
C GLN I 27 -12.58 45.08 23.03
N SER I 28 -12.73 44.40 24.20
CA SER I 28 -12.52 42.96 24.36
C SER I 28 -13.80 42.16 24.58
N SER I 29 -13.71 40.82 24.33
CA SER I 29 -14.78 39.85 24.52
C SER I 29 -14.53 39.10 25.82
N CYS I 30 -15.61 38.65 26.48
CA CYS I 30 -15.49 37.88 27.72
C CYS I 30 -16.43 36.69 27.78
N LEU I 31 -15.98 35.68 28.51
CA LEU I 31 -16.74 34.47 28.75
C LEU I 31 -17.10 34.43 30.23
N MET I 32 -18.38 34.19 30.54
CA MET I 32 -18.82 34.11 31.91
C MET I 32 -19.27 32.71 32.24
N PRO I 33 -18.36 31.78 32.63
CA PRO I 33 -18.80 30.43 33.00
C PRO I 33 -19.62 30.49 34.29
N ILE I 34 -20.75 29.77 34.31
CA ILE I 34 -21.69 29.71 35.42
C ILE I 34 -21.73 28.34 36.09
N SER I 35 -21.17 28.20 37.31
CA SER I 35 -21.32 26.96 38.08
C SER I 35 -22.68 27.16 38.74
N VAL I 36 -23.76 26.63 38.10
CA VAL I 36 -25.18 26.80 38.42
C VAL I 36 -25.50 26.84 39.94
N GLY I 37 -25.08 25.82 40.70
CA GLY I 37 -25.32 25.75 42.14
C GLY I 37 -25.00 26.97 43.00
N GLN I 38 -23.89 27.65 42.66
CA GLN I 38 -23.31 28.80 43.36
C GLN I 38 -24.19 30.05 43.45
N ALA I 39 -24.06 30.71 44.60
CA ALA I 39 -24.73 31.94 45.00
C ALA I 39 -24.21 33.17 44.24
N ILE I 40 -22.93 33.16 43.84
CA ILE I 40 -22.30 34.27 43.10
C ILE I 40 -22.95 34.50 41.73
N HIS I 41 -23.69 33.47 41.25
CA HIS I 41 -24.41 33.47 39.97
C HIS I 41 -25.90 33.69 40.17
N GLU I 42 -26.31 34.18 41.36
CA GLU I 42 -27.71 34.44 41.67
C GLU I 42 -27.97 35.83 42.23
N ASP I 43 -29.19 36.32 41.93
CA ASP I 43 -29.84 37.55 42.39
C ASP I 43 -28.93 38.78 42.37
N GLU I 44 -28.87 39.50 43.52
CA GLU I 44 -28.11 40.71 43.86
C GLU I 44 -26.68 40.68 43.31
N LYS I 45 -25.99 39.52 43.53
CA LYS I 45 -24.61 39.28 43.08
C LYS I 45 -24.49 39.13 41.56
N PHE I 46 -25.38 38.34 40.91
CA PHE I 46 -25.37 38.17 39.46
C PHE I 46 -25.74 39.48 38.78
N ALA I 47 -26.82 40.12 39.29
CA ALA I 47 -27.36 41.40 38.84
C ALA I 47 -26.30 42.50 38.92
N ALA I 48 -25.35 42.40 39.87
CA ALA I 48 -24.24 43.34 40.01
C ALA I 48 -23.26 43.14 38.87
N VAL I 49 -22.95 41.84 38.58
CA VAL I 49 -22.01 41.41 37.52
C VAL I 49 -22.49 41.86 36.14
N ILE I 50 -23.79 41.64 35.82
CA ILE I 50 -24.40 42.10 34.56
C ILE I 50 -24.08 43.59 34.36
N LYS I 51 -24.44 44.43 35.35
CA LYS I 51 -24.21 45.88 35.33
C LYS I 51 -22.74 46.26 35.03
N LEU I 52 -21.78 45.60 35.74
CA LEU I 52 -20.35 45.84 35.53
C LEU I 52 -19.91 45.39 34.13
N ILE I 53 -20.31 44.17 33.70
CA ILE I 53 -19.94 43.64 32.38
C ILE I 53 -20.46 44.54 31.26
N ASN I 54 -21.73 44.96 31.35
CA ASN I 54 -22.36 45.85 30.37
C ASN I 54 -21.56 47.13 30.21
N ALA I 55 -21.19 47.72 31.34
CA ALA I 55 -20.44 48.95 31.44
C ALA I 55 -18.98 48.86 30.98
N SER I 56 -18.34 47.68 31.06
CA SER I 56 -16.92 47.62 30.75
C SER I 56 -16.45 46.70 29.59
N PHE I 57 -17.31 45.85 29.00
CA PHE I 57 -16.86 44.96 27.91
C PHE I 57 -17.53 45.22 26.57
N LYS I 58 -16.85 44.80 25.45
CA LYS I 58 -17.35 44.96 24.08
C LYS I 58 -18.53 44.03 23.83
N GLN I 59 -18.31 42.71 24.06
CA GLN I 59 -19.31 41.65 23.91
C GLN I 59 -19.11 40.58 24.98
N CYS I 60 -20.20 39.92 25.35
CA CYS I 60 -20.15 38.90 26.38
C CYS I 60 -20.88 37.65 26.00
N THR I 61 -20.40 36.49 26.50
CA THR I 61 -21.06 35.22 26.27
C THR I 61 -21.04 34.47 27.61
N ILE I 62 -22.25 34.08 28.07
CA ILE I 62 -22.53 33.37 29.32
C ILE I 62 -22.69 31.87 29.02
N LEU I 63 -21.87 31.03 29.69
CA LEU I 63 -21.87 29.58 29.54
C LEU I 63 -22.51 28.95 30.77
N VAL I 64 -23.59 28.18 30.58
CA VAL I 64 -24.27 27.52 31.68
C VAL I 64 -23.62 26.13 31.88
N ASP I 65 -22.75 25.97 32.90
CA ASP I 65 -22.08 24.69 33.22
C ASP I 65 -23.13 23.82 33.91
N ASP I 66 -24.04 23.21 33.11
CA ASP I 66 -25.15 22.38 33.64
C ASP I 66 -24.93 20.87 33.53
N SER I 67 -24.80 20.32 32.30
CA SER I 67 -24.65 18.89 32.10
C SER I 67 -23.41 18.32 32.73
N VAL I 68 -22.38 19.15 33.10
CA VAL I 68 -21.18 18.65 33.81
C VAL I 68 -21.61 18.14 35.16
N GLN I 69 -22.58 18.84 35.78
CA GLN I 69 -23.08 18.57 37.13
C GLN I 69 -23.61 17.17 37.26
N ARG I 70 -23.92 16.49 36.13
CA ARG I 70 -24.37 15.09 36.14
C ARG I 70 -23.37 14.18 36.90
N HIS I 71 -22.03 14.45 36.79
CA HIS I 71 -20.97 13.71 37.48
C HIS I 71 -21.08 13.91 38.99
N THR I 72 -21.18 15.18 39.46
CA THR I 72 -21.26 15.55 40.87
C THR I 72 -22.60 15.14 41.51
N ILE I 73 -23.75 15.38 40.82
CA ILE I 73 -25.11 15.01 41.28
C ILE I 73 -25.11 13.52 41.58
N GLY I 74 -24.48 12.77 40.70
CA GLY I 74 -24.33 11.33 40.78
C GLY I 74 -23.46 10.79 41.88
N ILE I 75 -22.85 11.64 42.73
CA ILE I 75 -22.01 11.15 43.83
C ILE I 75 -22.90 10.47 44.87
N MET I 76 -23.94 11.20 45.31
CA MET I 76 -24.89 10.70 46.30
C MET I 76 -26.18 10.16 45.67
N ASN I 77 -26.55 10.64 44.47
CA ASN I 77 -27.72 10.11 43.80
C ASN I 77 -27.25 9.01 42.85
N HIS I 78 -27.52 7.74 43.22
CA HIS I 78 -27.08 6.57 42.46
C HIS I 78 -28.02 6.22 41.28
N ALA I 79 -28.69 7.24 40.70
CA ALA I 79 -29.62 7.09 39.59
C ALA I 79 -28.94 6.68 38.27
N THR I 80 -29.76 6.47 37.21
CA THR I 80 -29.34 6.12 35.85
C THR I 80 -28.53 7.29 35.28
N THR I 81 -27.53 6.98 34.44
CA THR I 81 -26.70 7.95 33.75
C THR I 81 -27.56 9.00 33.04
N GLU I 82 -28.68 8.52 32.44
CA GLU I 82 -29.65 9.37 31.75
C GLU I 82 -30.45 10.20 32.75
N GLU I 83 -30.87 9.60 33.87
CA GLU I 83 -31.62 10.30 34.94
C GLU I 83 -30.79 11.48 35.47
N LEU I 84 -29.49 11.20 35.76
CA LEU I 84 -28.49 12.16 36.25
C LEU I 84 -28.26 13.27 35.23
N TYR I 85 -28.19 12.92 33.94
CA TYR I 85 -28.02 13.91 32.89
C TYR I 85 -29.22 14.86 32.87
N GLN I 86 -30.44 14.28 32.92
CA GLN I 86 -31.70 15.04 32.84
C GLN I 86 -31.89 15.98 34.04
N LEU I 87 -31.40 15.58 35.23
CA LEU I 87 -31.43 16.39 36.46
C LEU I 87 -30.52 17.62 36.28
N ALA I 88 -29.27 17.37 35.80
CA ALA I 88 -28.23 18.37 35.51
C ALA I 88 -28.74 19.40 34.53
N VAL I 89 -29.44 18.95 33.48
CA VAL I 89 -30.03 19.84 32.47
C VAL I 89 -31.13 20.67 33.13
N LYS I 90 -32.00 20.03 33.95
CA LYS I 90 -33.09 20.67 34.68
C LYS I 90 -32.57 21.84 35.54
N GLU I 91 -31.37 21.67 36.15
CA GLU I 91 -30.73 22.70 36.95
C GLU I 91 -30.31 23.93 36.12
N GLY I 92 -29.86 23.68 34.90
CA GLY I 92 -29.51 24.72 33.95
C GLY I 92 -30.74 25.42 33.45
N ASP I 93 -31.84 24.65 33.23
CA ASP I 93 -33.16 25.15 32.75
C ASP I 93 -33.67 26.17 33.77
N GLU I 94 -33.67 25.78 35.04
CA GLU I 94 -34.14 26.60 36.16
C GLU I 94 -33.27 27.85 36.39
N TRP I 95 -31.93 27.75 36.18
CA TRP I 95 -31.02 28.89 36.33
C TRP I 95 -31.38 29.95 35.30
N LEU I 96 -31.64 29.51 34.07
CA LEU I 96 -32.03 30.40 32.98
C LEU I 96 -33.36 31.10 33.27
N LYS I 97 -34.33 30.40 33.90
CA LYS I 97 -35.63 30.95 34.32
C LYS I 97 -35.39 32.08 35.35
N ARG I 98 -34.68 31.70 36.44
CA ARG I 98 -34.28 32.53 37.58
C ARG I 98 -33.56 33.80 37.17
N ASN I 99 -32.57 33.68 36.25
CA ASN I 99 -31.67 34.77 35.89
C ASN I 99 -31.93 35.46 34.55
N GLN I 100 -33.03 35.10 33.87
CA GLN I 100 -33.44 35.70 32.60
C GLN I 100 -33.61 37.22 32.79
N ARG I 101 -34.28 37.60 33.91
CA ARG I 101 -34.58 38.96 34.39
C ARG I 101 -33.37 39.90 34.33
N PHE I 102 -32.19 39.37 34.68
CA PHE I 102 -30.95 40.13 34.76
C PHE I 102 -30.16 40.18 33.48
N TYR I 103 -29.87 39.03 32.84
CA TYR I 103 -29.05 39.07 31.61
C TYR I 103 -29.76 39.74 30.43
N LYS I 104 -31.11 39.74 30.41
CA LYS I 104 -31.87 40.42 29.35
C LYS I 104 -31.52 41.90 29.29
N GLN I 105 -31.11 42.47 30.45
CA GLN I 105 -30.73 43.87 30.59
C GLN I 105 -29.37 44.19 29.95
N LEU I 106 -28.69 43.19 29.34
CA LEU I 106 -27.43 43.46 28.65
C LEU I 106 -27.72 44.19 27.33
N THR I 107 -27.06 45.33 27.16
CA THR I 107 -27.15 46.20 25.99
C THR I 107 -26.09 45.82 24.98
N ILE I 108 -24.94 45.29 25.46
CA ILE I 108 -23.82 44.85 24.62
C ILE I 108 -24.21 43.54 23.90
N PRO I 109 -23.56 43.17 22.78
CA PRO I 109 -23.92 41.90 22.12
C PRO I 109 -23.59 40.72 23.02
N PHE I 110 -24.60 39.88 23.26
CA PHE I 110 -24.40 38.72 24.12
C PHE I 110 -24.97 37.43 23.53
N GLU I 111 -24.46 36.30 24.03
CA GLU I 111 -24.78 34.94 23.62
C GLU I 111 -24.94 34.08 24.87
N ILE I 112 -25.96 33.24 24.90
CA ILE I 112 -26.16 32.33 26.02
C ILE I 112 -25.88 30.91 25.52
N MET I 113 -24.82 30.28 26.02
CA MET I 113 -24.47 28.92 25.66
C MET I 113 -24.72 27.97 26.83
N ARG I 114 -24.73 26.67 26.55
CA ARG I 114 -24.95 25.63 27.55
C ARG I 114 -23.85 24.59 27.44
N TRP I 115 -23.57 23.87 28.54
CA TRP I 115 -22.47 22.93 28.61
C TRP I 115 -22.35 21.98 27.41
N ASP I 116 -23.49 21.35 27.02
CA ASP I 116 -23.55 20.39 25.90
C ASP I 116 -23.04 20.94 24.56
N ASP I 117 -23.19 22.27 24.33
CA ASP I 117 -22.71 22.94 23.12
C ASP I 117 -21.19 22.75 22.96
N TRP I 118 -20.47 22.55 24.08
CA TRP I 118 -19.03 22.37 24.09
C TRP I 118 -18.64 20.91 24.16
N TYR I 119 -19.32 20.14 25.02
CA TYR I 119 -19.05 18.72 25.21
C TYR I 119 -19.24 17.91 23.92
N ASN I 120 -20.26 18.29 23.13
CA ASN I 120 -20.61 17.67 21.86
C ASN I 120 -19.78 18.21 20.67
N SER I 121 -18.80 19.10 20.95
CA SER I 121 -17.91 19.62 19.90
C SER I 121 -17.11 18.46 19.29
N PRO I 122 -16.87 18.50 17.95
CA PRO I 122 -16.07 17.43 17.32
C PRO I 122 -14.68 17.32 17.93
N ASN I 123 -14.14 18.48 18.39
CA ASN I 123 -12.82 18.58 18.98
C ASN I 123 -12.73 18.18 20.44
N TYR I 124 -13.88 17.89 21.09
CA TYR I 124 -13.85 17.51 22.51
C TYR I 124 -12.95 16.31 22.80
N ILE I 125 -13.15 15.20 22.09
CA ILE I 125 -12.45 13.94 22.33
C ILE I 125 -10.93 14.15 22.33
N ASN I 126 -10.36 14.80 21.29
CA ASN I 126 -8.92 15.06 21.20
C ASN I 126 -8.41 15.87 22.38
N SER I 127 -9.16 16.94 22.75
CA SER I 127 -8.84 17.78 23.91
C SER I 127 -8.88 16.99 25.21
N HIS I 128 -9.87 16.08 25.32
CA HIS I 128 -10.05 15.19 26.46
C HIS I 128 -8.83 14.29 26.62
N LEU I 129 -8.30 13.80 25.49
CA LEU I 129 -7.13 12.93 25.48
C LEU I 129 -5.89 13.72 25.90
N ARG I 130 -5.77 15.00 25.42
CA ARG I 130 -4.67 15.91 25.77
C ARG I 130 -4.63 16.16 27.29
N VAL I 131 -5.82 16.42 27.90
CA VAL I 131 -5.96 16.66 29.33
C VAL I 131 -5.60 15.37 30.07
N GLN I 132 -6.14 14.22 29.60
CA GLN I 132 -5.89 12.90 30.17
C GLN I 132 -4.40 12.58 30.20
N LYS I 133 -3.69 12.91 29.08
CA LYS I 133 -2.26 12.71 28.91
C LYS I 133 -1.47 13.56 29.93
N GLU I 134 -1.80 14.86 30.02
CA GLU I 134 -1.15 15.76 30.96
C GLU I 134 -1.33 15.32 32.41
N TYR I 135 -2.49 14.73 32.74
CA TYR I 135 -2.77 14.22 34.09
C TYR I 135 -1.80 13.06 34.39
N ASP I 136 -1.59 12.19 33.39
CA ASP I 136 -0.70 11.03 33.53
C ASP I 136 0.78 11.43 33.56
N THR I 137 1.24 12.21 32.56
CA THR I 137 2.64 12.65 32.43
C THR I 137 3.04 13.70 33.50
N ASN I 138 2.48 14.93 33.45
CA ASN I 138 2.76 16.07 34.35
C ASN I 138 2.18 15.88 35.76
N LYS I 139 3.06 15.68 36.76
CA LYS I 139 2.66 15.47 38.17
C LYS I 139 2.16 16.75 38.84
N ALA I 140 2.68 17.93 38.45
CA ALA I 140 2.22 19.21 39.01
C ALA I 140 0.71 19.37 38.74
N PHE I 141 0.32 19.08 37.47
CA PHE I 141 -1.05 19.13 36.96
C PHE I 141 -1.90 18.11 37.70
N GLN I 142 -1.36 16.90 37.89
CA GLN I 142 -2.01 15.80 38.59
C GLN I 142 -2.32 16.20 40.04
N ASN I 143 -1.34 16.82 40.71
CA ASN I 143 -1.46 17.28 42.10
C ASN I 143 -2.52 18.36 42.25
N ALA I 144 -2.57 19.31 41.28
CA ALA I 144 -3.54 20.40 41.25
C ALA I 144 -4.95 19.85 41.18
N ILE I 145 -5.18 18.87 40.30
CA ILE I 145 -6.48 18.21 40.13
C ILE I 145 -6.88 17.51 41.45
N HIS I 146 -5.94 16.74 42.04
CA HIS I 146 -6.16 16.04 43.30
C HIS I 146 -6.51 16.97 44.43
N ALA I 147 -5.82 18.13 44.49
CA ALA I 147 -6.06 19.19 45.48
C ALA I 147 -7.47 19.74 45.31
N ASN I 148 -7.88 19.99 44.05
CA ASN I 148 -9.19 20.50 43.67
C ASN I 148 -10.27 19.49 44.11
N ILE I 149 -9.99 18.17 43.95
CA ILE I 149 -10.92 17.11 44.37
C ILE I 149 -11.19 17.22 45.88
N ASP I 150 -10.11 17.36 46.69
CA ASP I 150 -10.18 17.50 48.16
C ASP I 150 -11.00 18.72 48.55
N ASP I 151 -10.67 19.90 47.95
CA ASP I 151 -11.33 21.18 48.20
C ASP I 151 -12.83 21.06 47.94
N PHE I 152 -13.19 20.48 46.78
CA PHE I 152 -14.57 20.32 46.38
C PHE I 152 -15.36 19.37 47.26
N LEU I 153 -14.83 18.15 47.48
CA LEU I 153 -15.56 17.12 48.23
C LEU I 153 -15.72 17.44 49.71
N THR I 154 -14.72 18.12 50.34
CA THR I 154 -14.82 18.54 51.75
C THR I 154 -16.03 19.48 51.93
N ARG I 155 -16.30 20.31 50.90
CA ARG I 155 -17.44 21.23 50.88
C ARG I 155 -18.73 20.53 50.49
N TYR I 156 -18.75 19.83 49.34
CA TYR I 156 -19.91 19.13 48.77
C TYR I 156 -20.51 18.06 49.69
N LEU I 157 -19.64 17.26 50.32
CA LEU I 157 -20.04 16.17 51.21
C LEU I 157 -19.92 16.51 52.70
N SER I 158 -19.97 17.81 53.05
CA SER I 158 -19.89 18.27 54.45
C SER I 158 -21.10 17.83 55.28
N ARG I 159 -22.30 17.85 54.67
CA ARG I 159 -23.56 17.50 55.33
C ARG I 159 -23.87 15.98 55.31
N PHE I 160 -22.83 15.15 55.08
CA PHE I 160 -22.99 13.69 55.06
C PHE I 160 -21.99 13.02 55.96
N SER I 161 -22.47 11.94 56.62
CA SER I 161 -21.65 11.13 57.51
C SER I 161 -20.76 10.28 56.61
N PRO I 162 -19.45 10.14 56.94
CA PRO I 162 -18.56 9.34 56.07
C PRO I 162 -19.06 7.92 55.78
N ALA I 163 -19.92 7.39 56.68
CA ALA I 163 -20.55 6.09 56.62
C ALA I 163 -21.50 5.91 55.42
N ASP I 164 -22.17 6.99 54.98
CA ASP I 164 -23.15 6.96 53.88
C ASP I 164 -22.54 7.36 52.50
N VAL I 165 -21.23 7.66 52.49
CA VAL I 165 -20.49 8.11 51.31
C VAL I 165 -19.56 7.04 50.75
N ASP I 166 -19.71 6.70 49.45
CA ASP I 166 -18.78 5.80 48.77
C ASP I 166 -17.65 6.73 48.32
N HIS I 167 -16.58 6.76 49.10
CA HIS I 167 -15.45 7.65 48.87
C HIS I 167 -14.69 7.36 47.55
N GLU I 168 -14.70 6.10 47.08
CA GLU I 168 -14.04 5.74 45.81
C GLU I 168 -14.86 6.26 44.62
N ARG I 169 -16.21 6.32 44.79
CA ARG I 169 -17.14 6.84 43.80
C ARG I 169 -16.96 8.34 43.71
N ALA I 170 -17.03 9.00 44.89
CA ALA I 170 -16.89 10.45 45.05
C ALA I 170 -15.65 10.95 44.35
N PHE I 171 -14.49 10.27 44.55
CA PHE I 171 -13.24 10.62 43.88
C PHE I 171 -13.32 10.43 42.36
N ARG I 172 -13.77 9.24 41.93
CA ARG I 172 -13.89 8.89 40.51
C ARG I 172 -14.76 9.88 39.72
N LEU I 173 -15.99 10.15 40.21
CA LEU I 173 -16.93 11.07 39.57
C LEU I 173 -16.44 12.52 39.59
N CYS I 174 -15.80 12.94 40.69
CA CYS I 174 -15.23 14.28 40.83
C CYS I 174 -14.09 14.49 39.82
N LEU I 175 -13.30 13.42 39.59
CA LEU I 175 -12.22 13.41 38.62
C LEU I 175 -12.79 13.57 37.21
N ASP I 176 -13.90 12.83 36.92
CA ASP I 176 -14.60 12.86 35.63
C ASP I 176 -15.08 14.28 35.37
N TYR I 177 -15.66 14.91 36.42
CA TYR I 177 -16.16 16.29 36.40
C TYR I 177 -15.03 17.25 36.04
N LEU I 178 -13.89 17.15 36.75
CA LEU I 178 -12.77 18.05 36.54
C LEU I 178 -12.08 17.84 35.21
N ILE I 179 -11.97 16.58 34.73
CA ILE I 179 -11.34 16.29 33.43
C ILE I 179 -12.19 16.89 32.30
N GLU I 180 -13.53 16.78 32.41
CA GLU I 180 -14.46 17.34 31.45
C GLU I 180 -14.35 18.86 31.45
N GLU I 181 -14.37 19.49 32.66
CA GLU I 181 -14.28 20.94 32.84
C GLU I 181 -13.03 21.49 32.18
N CYS I 182 -11.89 20.80 32.37
CA CYS I 182 -10.60 21.21 31.79
C CYS I 182 -10.51 20.99 30.27
N SER I 183 -11.11 19.89 29.76
CA SER I 183 -11.12 19.55 28.34
C SER I 183 -11.98 20.54 27.58
N VAL I 184 -13.12 20.96 28.15
CA VAL I 184 -14.00 21.98 27.56
C VAL I 184 -13.32 23.35 27.65
N MET I 185 -12.59 23.61 28.74
CA MET I 185 -11.86 24.87 28.91
C MET I 185 -10.89 25.10 27.73
N CYS I 186 -10.14 24.04 27.32
CA CYS I 186 -9.19 24.09 26.22
C CYS I 186 -9.84 24.46 24.89
N LEU I 187 -11.09 24.03 24.72
CA LEU I 187 -11.91 24.27 23.53
C LEU I 187 -12.30 25.73 23.39
N TRP I 188 -12.36 26.48 24.49
CA TRP I 188 -12.81 27.89 24.50
C TRP I 188 -11.99 28.84 23.62
N THR I 189 -10.69 28.51 23.39
CA THR I 189 -9.78 29.28 22.53
C THR I 189 -10.33 29.38 21.10
N GLU I 190 -11.14 28.37 20.68
CA GLU I 190 -11.82 28.31 19.38
C GLU I 190 -12.65 29.58 19.12
N GLN I 191 -13.32 30.10 20.18
CA GLN I 191 -14.18 31.28 20.05
C GLN I 191 -13.46 32.59 20.42
N LYS I 192 -12.12 32.50 20.60
CA LYS I 192 -11.20 33.63 20.80
C LYS I 192 -11.64 34.66 21.88
N TYR I 193 -12.11 34.13 23.06
CA TYR I 193 -12.55 34.94 24.19
C TYR I 193 -11.29 35.53 24.81
N ASP I 194 -11.24 36.87 24.89
CA ASP I 194 -10.07 37.57 25.43
C ASP I 194 -9.94 37.36 26.93
N PHE I 195 -11.07 37.49 27.65
CA PHE I 195 -11.10 37.37 29.11
C PHE I 195 -12.13 36.38 29.60
N GLU I 196 -11.79 35.69 30.70
CA GLU I 196 -12.69 34.75 31.37
C GLU I 196 -13.01 35.35 32.73
N VAL I 197 -14.27 35.77 32.88
CA VAL I 197 -14.80 36.40 34.08
C VAL I 197 -15.47 35.36 35.00
N TYR I 198 -14.79 35.08 36.11
CA TYR I 198 -15.28 34.23 37.18
C TYR I 198 -15.13 35.03 38.49
N PRO I 199 -16.25 35.35 39.23
CA PRO I 199 -16.15 36.25 40.39
C PRO I 199 -15.11 35.86 41.45
N SER I 200 -15.20 34.65 42.01
CA SER I 200 -14.19 34.13 42.92
C SER I 200 -13.05 33.68 42.00
N GLY I 201 -12.04 33.03 42.52
CA GLY I 201 -10.98 32.61 41.62
C GLY I 201 -11.34 31.47 40.69
N ARG I 202 -10.37 31.13 39.83
CA ARG I 202 -10.42 29.97 38.95
C ARG I 202 -10.06 28.80 39.92
N ASN I 203 -10.76 27.66 39.84
CA ASN I 203 -10.39 26.53 40.70
C ASN I 203 -8.97 25.98 40.34
N LYS I 204 -8.35 25.22 41.26
CA LYS I 204 -6.99 24.70 41.09
C LYS I 204 -6.72 23.98 39.73
N ALA I 205 -7.65 23.11 39.32
CA ALA I 205 -7.57 22.33 38.07
C ALA I 205 -7.56 23.25 36.84
N MET I 206 -8.49 24.21 36.78
CA MET I 206 -8.60 25.13 35.66
C MET I 206 -7.42 26.08 35.57
N ALA I 207 -6.91 26.50 36.74
CA ALA I 207 -5.75 27.38 36.83
C ALA I 207 -4.54 26.64 36.26
N ALA I 208 -4.41 25.34 36.60
CA ALA I 208 -3.33 24.46 36.13
C ALA I 208 -3.41 24.27 34.63
N THR I 209 -4.63 24.04 34.10
CA THR I 209 -4.91 23.85 32.67
C THR I 209 -4.51 25.09 31.89
N TYR I 210 -4.85 26.29 32.40
CA TYR I 210 -4.47 27.55 31.74
C TYR I 210 -2.94 27.64 31.72
N GLU I 211 -2.30 27.36 32.87
CA GLU I 211 -0.85 27.41 33.00
C GLU I 211 -0.11 26.51 32.01
N PHE I 212 -0.44 25.21 31.98
CA PHE I 212 0.24 24.20 31.16
C PHE I 212 -0.25 23.99 29.72
N LEU I 213 -1.56 24.12 29.49
CA LEU I 213 -2.14 23.80 28.19
C LEU I 213 -2.67 24.97 27.37
N ILE I 214 -3.09 26.06 28.02
CA ILE I 214 -3.69 27.16 27.28
C ILE I 214 -2.74 28.40 27.07
N LYS I 215 -2.32 29.09 28.16
CA LYS I 215 -1.46 30.28 28.13
C LYS I 215 -0.26 30.15 27.19
N PRO I 216 0.53 29.03 27.21
CA PRO I 216 1.68 28.92 26.28
C PRO I 216 1.36 29.11 24.80
N HIS I 217 0.16 28.67 24.35
CA HIS I 217 -0.25 28.74 22.94
C HIS I 217 -1.08 29.96 22.58
N HIS I 218 -1.88 30.48 23.52
CA HIS I 218 -2.71 31.68 23.30
C HIS I 218 -2.71 32.48 24.59
N PRO I 219 -1.74 33.41 24.80
CA PRO I 219 -1.73 34.17 26.05
C PRO I 219 -2.74 35.32 26.05
N ASN I 220 -3.27 35.68 24.87
CA ASN I 220 -4.22 36.77 24.70
C ASN I 220 -5.68 36.28 24.66
N TYR I 221 -5.89 35.06 25.14
CA TYR I 221 -7.19 34.44 25.29
C TYR I 221 -7.34 33.95 26.72
N LEU I 222 -8.61 33.89 27.18
CA LEU I 222 -8.99 33.39 28.51
C LEU I 222 -8.17 34.02 29.65
N ARG I 223 -7.83 35.34 29.54
CA ARG I 223 -7.07 36.07 30.57
C ARG I 223 -8.05 36.19 31.77
N PRO I 224 -7.71 35.61 32.95
CA PRO I 224 -8.65 35.64 34.07
C PRO I 224 -8.98 37.02 34.62
N VAL I 225 -10.25 37.18 34.98
CA VAL I 225 -10.81 38.38 35.57
C VAL I 225 -11.62 37.94 36.81
N ALA I 226 -11.19 38.39 38.02
CA ALA I 226 -11.87 38.09 39.28
C ALA I 226 -12.62 39.35 39.76
N LEU I 227 -13.62 39.15 40.61
CA LEU I 227 -14.41 40.27 41.09
C LEU I 227 -14.39 40.46 42.61
N ARG I 228 -14.88 41.64 43.04
CA ARG I 228 -15.03 42.06 44.43
C ARG I 228 -16.46 42.57 44.61
N PHE I 229 -17.17 41.97 45.57
CA PHE I 229 -18.53 42.39 45.86
C PHE I 229 -18.51 43.19 47.16
N LYS I 230 -19.10 44.40 47.10
CA LYS I 230 -19.21 45.32 48.22
C LYS I 230 -20.67 45.62 48.43
N LYS I 231 -21.19 45.36 49.66
CA LYS I 231 -22.58 45.64 50.03
C LYS I 231 -22.64 47.12 50.44
N TYR I 232 -23.70 47.85 50.01
CA TYR I 232 -23.86 49.29 50.29
C TYR I 232 -25.11 49.56 51.13
N ILE J 9 13.89 29.26 -29.19
CA ILE J 9 12.57 29.38 -28.56
C ILE J 9 12.64 29.11 -27.03
N VAL J 10 11.87 29.89 -26.23
CA VAL J 10 11.84 29.74 -24.77
C VAL J 10 10.42 29.30 -24.28
N LYS J 11 10.40 28.17 -23.54
CA LYS J 11 9.20 27.54 -22.99
C LYS J 11 9.14 27.60 -21.48
N ALA J 12 7.95 27.99 -20.97
CA ALA J 12 7.66 28.09 -19.55
C ALA J 12 6.79 26.92 -19.12
N SER J 13 7.11 26.38 -17.93
CA SER J 13 6.42 25.24 -17.35
C SER J 13 6.26 25.45 -15.85
N PHE J 14 5.28 24.78 -15.24
CA PHE J 14 5.08 24.89 -13.80
C PHE J 14 6.16 24.15 -13.02
N ARG J 15 6.42 24.58 -11.80
CA ARG J 15 7.43 23.99 -10.92
C ARG J 15 6.82 23.85 -9.50
N GLU J 16 6.93 22.64 -8.91
CA GLU J 16 6.47 22.24 -7.54
C GLU J 16 4.94 22.37 -7.31
N ASN J 17 4.11 22.36 -8.38
CA ASN J 17 2.65 22.39 -8.22
C ASN J 17 2.06 21.01 -8.48
N PRO J 18 1.51 20.34 -7.42
CA PRO J 18 0.95 18.99 -7.60
C PRO J 18 -0.20 18.91 -8.59
N VAL J 19 -0.40 17.72 -9.20
CA VAL J 19 -1.44 17.47 -10.20
C VAL J 19 -2.83 17.87 -9.66
N GLU J 20 -3.05 17.63 -8.35
CA GLU J 20 -4.30 17.95 -7.66
C GLU J 20 -4.57 19.44 -7.63
N GLU J 21 -3.48 20.25 -7.60
CA GLU J 21 -3.52 21.72 -7.63
C GLU J 21 -3.70 22.18 -9.08
N ARG J 22 -2.82 21.68 -9.99
CA ARG J 22 -2.81 22.01 -11.41
C ARG J 22 -4.10 21.68 -12.14
N LYS J 23 -4.91 20.75 -11.62
CA LYS J 23 -6.18 20.38 -12.27
C LYS J 23 -7.20 21.50 -12.13
N LEU J 24 -7.03 22.34 -11.10
CA LEU J 24 -7.88 23.50 -10.79
C LEU J 24 -7.60 24.68 -11.72
N PHE J 25 -6.33 24.88 -12.11
CA PHE J 25 -5.87 25.97 -12.98
C PHE J 25 -6.82 26.33 -14.13
N PRO J 26 -7.38 25.39 -14.96
CA PRO J 26 -8.26 25.82 -16.08
C PRO J 26 -9.56 26.50 -15.70
N GLN J 27 -10.01 26.30 -14.46
CA GLN J 27 -11.22 26.90 -13.92
C GLN J 27 -10.91 27.92 -12.82
N SER J 28 -9.63 28.27 -12.67
CA SER J 28 -9.14 29.23 -11.68
C SER J 28 -8.64 30.57 -12.26
N SER J 29 -8.58 31.59 -11.40
CA SER J 29 -8.09 32.93 -11.69
C SER J 29 -6.67 33.07 -11.14
N CYS J 30 -5.84 33.91 -11.80
CA CYS J 30 -4.48 34.13 -11.33
C CYS J 30 -4.08 35.58 -11.38
N LEU J 31 -3.17 35.93 -10.47
CA LEU J 31 -2.60 37.25 -10.37
C LEU J 31 -1.13 37.14 -10.74
N MET J 32 -0.68 38.01 -11.64
CA MET J 32 0.71 38.01 -12.05
C MET J 32 1.38 39.29 -11.60
N PRO J 33 1.92 39.35 -10.36
CA PRO J 33 2.63 40.57 -9.95
C PRO J 33 3.92 40.71 -10.74
N ILE J 34 4.22 41.93 -11.20
CA ILE J 34 5.38 42.27 -12.04
C ILE J 34 6.35 43.20 -11.32
N SER J 35 7.52 42.70 -10.89
CA SER J 35 8.53 43.57 -10.31
C SER J 35 9.26 44.07 -11.56
N VAL J 36 8.84 45.25 -12.06
CA VAL J 36 9.23 45.91 -13.33
C VAL J 36 10.72 45.73 -13.74
N GLY J 37 11.66 46.04 -12.85
CA GLY J 37 13.10 45.91 -13.12
C GLY J 37 13.62 44.57 -13.65
N GLN J 38 12.99 43.46 -13.21
CA GLN J 38 13.33 42.07 -13.51
C GLN J 38 13.19 41.65 -14.96
N ALA J 39 14.13 40.81 -15.40
CA ALA J 39 14.28 40.23 -16.73
C ALA J 39 13.22 39.14 -17.01
N ILE J 40 12.71 38.47 -15.95
CA ILE J 40 11.69 37.41 -16.07
C ILE J 40 10.35 37.97 -16.61
N HIS J 41 10.20 39.31 -16.56
CA HIS J 41 9.02 40.03 -17.02
C HIS J 41 9.28 40.70 -18.36
N GLU J 42 10.36 40.30 -19.09
CA GLU J 42 10.66 40.90 -20.41
C GLU J 42 10.86 39.87 -21.50
N ASP J 43 10.61 40.34 -22.72
CA ASP J 43 10.79 39.65 -24.00
C ASP J 43 10.39 38.17 -23.97
N GLU J 44 11.29 37.30 -24.51
CA GLU J 44 11.19 35.85 -24.66
C GLU J 44 10.58 35.19 -23.43
N LYS J 45 11.11 35.54 -22.23
CA LYS J 45 10.66 35.03 -20.94
C LYS J 45 9.21 35.44 -20.60
N PHE J 46 8.86 36.76 -20.68
CA PHE J 46 7.48 37.23 -20.40
C PHE J 46 6.49 36.65 -21.43
N ALA J 47 6.88 36.65 -22.70
CA ALA J 47 6.13 36.15 -23.86
C ALA J 47 5.82 34.66 -23.74
N ALA J 48 6.68 33.95 -22.99
CA ALA J 48 6.57 32.50 -22.75
C ALA J 48 5.52 32.27 -21.72
N VAL J 49 5.57 33.07 -20.62
CA VAL J 49 4.62 33.02 -19.51
C VAL J 49 3.21 33.21 -20.06
N ILE J 50 3.04 34.20 -20.97
CA ILE J 50 1.76 34.51 -21.60
C ILE J 50 1.19 33.26 -22.25
N LYS J 51 2.01 32.55 -23.06
CA LYS J 51 1.64 31.32 -23.74
C LYS J 51 1.09 30.27 -22.74
N LEU J 52 1.85 30.07 -21.64
CA LEU J 52 1.57 29.11 -20.58
C LEU J 52 0.28 29.46 -19.88
N ILE J 53 0.14 30.71 -19.41
CA ILE J 53 -1.02 31.23 -18.71
C ILE J 53 -2.28 31.11 -19.56
N ASN J 54 -2.20 31.51 -20.84
CA ASN J 54 -3.31 31.46 -21.78
C ASN J 54 -3.83 30.03 -21.90
N ALA J 55 -2.90 29.08 -22.04
CA ALA J 55 -3.18 27.67 -22.19
C ALA J 55 -3.74 26.99 -20.95
N SER J 56 -3.38 27.45 -19.73
CA SER J 56 -3.77 26.74 -18.52
C SER J 56 -4.68 27.46 -17.49
N PHE J 57 -4.99 28.77 -17.61
CA PHE J 57 -5.86 29.43 -16.63
C PHE J 57 -7.19 29.94 -17.19
N LYS J 58 -8.21 30.12 -16.32
CA LYS J 58 -9.54 30.62 -16.68
C LYS J 58 -9.46 32.10 -17.06
N GLN J 59 -8.95 32.93 -16.14
CA GLN J 59 -8.79 34.37 -16.32
C GLN J 59 -7.51 34.84 -15.61
N CYS J 60 -6.92 35.93 -16.12
CA CYS J 60 -5.68 36.44 -15.56
C CYS J 60 -5.70 37.93 -15.34
N THR J 61 -5.00 38.42 -14.31
CA THR J 61 -4.86 39.85 -14.06
C THR J 61 -3.39 40.10 -13.69
N ILE J 62 -2.77 41.02 -14.43
CA ILE J 62 -1.36 41.43 -14.33
C ILE J 62 -1.28 42.73 -13.53
N LEU J 63 -0.49 42.73 -12.47
CA LEU J 63 -0.29 43.88 -11.58
C LEU J 63 1.09 44.45 -11.81
N VAL J 64 1.17 45.72 -12.17
CA VAL J 64 2.46 46.37 -12.41
C VAL J 64 2.93 46.98 -11.06
N ASP J 65 3.89 46.32 -10.37
CA ASP J 65 4.39 46.81 -9.07
C ASP J 65 5.39 47.94 -9.38
N ASP J 66 4.88 49.15 -9.71
CA ASP J 66 5.69 50.29 -10.12
C ASP J 66 5.94 51.30 -9.02
N SER J 67 4.88 51.95 -8.49
CA SER J 67 5.03 53.00 -7.48
C SER J 67 5.67 52.52 -6.18
N VAL J 68 5.74 51.20 -5.91
CA VAL J 68 6.44 50.66 -4.72
C VAL J 68 7.92 50.95 -4.86
N GLN J 69 8.42 50.87 -6.11
CA GLN J 69 9.82 51.03 -6.45
C GLN J 69 10.34 52.36 -6.00
N ARG J 70 9.46 53.34 -5.74
CA ARG J 70 9.85 54.66 -5.24
C ARG J 70 10.74 54.54 -3.97
N HIS J 71 10.43 53.57 -3.06
CA HIS J 71 11.20 53.31 -1.83
C HIS J 71 12.60 52.82 -2.15
N THR J 72 12.74 51.80 -3.04
CA THR J 72 14.03 51.20 -3.43
C THR J 72 14.87 52.16 -4.31
N ILE J 73 14.24 52.83 -5.31
CA ILE J 73 14.90 53.80 -6.20
C ILE J 73 15.58 54.85 -5.34
N GLY J 74 14.85 55.26 -4.30
CA GLY J 74 15.28 56.25 -3.33
C GLY J 74 16.38 55.86 -2.38
N ILE J 75 16.92 54.62 -2.47
CA ILE J 75 18.01 54.22 -1.57
C ILE J 75 19.27 54.99 -1.97
N MET J 76 19.62 54.94 -3.26
CA MET J 76 20.78 55.61 -3.82
C MET J 76 20.44 56.94 -4.48
N ASN J 77 19.21 57.14 -4.95
CA ASN J 77 18.79 58.42 -5.52
C ASN J 77 18.12 59.23 -4.42
N HIS J 78 18.82 60.24 -3.92
CA HIS J 78 18.36 61.07 -2.81
C HIS J 78 17.38 62.21 -3.24
N ALA J 79 16.61 62.01 -4.35
CA ALA J 79 15.65 62.96 -4.90
C ALA J 79 14.43 63.18 -4.00
N THR J 80 13.53 64.11 -4.39
CA THR J 80 12.31 64.40 -3.62
C THR J 80 11.36 63.22 -3.70
N THR J 81 10.58 63.01 -2.63
CA THR J 81 9.58 61.93 -2.54
C THR J 81 8.68 61.91 -3.79
N GLU J 82 8.31 63.12 -4.30
CA GLU J 82 7.51 63.29 -5.51
C GLU J 82 8.31 62.89 -6.75
N GLU J 83 9.60 63.32 -6.83
CA GLU J 83 10.50 62.99 -7.95
C GLU J 83 10.64 61.48 -8.08
N LEU J 84 10.88 60.80 -6.92
CA LEU J 84 11.02 59.34 -6.79
C LEU J 84 9.73 58.62 -7.17
N TYR J 85 8.56 59.18 -6.78
CA TYR J 85 7.27 58.60 -7.13
C TYR J 85 7.10 58.65 -8.65
N GLN J 86 7.38 59.81 -9.25
CA GLN J 86 7.21 60.02 -10.70
C GLN J 86 8.14 59.14 -11.54
N LEU J 87 9.38 58.84 -11.06
CA LEU J 87 10.35 57.93 -11.69
C LEU J 87 9.79 56.50 -11.72
N ALA J 88 9.34 56.02 -10.52
CA ALA J 88 8.71 54.74 -10.26
C ALA J 88 7.51 54.52 -11.18
N VAL J 89 6.66 55.55 -11.38
CA VAL J 89 5.51 55.48 -12.29
C VAL J 89 6.01 55.35 -13.74
N LYS J 90 7.02 56.14 -14.13
CA LYS J 90 7.55 56.09 -15.48
C LYS J 90 8.06 54.67 -15.81
N GLU J 91 8.72 54.02 -14.83
CA GLU J 91 9.21 52.67 -15.05
C GLU J 91 8.08 51.68 -15.44
N GLY J 92 6.94 51.85 -14.79
CA GLY J 92 5.73 51.09 -15.07
C GLY J 92 5.17 51.44 -16.43
N ASP J 93 5.22 52.75 -16.79
CA ASP J 93 4.73 53.29 -18.08
C ASP J 93 5.45 52.58 -19.26
N GLU J 94 6.81 52.55 -19.20
CA GLU J 94 7.72 51.93 -20.18
C GLU J 94 7.60 50.41 -20.23
N TRP J 95 7.31 49.75 -19.06
CA TRP J 95 7.10 48.30 -19.02
C TRP J 95 5.87 47.97 -19.83
N LEU J 96 4.79 48.72 -19.62
CA LEU J 96 3.54 48.52 -20.35
C LEU J 96 3.73 48.71 -21.86
N LYS J 97 4.57 49.70 -22.30
CA LYS J 97 4.90 49.99 -23.71
C LYS J 97 5.62 48.77 -24.31
N ARG J 98 6.75 48.40 -23.64
CA ARG J 98 7.63 47.28 -23.94
C ARG J 98 6.86 45.99 -24.09
N ASN J 99 5.94 45.67 -23.16
CA ASN J 99 5.32 44.35 -23.14
C ASN J 99 3.85 44.29 -23.56
N GLN J 100 3.29 45.38 -24.11
CA GLN J 100 1.91 45.40 -24.60
C GLN J 100 1.75 44.32 -25.70
N ARG J 101 2.77 44.22 -26.59
CA ARG J 101 2.93 43.25 -27.71
C ARG J 101 2.59 41.83 -27.30
N PHE J 102 3.00 41.43 -26.07
CA PHE J 102 2.86 40.09 -25.52
C PHE J 102 1.55 39.82 -24.81
N TYR J 103 1.18 40.63 -23.81
CA TYR J 103 -0.06 40.37 -23.07
C TYR J 103 -1.31 40.57 -23.93
N LYS J 104 -1.25 41.40 -25.01
CA LYS J 104 -2.40 41.58 -25.90
C LYS J 104 -2.82 40.24 -26.52
N GLN J 105 -1.86 39.30 -26.64
CA GLN J 105 -2.08 37.99 -27.23
C GLN J 105 -2.88 37.04 -26.32
N LEU J 106 -3.27 37.50 -25.11
CA LEU J 106 -4.09 36.71 -24.21
C LEU J 106 -5.51 36.60 -24.78
N THR J 107 -5.98 35.36 -24.93
CA THR J 107 -7.31 34.98 -25.42
C THR J 107 -8.28 34.86 -24.25
N ILE J 108 -7.76 34.50 -23.07
CA ILE J 108 -8.55 34.40 -21.84
C ILE J 108 -8.91 35.82 -21.33
N PRO J 109 -9.97 35.99 -20.51
CA PRO J 109 -10.28 37.33 -19.99
C PRO J 109 -9.14 37.85 -19.08
N PHE J 110 -8.65 39.04 -19.39
CA PHE J 110 -7.58 39.62 -18.58
C PHE J 110 -7.80 41.09 -18.22
N GLU J 111 -7.07 41.55 -17.18
CA GLU J 111 -7.13 42.89 -16.61
C GLU J 111 -5.69 43.34 -16.31
N ILE J 112 -5.39 44.61 -16.59
CA ILE J 112 -4.07 45.16 -16.29
C ILE J 112 -4.24 46.20 -15.17
N MET J 113 -3.62 45.96 -14.04
CA MET J 113 -3.69 46.88 -12.91
C MET J 113 -2.32 47.44 -12.62
N ARG J 114 -2.26 48.50 -11.79
CA ARG J 114 -1.01 49.18 -11.42
C ARG J 114 -0.95 49.33 -9.93
N TRP J 115 0.27 49.45 -9.37
CA TRP J 115 0.47 49.47 -7.91
C TRP J 115 -0.44 50.43 -7.14
N ASP J 116 -0.57 51.67 -7.64
CA ASP J 116 -1.39 52.72 -7.03
C ASP J 116 -2.87 52.30 -6.84
N ASP J 117 -3.41 51.44 -7.74
CA ASP J 117 -4.79 50.94 -7.67
C ASP J 117 -5.04 50.22 -6.33
N TRP J 118 -3.98 49.66 -5.75
CA TRP J 118 -4.04 48.92 -4.49
C TRP J 118 -3.64 49.80 -3.32
N TYR J 119 -2.56 50.58 -3.47
CA TYR J 119 -2.05 51.47 -2.41
C TYR J 119 -3.07 52.52 -1.97
N ASN J 120 -3.87 52.98 -2.93
CA ASN J 120 -4.89 54.00 -2.69
C ASN J 120 -6.22 53.39 -2.21
N SER J 121 -6.28 52.05 -1.99
CA SER J 121 -7.48 51.35 -1.51
C SER J 121 -7.98 51.92 -0.19
N PRO J 122 -9.32 52.05 -0.06
CA PRO J 122 -9.88 52.53 1.21
C PRO J 122 -9.34 51.71 2.38
N ASN J 123 -9.13 50.41 2.09
CA ASN J 123 -8.69 49.38 3.03
C ASN J 123 -7.16 49.20 3.11
N TYR J 124 -6.34 50.11 2.49
CA TYR J 124 -4.87 49.99 2.62
C TYR J 124 -4.45 50.31 4.04
N ILE J 125 -5.05 51.38 4.57
CA ILE J 125 -4.81 52.00 5.86
C ILE J 125 -4.87 50.95 7.00
N ASN J 126 -6.01 50.22 7.10
CA ASN J 126 -6.28 49.15 8.06
C ASN J 126 -5.18 48.09 8.04
N SER J 127 -4.95 47.49 6.83
CA SER J 127 -3.97 46.45 6.55
C SER J 127 -2.53 46.87 6.78
N HIS J 128 -2.19 48.17 6.59
CA HIS J 128 -0.83 48.64 6.88
C HIS J 128 -0.59 48.52 8.37
N LEU J 129 -1.62 48.86 9.17
CA LEU J 129 -1.59 48.74 10.63
C LEU J 129 -1.53 47.26 11.05
N ARG J 130 -2.31 46.38 10.37
CA ARG J 130 -2.33 44.93 10.62
C ARG J 130 -0.93 44.31 10.40
N VAL J 131 -0.26 44.70 9.29
CA VAL J 131 1.07 44.23 8.93
C VAL J 131 2.07 44.80 9.95
N GLN J 132 1.93 46.11 10.26
CA GLN J 132 2.77 46.79 11.23
C GLN J 132 2.69 46.10 12.60
N LYS J 133 1.46 45.71 13.04
CA LYS J 133 1.17 45.02 14.31
C LYS J 133 1.87 43.67 14.34
N GLU J 134 1.68 42.83 13.29
CA GLU J 134 2.32 41.52 13.19
C GLU J 134 3.84 41.60 13.22
N TYR J 135 4.43 42.67 12.64
CA TYR J 135 5.88 42.89 12.64
C TYR J 135 6.36 43.11 14.08
N ASP J 136 5.58 43.89 14.85
CA ASP J 136 5.88 44.21 16.24
C ASP J 136 5.66 43.02 17.20
N THR J 137 4.46 42.39 17.16
CA THR J 137 4.07 41.25 17.99
C THR J 137 4.83 39.95 17.61
N ASN J 138 4.53 39.35 16.42
CA ASN J 138 5.11 38.11 15.90
C ASN J 138 6.59 38.26 15.46
N LYS J 139 7.52 37.65 16.23
CA LYS J 139 8.96 37.70 15.96
C LYS J 139 9.38 36.85 14.75
N ALA J 140 8.66 35.75 14.46
CA ALA J 140 8.96 34.89 13.30
C ALA J 140 8.82 35.72 12.03
N PHE J 141 7.70 36.49 11.95
CA PHE J 141 7.34 37.41 10.87
C PHE J 141 8.39 38.51 10.75
N GLN J 142 8.79 39.07 11.91
CA GLN J 142 9.81 40.11 12.02
C GLN J 142 11.14 39.63 11.44
N ASN J 143 11.55 38.40 11.81
CA ASN J 143 12.79 37.77 11.36
C ASN J 143 12.81 37.54 9.86
N ALA J 144 11.66 37.08 9.29
CA ALA J 144 11.48 36.82 7.86
C ALA J 144 11.65 38.09 7.05
N ILE J 145 11.05 39.22 7.53
CA ILE J 145 11.15 40.55 6.90
C ILE J 145 12.62 41.00 6.95
N HIS J 146 13.28 40.89 8.14
CA HIS J 146 14.68 41.25 8.32
C HIS J 146 15.57 40.43 7.42
N ALA J 147 15.26 39.11 7.34
CA ALA J 147 15.92 38.16 6.47
C ALA J 147 15.76 38.63 5.00
N ASN J 148 14.54 39.10 4.63
CA ASN J 148 14.21 39.60 3.28
C ASN J 148 14.98 40.86 2.94
N ILE J 149 15.19 41.74 3.94
CA ILE J 149 15.96 42.99 3.80
C ILE J 149 17.41 42.64 3.45
N ASP J 150 18.02 41.65 4.20
CA ASP J 150 19.38 41.14 3.98
C ASP J 150 19.46 40.55 2.60
N ASP J 151 18.47 39.70 2.22
CA ASP J 151 18.36 39.07 0.91
C ASP J 151 18.47 40.12 -0.21
N PHE J 152 17.61 41.15 -0.13
CA PHE J 152 17.52 42.22 -1.11
C PHE J 152 18.72 43.13 -1.17
N LEU J 153 19.18 43.60 0.00
CA LEU J 153 20.26 44.56 0.07
C LEU J 153 21.64 43.97 -0.27
N THR J 154 21.87 42.66 0.04
CA THR J 154 23.12 41.98 -0.32
C THR J 154 23.24 41.95 -1.85
N ARG J 155 22.10 41.83 -2.56
CA ARG J 155 22.05 41.81 -4.02
C ARG J 155 22.12 43.21 -4.60
N TYR J 156 21.17 44.09 -4.22
CA TYR J 156 21.10 45.45 -4.76
C TYR J 156 22.38 46.20 -4.48
N LEU J 157 22.80 46.25 -3.21
CA LEU J 157 23.98 47.01 -2.79
C LEU J 157 25.32 46.24 -2.85
N SER J 158 25.40 45.24 -3.76
CA SER J 158 26.61 44.45 -4.01
C SER J 158 27.63 45.35 -4.74
N ARG J 159 27.09 46.19 -5.66
CA ARG J 159 27.74 47.12 -6.58
C ARG J 159 28.31 48.42 -5.97
N PHE J 160 28.05 48.67 -4.67
CA PHE J 160 28.47 49.94 -4.05
C PHE J 160 29.27 49.78 -2.75
N SER J 161 30.41 50.53 -2.70
CA SER J 161 31.37 50.61 -1.59
C SER J 161 30.62 51.07 -0.32
N PRO J 162 30.91 50.50 0.90
CA PRO J 162 30.15 50.91 2.10
C PRO J 162 30.14 52.41 2.36
N ALA J 163 31.16 53.10 1.83
CA ALA J 163 31.40 54.54 1.91
C ALA J 163 30.29 55.36 1.25
N ASP J 164 29.71 54.86 0.11
CA ASP J 164 28.67 55.56 -0.67
C ASP J 164 27.23 55.21 -0.25
N VAL J 165 27.07 54.25 0.68
CA VAL J 165 25.79 53.74 1.12
C VAL J 165 25.38 54.22 2.51
N ASP J 166 24.20 54.86 2.63
CA ASP J 166 23.69 55.22 3.95
C ASP J 166 22.93 53.97 4.37
N HIS J 167 23.56 53.13 5.20
CA HIS J 167 23.03 51.84 5.63
C HIS J 167 21.77 51.96 6.46
N GLU J 168 21.64 53.08 7.20
CA GLU J 168 20.48 53.41 8.04
C GLU J 168 19.28 53.62 7.11
N ARG J 169 19.49 54.39 6.03
CA ARG J 169 18.51 54.73 5.00
C ARG J 169 18.06 53.48 4.23
N ALA J 170 19.06 52.73 3.69
CA ALA J 170 18.86 51.51 2.93
C ALA J 170 17.92 50.56 3.66
N PHE J 171 18.16 50.33 4.98
CA PHE J 171 17.31 49.46 5.80
C PHE J 171 15.91 50.04 5.94
N ARG J 172 15.79 51.33 6.34
CA ARG J 172 14.53 52.03 6.55
C ARG J 172 13.63 51.99 5.31
N LEU J 173 14.16 52.38 4.13
CA LEU J 173 13.43 52.40 2.87
C LEU J 173 13.04 51.00 2.39
N CYS J 174 13.94 50.01 2.59
CA CYS J 174 13.71 48.62 2.23
C CYS J 174 12.57 48.05 3.08
N LEU J 175 12.52 48.45 4.36
CA LEU J 175 11.47 48.05 5.30
C LEU J 175 10.12 48.64 4.84
N ASP J 176 10.13 49.94 4.41
CA ASP J 176 8.95 50.67 3.92
C ASP J 176 8.40 49.95 2.71
N TYR J 177 9.32 49.54 1.80
CA TYR J 177 9.03 48.80 0.57
C TYR J 177 8.34 47.48 0.92
N LEU J 178 8.93 46.71 1.83
CA LEU J 178 8.40 45.41 2.21
C LEU J 178 7.10 45.49 2.97
N ILE J 179 6.92 46.50 3.83
CA ILE J 179 5.67 46.69 4.59
C ILE J 179 4.52 47.02 3.64
N GLU J 180 4.80 47.87 2.64
CA GLU J 180 3.83 48.25 1.61
C GLU J 180 3.46 47.01 0.77
N GLU J 181 4.48 46.26 0.28
CA GLU J 181 4.32 45.05 -0.53
C GLU J 181 3.41 44.04 0.19
N CYS J 182 3.65 43.82 1.50
CA CYS J 182 2.86 42.90 2.32
C CYS J 182 1.45 43.38 2.62
N SER J 183 1.25 44.71 2.87
CA SER J 183 -0.05 45.32 3.17
C SER J 183 -0.95 45.28 1.93
N VAL J 184 -0.33 45.48 0.73
CA VAL J 184 -1.04 45.42 -0.54
C VAL J 184 -1.38 43.97 -0.85
N MET J 185 -0.44 43.03 -0.53
CA MET J 185 -0.67 41.60 -0.71
C MET J 185 -1.93 41.14 0.00
N CYS J 186 -2.14 41.59 1.26
CA CYS J 186 -3.31 41.23 2.06
C CYS J 186 -4.62 41.66 1.43
N LEU J 187 -4.57 42.78 0.72
CA LEU J 187 -5.70 43.37 0.03
C LEU J 187 -6.16 42.52 -1.14
N TRP J 188 -5.26 41.71 -1.74
CA TRP J 188 -5.56 40.92 -2.95
C TRP J 188 -6.69 39.92 -2.80
N THR J 189 -6.95 39.43 -1.56
CA THR J 189 -8.05 38.50 -1.23
C THR J 189 -9.42 39.10 -1.63
N GLU J 190 -9.52 40.46 -1.63
CA GLU J 190 -10.71 41.23 -2.03
C GLU J 190 -11.17 40.80 -3.44
N GLN J 191 -10.21 40.54 -4.36
CA GLN J 191 -10.51 40.19 -5.75
C GLN J 191 -10.50 38.69 -6.00
N LYS J 192 -10.42 37.91 -4.92
CA LYS J 192 -10.59 36.45 -4.92
C LYS J 192 -9.73 35.69 -5.95
N TYR J 193 -8.44 36.09 -6.07
CA TYR J 193 -7.46 35.46 -6.97
C TYR J 193 -7.12 34.12 -6.38
N ASP J 194 -7.35 33.02 -7.15
CA ASP J 194 -7.09 31.66 -6.67
C ASP J 194 -5.60 31.40 -6.55
N PHE J 195 -4.83 31.81 -7.58
CA PHE J 195 -3.38 31.59 -7.63
C PHE J 195 -2.58 32.84 -7.88
N GLU J 196 -1.37 32.90 -7.28
CA GLU J 196 -0.43 34.00 -7.48
C GLU J 196 0.78 33.42 -8.19
N VAL J 197 0.93 33.80 -9.49
CA VAL J 197 1.99 33.39 -10.39
C VAL J 197 3.17 34.35 -10.37
N TYR J 198 4.25 33.91 -9.78
CA TYR J 198 5.51 34.64 -9.78
C TYR J 198 6.57 33.63 -10.27
N PRO J 199 7.29 33.89 -11.41
CA PRO J 199 8.22 32.88 -11.99
C PRO J 199 9.26 32.31 -11.02
N SER J 200 10.09 33.17 -10.40
CA SER J 200 11.02 32.74 -9.35
C SER J 200 10.14 32.58 -8.09
N GLY J 201 10.71 32.35 -6.93
CA GLY J 201 9.85 32.20 -5.77
C GLY J 201 9.22 33.47 -5.25
N ARG J 202 8.38 33.31 -4.20
CA ARG J 202 7.78 34.39 -3.43
C ARG J 202 8.89 34.77 -2.46
N ASN J 203 9.14 36.07 -2.27
CA ASN J 203 10.19 36.50 -1.34
C ASN J 203 9.82 36.15 0.12
N LYS J 204 10.83 36.12 1.03
CA LYS J 204 10.62 35.73 2.44
C LYS J 204 9.46 36.45 3.16
N ALA J 205 9.38 37.79 3.01
CA ALA J 205 8.34 38.64 3.60
C ALA J 205 6.94 38.26 3.13
N MET J 206 6.75 38.12 1.80
CA MET J 206 5.45 37.74 1.23
C MET J 206 5.03 36.33 1.59
N ALA J 207 6.00 35.41 1.66
CA ALA J 207 5.77 34.02 2.06
C ALA J 207 5.28 34.01 3.51
N ALA J 208 5.93 34.82 4.38
CA ALA J 208 5.56 34.97 5.79
C ALA J 208 4.17 35.55 5.97
N THR J 209 3.82 36.60 5.17
CA THR J 209 2.52 37.27 5.18
C THR J 209 1.43 36.29 4.79
N TYR J 210 1.67 35.45 3.77
CA TYR J 210 0.71 34.42 3.35
C TYR J 210 0.50 33.46 4.52
N GLU J 211 1.60 32.98 5.12
CA GLU J 211 1.60 32.05 6.23
C GLU J 211 0.78 32.54 7.43
N PHE J 212 1.07 33.75 7.95
CA PHE J 212 0.44 34.30 9.15
C PHE J 212 -0.85 35.11 8.96
N LEU J 213 -0.96 35.87 7.86
CA LEU J 213 -2.10 36.77 7.69
C LEU J 213 -3.10 36.41 6.60
N ILE J 214 -2.69 35.64 5.58
CA ILE J 214 -3.62 35.35 4.48
C ILE J 214 -4.19 33.90 4.50
N LYS J 215 -3.33 32.85 4.36
CA LYS J 215 -3.71 31.43 4.34
C LYS J 215 -4.69 31.04 5.44
N PRO J 216 -4.49 31.42 6.74
CA PRO J 216 -5.47 31.06 7.77
C PRO J 216 -6.92 31.47 7.51
N HIS J 217 -7.15 32.62 6.86
CA HIS J 217 -8.50 33.12 6.60
C HIS J 217 -9.08 32.75 5.23
N HIS J 218 -8.21 32.61 4.21
CA HIS J 218 -8.62 32.24 2.85
C HIS J 218 -7.53 31.34 2.26
N PRO J 219 -7.59 30.01 2.47
CA PRO J 219 -6.52 29.15 1.95
C PRO J 219 -6.67 28.87 0.46
N ASN J 220 -7.85 29.18 -0.11
CA ASN J 220 -8.15 28.94 -1.51
C ASN J 220 -7.95 30.20 -2.36
N TYR J 221 -7.20 31.16 -1.83
CA TYR J 221 -6.80 32.39 -2.51
C TYR J 221 -5.29 32.53 -2.44
N LEU J 222 -4.71 33.21 -3.44
CA LEU J 222 -3.28 33.49 -3.54
C LEU J 222 -2.38 32.26 -3.36
N ARG J 223 -2.82 31.09 -3.86
CA ARG J 223 -2.02 29.85 -3.76
C ARG J 223 -0.81 30.04 -4.71
N PRO J 224 0.44 30.01 -4.17
CA PRO J 224 1.62 30.29 -5.02
C PRO J 224 1.90 29.29 -6.15
N VAL J 225 2.32 29.85 -7.29
CA VAL J 225 2.68 29.14 -8.52
C VAL J 225 4.04 29.69 -9.02
N ALA J 226 5.06 28.83 -9.13
CA ALA J 226 6.41 29.18 -9.62
C ALA J 226 6.62 28.58 -11.00
N LEU J 227 7.58 29.12 -11.77
CA LEU J 227 7.83 28.65 -13.13
C LEU J 227 9.24 28.19 -13.38
N ARG J 228 9.43 27.49 -14.51
CA ARG J 228 10.69 26.95 -14.98
C ARG J 228 10.81 27.31 -16.46
N PHE J 229 11.95 27.93 -16.84
CA PHE J 229 12.17 28.33 -18.23
C PHE J 229 13.17 27.40 -18.89
N LYS J 230 12.98 27.12 -20.21
CA LYS J 230 13.80 26.20 -21.04
C LYS J 230 14.17 26.73 -22.47
N LYS J 231 14.81 25.87 -23.33
CA LYS J 231 15.27 26.23 -24.69
C LYS J 231 14.96 25.19 -25.82
N TYR J 232 15.16 25.60 -27.13
CA TYR J 232 15.01 24.86 -28.43
C TYR J 232 13.70 24.06 -28.61
#